data_6H8F
# 
_entry.id   6H8F 
# 
_audit_conform.dict_name       mmcif_pdbx.dic 
_audit_conform.dict_version    5.392 
_audit_conform.dict_location   http://mmcif.pdb.org/dictionaries/ascii/mmcif_pdbx.dic 
# 
loop_
_database_2.database_id 
_database_2.database_code 
_database_2.pdbx_database_accession 
_database_2.pdbx_DOI 
PDB   6H8F         pdb_00006h8f 10.2210/pdb6h8f/pdb 
WWPDB D_1200011194 ?            ?                   
# 
loop_
_pdbx_audit_revision_history.ordinal 
_pdbx_audit_revision_history.data_content_type 
_pdbx_audit_revision_history.major_revision 
_pdbx_audit_revision_history.minor_revision 
_pdbx_audit_revision_history.revision_date 
1 'Structure model' 1 0 2018-11-21 
2 'Structure model' 1 1 2024-05-15 
# 
_pdbx_audit_revision_details.ordinal             1 
_pdbx_audit_revision_details.revision_ordinal    1 
_pdbx_audit_revision_details.data_content_type   'Structure model' 
_pdbx_audit_revision_details.provider            repository 
_pdbx_audit_revision_details.type                'Initial release' 
_pdbx_audit_revision_details.description         ? 
_pdbx_audit_revision_details.details             ? 
# 
loop_
_pdbx_audit_revision_group.ordinal 
_pdbx_audit_revision_group.revision_ordinal 
_pdbx_audit_revision_group.data_content_type 
_pdbx_audit_revision_group.group 
1 2 'Structure model' 'Data collection'     
2 2 'Structure model' 'Database references' 
# 
loop_
_pdbx_audit_revision_category.ordinal 
_pdbx_audit_revision_category.revision_ordinal 
_pdbx_audit_revision_category.data_content_type 
_pdbx_audit_revision_category.category 
1 2 'Structure model' chem_comp_atom 
2 2 'Structure model' chem_comp_bond 
3 2 'Structure model' database_2     
# 
loop_
_pdbx_audit_revision_item.ordinal 
_pdbx_audit_revision_item.revision_ordinal 
_pdbx_audit_revision_item.data_content_type 
_pdbx_audit_revision_item.item 
1 2 'Structure model' '_database_2.pdbx_DOI'                
2 2 'Structure model' '_database_2.pdbx_database_accession' 
# 
_pdbx_database_status.status_code                     REL 
_pdbx_database_status.status_code_sf                  REL 
_pdbx_database_status.status_code_mr                  ? 
_pdbx_database_status.entry_id                        6H8F 
_pdbx_database_status.recvd_initial_deposition_date   2018-08-02 
_pdbx_database_status.SG_entry                        N 
_pdbx_database_status.deposit_site                    PDBE 
_pdbx_database_status.process_site                    PDBE 
_pdbx_database_status.status_code_cs                  ? 
_pdbx_database_status.methods_development_category    ? 
_pdbx_database_status.pdb_format_compatible           Y 
_pdbx_database_status.status_code_nmr_data            ? 
# 
loop_
_pdbx_database_related.db_name 
_pdbx_database_related.details 
_pdbx_database_related.db_id 
_pdbx_database_related.content_type 
PDB 'Full C-terminal domain of TssA'                       6HS6 unspecified 
PDB 'N-terminal region within the same TssA protein'       6HS5 unspecified 
PDB 'Truncated C-terminal region of the same TssA protein' 6H8E unspecified 
# 
loop_
_audit_author.name 
_audit_author.pdbx_ordinal 
_audit_author.identifier_ORCID 
'Dix, S.R.'         1  0000-0002-6907-1435 
'Owen, H.J.'        2  ?                   
'Sun, R.'           3  ?                   
'Ahmad, A.'         4  ?                   
'Shastri, S.'       5  ?                   
'Spiewak, H.L.'     6  ?                   
'Mosby, D.J.'       7  ?                   
'Harris, M.J.'      8  ?                   
'Batters, S.L.'     9  ?                   
'Brooker, T.A.'     10 ?                   
'Tzokov, S.B.'      11 ?                   
'Sedelnikova, S.E.' 12 ?                   
'Baker, P.J.'       13 0000-0003-1995-5643 
'Bullough, P.A.'    14 ?                   
'Rice, D.W.'        15 0000-0002-7811-0539 
'Thomas, M.S.'      16 0000-0003-0701-2584 
# 
_citation.abstract                  ? 
_citation.abstract_id_CAS           ? 
_citation.book_id_ISBN              ? 
_citation.book_publisher            ? 
_citation.book_publisher_city       ? 
_citation.book_title                ? 
_citation.coordinate_linkage        ? 
_citation.country                   UK 
_citation.database_id_Medline       ? 
_citation.details                   ? 
_citation.id                        primary 
_citation.journal_abbrev            'Nat Commun' 
_citation.journal_id_ASTM           ? 
_citation.journal_id_CSD            ? 
_citation.journal_id_ISSN           2041-1723 
_citation.journal_full              ? 
_citation.journal_issue             ? 
_citation.journal_volume            9 
_citation.language                  ? 
_citation.page_first                4765 
_citation.page_last                 4765 
_citation.title                     'Structural insights into the function of type VI secretion system TssA subunits.' 
_citation.year                      2018 
_citation.database_id_CSD           ? 
_citation.pdbx_database_id_DOI      10.1038/s41467-018-07247-1 
_citation.pdbx_database_id_PubMed   30420757 
_citation.unpublished_flag          ? 
# 
loop_
_citation_author.citation_id 
_citation_author.name 
_citation_author.ordinal 
_citation_author.identifier_ORCID 
primary 'Dix, S.R.'         1  0000-0002-6907-1435 
primary 'Owen, H.J.'        2  ?                   
primary 'Sun, R.'           3  0000-0003-3192-7290 
primary 'Ahmad, A.'         4  ?                   
primary 'Shastri, S.'       5  ?                   
primary 'Spiewak, H.L.'     6  0000-0003-1039-5520 
primary 'Mosby, D.J.'       7  ?                   
primary 'Harris, M.J.'      8  ?                   
primary 'Batters, S.L.'     9  ?                   
primary 'Brooker, T.A.'     10 ?                   
primary 'Tzokov, S.B.'      11 0000-0001-7256-5279 
primary 'Sedelnikova, S.E.' 12 ?                   
primary 'Baker, P.J.'       13 0000-0003-1995-5643 
primary 'Bullough, P.A.'    14 ?                   
primary 'Rice, D.W.'        15 ?                   
primary 'Thomas, M.S.'      16 0000-0003-0701-2584 
# 
loop_
_entity.id 
_entity.type 
_entity.src_method 
_entity.pdbx_description 
_entity.formula_weight 
_entity.pdbx_number_of_molecules 
_entity.pdbx_ec 
_entity.pdbx_mutation 
_entity.pdbx_fragment 
_entity.details 
1 polymer man TssA  8592.672 2  ? ? ? 
;Purification by maltose binding protein cleaved after IEGRRemaining tag residues ISHM-299-302Construct comprises residues 303-373 of 1-373
;
2 water   nat water 18.015   39 ? ? ? ? 
# 
_entity_name_com.entity_id   1 
_entity_name_com.name        'Type VI secretion system protein ImpA' 
# 
_entity_poly.entity_id                      1 
_entity_poly.type                           'polypeptide(L)' 
_entity_poly.nstd_linkage                   no 
_entity_poly.nstd_monomer                   no 
_entity_poly.pdbx_seq_one_letter_code       ISHMIQNRAQAVDQLRAVARYFRQTEPHSPVAYLADKAAEWADMPLHKWLESVVKDDGSLSHIRELLGVRPDEQS 
_entity_poly.pdbx_seq_one_letter_code_can   ISHMIQNRAQAVDQLRAVARYFRQTEPHSPVAYLADKAAEWADMPLHKWLESVVKDDGSLSHIRELLGVRPDEQS 
_entity_poly.pdbx_strand_id                 A,B 
_entity_poly.pdbx_target_identifier         ? 
# 
_pdbx_entity_nonpoly.entity_id   2 
_pdbx_entity_nonpoly.name        water 
_pdbx_entity_nonpoly.comp_id     HOH 
# 
loop_
_entity_poly_seq.entity_id 
_entity_poly_seq.num 
_entity_poly_seq.mon_id 
_entity_poly_seq.hetero 
1 1  ILE n 
1 2  SER n 
1 3  HIS n 
1 4  MET n 
1 5  ILE n 
1 6  GLN n 
1 7  ASN n 
1 8  ARG n 
1 9  ALA n 
1 10 GLN n 
1 11 ALA n 
1 12 VAL n 
1 13 ASP n 
1 14 GLN n 
1 15 LEU n 
1 16 ARG n 
1 17 ALA n 
1 18 VAL n 
1 19 ALA n 
1 20 ARG n 
1 21 TYR n 
1 22 PHE n 
1 23 ARG n 
1 24 GLN n 
1 25 THR n 
1 26 GLU n 
1 27 PRO n 
1 28 HIS n 
1 29 SER n 
1 30 PRO n 
1 31 VAL n 
1 32 ALA n 
1 33 TYR n 
1 34 LEU n 
1 35 ALA n 
1 36 ASP n 
1 37 LYS n 
1 38 ALA n 
1 39 ALA n 
1 40 GLU n 
1 41 TRP n 
1 42 ALA n 
1 43 ASP n 
1 44 MET n 
1 45 PRO n 
1 46 LEU n 
1 47 HIS n 
1 48 LYS n 
1 49 TRP n 
1 50 LEU n 
1 51 GLU n 
1 52 SER n 
1 53 VAL n 
1 54 VAL n 
1 55 LYS n 
1 56 ASP n 
1 57 ASP n 
1 58 GLY n 
1 59 SER n 
1 60 LEU n 
1 61 SER n 
1 62 HIS n 
1 63 ILE n 
1 64 ARG n 
1 65 GLU n 
1 66 LEU n 
1 67 LEU n 
1 68 GLY n 
1 69 VAL n 
1 70 ARG n 
1 71 PRO n 
1 72 ASP n 
1 73 GLU n 
1 74 GLN n 
1 75 SER n 
# 
_entity_src_gen.entity_id                          1 
_entity_src_gen.pdbx_src_id                        1 
_entity_src_gen.pdbx_alt_source_flag               sample 
_entity_src_gen.pdbx_seq_type                      'Biological sequence' 
_entity_src_gen.pdbx_beg_seq_num                   1 
_entity_src_gen.pdbx_end_seq_num                   75 
_entity_src_gen.gene_src_common_name               ? 
_entity_src_gen.gene_src_genus                     ? 
_entity_src_gen.pdbx_gene_src_gene                 I35_RS01755 
_entity_src_gen.gene_src_species                   ? 
_entity_src_gen.gene_src_strain                    ? 
_entity_src_gen.gene_src_tissue                    ? 
_entity_src_gen.gene_src_tissue_fraction           ? 
_entity_src_gen.gene_src_details                   ? 
_entity_src_gen.pdbx_gene_src_fragment             ? 
_entity_src_gen.pdbx_gene_src_scientific_name      'Burkholderia cenocepacia H111' 
_entity_src_gen.pdbx_gene_src_ncbi_taxonomy_id     1055524 
_entity_src_gen.pdbx_gene_src_variant              ? 
_entity_src_gen.pdbx_gene_src_cell_line            ? 
_entity_src_gen.pdbx_gene_src_atcc                 ? 
_entity_src_gen.pdbx_gene_src_organ                ? 
_entity_src_gen.pdbx_gene_src_organelle            ? 
_entity_src_gen.pdbx_gene_src_cell                 ? 
_entity_src_gen.pdbx_gene_src_cellular_location    ? 
_entity_src_gen.host_org_common_name               ? 
_entity_src_gen.pdbx_host_org_scientific_name      'Escherichia coli' 
_entity_src_gen.pdbx_host_org_ncbi_taxonomy_id     562 
_entity_src_gen.host_org_genus                     ? 
_entity_src_gen.pdbx_host_org_gene                 ? 
_entity_src_gen.pdbx_host_org_organ                ? 
_entity_src_gen.host_org_species                   ? 
_entity_src_gen.pdbx_host_org_tissue               ? 
_entity_src_gen.pdbx_host_org_tissue_fraction      ? 
_entity_src_gen.pdbx_host_org_strain               ? 
_entity_src_gen.pdbx_host_org_variant              'NEB Express' 
_entity_src_gen.pdbx_host_org_cell_line            ? 
_entity_src_gen.pdbx_host_org_atcc                 ? 
_entity_src_gen.pdbx_host_org_culture_collection   ? 
_entity_src_gen.pdbx_host_org_cell                 ? 
_entity_src_gen.pdbx_host_org_organelle            ? 
_entity_src_gen.pdbx_host_org_cellular_location    ? 
_entity_src_gen.pdbx_host_org_vector_type          Plasmid 
_entity_src_gen.pdbx_host_org_vector               ? 
_entity_src_gen.host_org_details                   ? 
_entity_src_gen.expression_system_id               ? 
_entity_src_gen.plasmid_name                       pMAL-c5X 
_entity_src_gen.plasmid_details                    ? 
_entity_src_gen.pdbx_description                   ? 
# 
loop_
_chem_comp.id 
_chem_comp.type 
_chem_comp.mon_nstd_flag 
_chem_comp.name 
_chem_comp.pdbx_synonyms 
_chem_comp.formula 
_chem_comp.formula_weight 
ALA 'L-peptide linking' y ALANINE         ? 'C3 H7 N O2'     89.093  
ARG 'L-peptide linking' y ARGININE        ? 'C6 H15 N4 O2 1' 175.209 
ASN 'L-peptide linking' y ASPARAGINE      ? 'C4 H8 N2 O3'    132.118 
ASP 'L-peptide linking' y 'ASPARTIC ACID' ? 'C4 H7 N O4'     133.103 
GLN 'L-peptide linking' y GLUTAMINE       ? 'C5 H10 N2 O3'   146.144 
GLU 'L-peptide linking' y 'GLUTAMIC ACID' ? 'C5 H9 N O4'     147.129 
GLY 'peptide linking'   y GLYCINE         ? 'C2 H5 N O2'     75.067  
HIS 'L-peptide linking' y HISTIDINE       ? 'C6 H10 N3 O2 1' 156.162 
HOH non-polymer         . WATER           ? 'H2 O'           18.015  
ILE 'L-peptide linking' y ISOLEUCINE      ? 'C6 H13 N O2'    131.173 
LEU 'L-peptide linking' y LEUCINE         ? 'C6 H13 N O2'    131.173 
LYS 'L-peptide linking' y LYSINE          ? 'C6 H15 N2 O2 1' 147.195 
MET 'L-peptide linking' y METHIONINE      ? 'C5 H11 N O2 S'  149.211 
PHE 'L-peptide linking' y PHENYLALANINE   ? 'C9 H11 N O2'    165.189 
PRO 'L-peptide linking' y PROLINE         ? 'C5 H9 N O2'     115.130 
SER 'L-peptide linking' y SERINE          ? 'C3 H7 N O3'     105.093 
THR 'L-peptide linking' y THREONINE       ? 'C4 H9 N O3'     119.119 
TRP 'L-peptide linking' y TRYPTOPHAN      ? 'C11 H12 N2 O2'  204.225 
TYR 'L-peptide linking' y TYROSINE        ? 'C9 H11 N O3'    181.189 
VAL 'L-peptide linking' y VALINE          ? 'C5 H11 N O2'    117.146 
# 
loop_
_pdbx_poly_seq_scheme.asym_id 
_pdbx_poly_seq_scheme.entity_id 
_pdbx_poly_seq_scheme.seq_id 
_pdbx_poly_seq_scheme.mon_id 
_pdbx_poly_seq_scheme.ndb_seq_num 
_pdbx_poly_seq_scheme.pdb_seq_num 
_pdbx_poly_seq_scheme.auth_seq_num 
_pdbx_poly_seq_scheme.pdb_mon_id 
_pdbx_poly_seq_scheme.auth_mon_id 
_pdbx_poly_seq_scheme.pdb_strand_id 
_pdbx_poly_seq_scheme.pdb_ins_code 
_pdbx_poly_seq_scheme.hetero 
A 1 1  ILE 1  299 ?   ?   ?   A . n 
A 1 2  SER 2  300 ?   ?   ?   A . n 
A 1 3  HIS 3  301 ?   ?   ?   A . n 
A 1 4  MET 4  302 ?   ?   ?   A . n 
A 1 5  ILE 5  303 303 ILE ILE A . n 
A 1 6  GLN 6  304 304 GLN GLN A . n 
A 1 7  ASN 7  305 305 ASN ASN A . n 
A 1 8  ARG 8  306 306 ARG ARG A . n 
A 1 9  ALA 9  307 307 ALA ALA A . n 
A 1 10 GLN 10 308 308 GLN GLN A . n 
A 1 11 ALA 11 309 309 ALA ALA A . n 
A 1 12 VAL 12 310 310 VAL VAL A . n 
A 1 13 ASP 13 311 311 ASP ASP A . n 
A 1 14 GLN 14 312 312 GLN GLN A . n 
A 1 15 LEU 15 313 313 LEU LEU A . n 
A 1 16 ARG 16 314 314 ARG ARG A . n 
A 1 17 ALA 17 315 315 ALA ALA A . n 
A 1 18 VAL 18 316 316 VAL VAL A . n 
A 1 19 ALA 19 317 317 ALA ALA A . n 
A 1 20 ARG 20 318 318 ARG ARG A . n 
A 1 21 TYR 21 319 319 TYR TYR A . n 
A 1 22 PHE 22 320 320 PHE PHE A . n 
A 1 23 ARG 23 321 321 ARG ARG A . n 
A 1 24 GLN 24 322 322 GLN GLN A . n 
A 1 25 THR 25 323 323 THR THR A . n 
A 1 26 GLU 26 324 324 GLU GLU A . n 
A 1 27 PRO 27 325 325 PRO PRO A . n 
A 1 28 HIS 28 326 326 HIS HIS A . n 
A 1 29 SER 29 327 327 SER SER A . n 
A 1 30 PRO 30 328 328 PRO PRO A . n 
A 1 31 VAL 31 329 329 VAL VAL A . n 
A 1 32 ALA 32 330 330 ALA ALA A . n 
A 1 33 TYR 33 331 331 TYR TYR A . n 
A 1 34 LEU 34 332 332 LEU LEU A . n 
A 1 35 ALA 35 333 333 ALA ALA A . n 
A 1 36 ASP 36 334 334 ASP ASP A . n 
A 1 37 LYS 37 335 335 LYS LYS A . n 
A 1 38 ALA 38 336 336 ALA ALA A . n 
A 1 39 ALA 39 337 337 ALA ALA A . n 
A 1 40 GLU 40 338 338 GLU GLU A . n 
A 1 41 TRP 41 339 339 TRP TRP A . n 
A 1 42 ALA 42 340 340 ALA ALA A . n 
A 1 43 ASP 43 341 341 ASP ASP A . n 
A 1 44 MET 44 342 342 MET MET A . n 
A 1 45 PRO 45 343 343 PRO PRO A . n 
A 1 46 LEU 46 344 344 LEU LEU A . n 
A 1 47 HIS 47 345 345 HIS HIS A . n 
A 1 48 LYS 48 346 346 LYS LYS A . n 
A 1 49 TRP 49 347 347 TRP TRP A . n 
A 1 50 LEU 50 348 ?   ?   ?   A . n 
A 1 51 GLU 51 349 ?   ?   ?   A . n 
A 1 52 SER 52 350 ?   ?   ?   A . n 
A 1 53 VAL 53 351 ?   ?   ?   A . n 
A 1 54 VAL 54 352 ?   ?   ?   A . n 
A 1 55 LYS 55 353 ?   ?   ?   A . n 
A 1 56 ASP 56 354 ?   ?   ?   A . n 
A 1 57 ASP 57 355 ?   ?   ?   A . n 
A 1 58 GLY 58 356 ?   ?   ?   A . n 
A 1 59 SER 59 357 ?   ?   ?   A . n 
A 1 60 LEU 60 358 ?   ?   ?   A . n 
A 1 61 SER 61 359 ?   ?   ?   A . n 
A 1 62 HIS 62 360 ?   ?   ?   A . n 
A 1 63 ILE 63 361 ?   ?   ?   A . n 
A 1 64 ARG 64 362 ?   ?   ?   A . n 
A 1 65 GLU 65 363 ?   ?   ?   A . n 
A 1 66 LEU 66 364 ?   ?   ?   A . n 
A 1 67 LEU 67 365 ?   ?   ?   A . n 
A 1 68 GLY 68 366 ?   ?   ?   A . n 
A 1 69 VAL 69 367 ?   ?   ?   A . n 
A 1 70 ARG 70 368 ?   ?   ?   A . n 
A 1 71 PRO 71 369 ?   ?   ?   A . n 
A 1 72 ASP 72 370 ?   ?   ?   A . n 
A 1 73 GLU 73 371 ?   ?   ?   A . n 
A 1 74 GLN 74 372 ?   ?   ?   A . n 
A 1 75 SER 75 373 ?   ?   ?   A . n 
B 1 1  ILE 1  299 ?   ?   ?   B . n 
B 1 2  SER 2  300 ?   ?   ?   B . n 
B 1 3  HIS 3  301 ?   ?   ?   B . n 
B 1 4  MET 4  302 302 MET MET B . n 
B 1 5  ILE 5  303 303 ILE ILE B . n 
B 1 6  GLN 6  304 304 GLN GLN B . n 
B 1 7  ASN 7  305 305 ASN ASN B . n 
B 1 8  ARG 8  306 306 ARG ARG B . n 
B 1 9  ALA 9  307 307 ALA ALA B . n 
B 1 10 GLN 10 308 308 GLN GLN B . n 
B 1 11 ALA 11 309 309 ALA ALA B . n 
B 1 12 VAL 12 310 310 VAL VAL B . n 
B 1 13 ASP 13 311 311 ASP ASP B . n 
B 1 14 GLN 14 312 312 GLN GLN B . n 
B 1 15 LEU 15 313 313 LEU LEU B . n 
B 1 16 ARG 16 314 314 ARG ARG B . n 
B 1 17 ALA 17 315 315 ALA ALA B . n 
B 1 18 VAL 18 316 316 VAL VAL B . n 
B 1 19 ALA 19 317 317 ALA ALA B . n 
B 1 20 ARG 20 318 318 ARG ARG B . n 
B 1 21 TYR 21 319 319 TYR TYR B . n 
B 1 22 PHE 22 320 320 PHE PHE B . n 
B 1 23 ARG 23 321 321 ARG ARG B . n 
B 1 24 GLN 24 322 322 GLN GLN B . n 
B 1 25 THR 25 323 323 THR THR B . n 
B 1 26 GLU 26 324 324 GLU GLU B . n 
B 1 27 PRO 27 325 325 PRO PRO B . n 
B 1 28 HIS 28 326 326 HIS HIS B . n 
B 1 29 SER 29 327 327 SER SER B . n 
B 1 30 PRO 30 328 328 PRO PRO B . n 
B 1 31 VAL 31 329 329 VAL VAL B . n 
B 1 32 ALA 32 330 330 ALA ALA B . n 
B 1 33 TYR 33 331 331 TYR TYR B . n 
B 1 34 LEU 34 332 332 LEU LEU B . n 
B 1 35 ALA 35 333 333 ALA ALA B . n 
B 1 36 ASP 36 334 334 ASP ASP B . n 
B 1 37 LYS 37 335 335 LYS LYS B . n 
B 1 38 ALA 38 336 336 ALA ALA B . n 
B 1 39 ALA 39 337 337 ALA ALA B . n 
B 1 40 GLU 40 338 338 GLU GLU B . n 
B 1 41 TRP 41 339 339 TRP TRP B . n 
B 1 42 ALA 42 340 340 ALA ALA B . n 
B 1 43 ASP 43 341 341 ASP ASP B . n 
B 1 44 MET 44 342 342 MET MET B . n 
B 1 45 PRO 45 343 343 PRO PRO B . n 
B 1 46 LEU 46 344 344 LEU LEU B . n 
B 1 47 HIS 47 345 345 HIS HIS B . n 
B 1 48 LYS 48 346 346 LYS LYS B . n 
B 1 49 TRP 49 347 347 TRP TRP B . n 
B 1 50 LEU 50 348 ?   ?   ?   B . n 
B 1 51 GLU 51 349 ?   ?   ?   B . n 
B 1 52 SER 52 350 ?   ?   ?   B . n 
B 1 53 VAL 53 351 ?   ?   ?   B . n 
B 1 54 VAL 54 352 ?   ?   ?   B . n 
B 1 55 LYS 55 353 ?   ?   ?   B . n 
B 1 56 ASP 56 354 ?   ?   ?   B . n 
B 1 57 ASP 57 355 ?   ?   ?   B . n 
B 1 58 GLY 58 356 ?   ?   ?   B . n 
B 1 59 SER 59 357 ?   ?   ?   B . n 
B 1 60 LEU 60 358 ?   ?   ?   B . n 
B 1 61 SER 61 359 ?   ?   ?   B . n 
B 1 62 HIS 62 360 ?   ?   ?   B . n 
B 1 63 ILE 63 361 ?   ?   ?   B . n 
B 1 64 ARG 64 362 ?   ?   ?   B . n 
B 1 65 GLU 65 363 ?   ?   ?   B . n 
B 1 66 LEU 66 364 ?   ?   ?   B . n 
B 1 67 LEU 67 365 ?   ?   ?   B . n 
B 1 68 GLY 68 366 ?   ?   ?   B . n 
B 1 69 VAL 69 367 ?   ?   ?   B . n 
B 1 70 ARG 70 368 ?   ?   ?   B . n 
B 1 71 PRO 71 369 ?   ?   ?   B . n 
B 1 72 ASP 72 370 ?   ?   ?   B . n 
B 1 73 GLU 73 371 ?   ?   ?   B . n 
B 1 74 GLN 74 372 ?   ?   ?   B . n 
B 1 75 SER 75 373 ?   ?   ?   B . n 
# 
loop_
_pdbx_nonpoly_scheme.asym_id 
_pdbx_nonpoly_scheme.entity_id 
_pdbx_nonpoly_scheme.mon_id 
_pdbx_nonpoly_scheme.ndb_seq_num 
_pdbx_nonpoly_scheme.pdb_seq_num 
_pdbx_nonpoly_scheme.auth_seq_num 
_pdbx_nonpoly_scheme.pdb_mon_id 
_pdbx_nonpoly_scheme.auth_mon_id 
_pdbx_nonpoly_scheme.pdb_strand_id 
_pdbx_nonpoly_scheme.pdb_ins_code 
C 2 HOH 1  401 24 HOH HOH A . 
C 2 HOH 2  402 21 HOH HOH A . 
C 2 HOH 3  403 19 HOH HOH A . 
C 2 HOH 4  404 8  HOH HOH A . 
C 2 HOH 5  405 26 HOH HOH A . 
C 2 HOH 6  406 1  HOH HOH A . 
C 2 HOH 7  407 3  HOH HOH A . 
C 2 HOH 8  408 29 HOH HOH A . 
C 2 HOH 9  409 32 HOH HOH A . 
C 2 HOH 10 410 37 HOH HOH A . 
C 2 HOH 11 411 25 HOH HOH A . 
C 2 HOH 12 412 5  HOH HOH A . 
C 2 HOH 13 413 6  HOH HOH A . 
C 2 HOH 14 414 7  HOH HOH A . 
C 2 HOH 15 415 15 HOH HOH A . 
C 2 HOH 16 416 11 HOH HOH A . 
C 2 HOH 17 417 13 HOH HOH A . 
C 2 HOH 18 418 20 HOH HOH A . 
C 2 HOH 19 419 17 HOH HOH A . 
C 2 HOH 20 420 33 HOH HOH A . 
C 2 HOH 21 421 12 HOH HOH A . 
C 2 HOH 22 422 35 HOH HOH A . 
C 2 HOH 23 423 39 HOH HOH A . 
D 2 HOH 1  401 28 HOH HOH B . 
D 2 HOH 2  402 22 HOH HOH B . 
D 2 HOH 3  403 9  HOH HOH B . 
D 2 HOH 4  404 2  HOH HOH B . 
D 2 HOH 5  405 30 HOH HOH B . 
D 2 HOH 6  406 14 HOH HOH B . 
D 2 HOH 7  407 34 HOH HOH B . 
D 2 HOH 8  408 10 HOH HOH B . 
D 2 HOH 9  409 36 HOH HOH B . 
D 2 HOH 10 410 4  HOH HOH B . 
D 2 HOH 11 411 18 HOH HOH B . 
D 2 HOH 12 412 16 HOH HOH B . 
D 2 HOH 13 413 41 HOH HOH B . 
D 2 HOH 14 414 23 HOH HOH B . 
D 2 HOH 15 415 38 HOH HOH B . 
D 2 HOH 16 416 40 HOH HOH B . 
# 
loop_
_software.citation_id 
_software.classification 
_software.compiler_name 
_software.compiler_version 
_software.contact_author 
_software.contact_author_email 
_software.date 
_software.description 
_software.dependencies 
_software.hardware 
_software.language 
_software.location 
_software.mods 
_software.name 
_software.os 
_software.os_version 
_software.type 
_software.version 
_software.pdbx_ordinal 
? refinement       ? ? ? ? ? ? ? ? ? ? ? REFMAC  ? ? ? 5.8.0135 1 
? 'data reduction' ? ? ? ? ? ? ? ? ? ? ? xia2    ? ? ? .        2 
? 'data scaling'   ? ? ? ? ? ? ? ? ? ? ? xia2    ? ? ? .        3 
? phasing          ? ? ? ? ? ? ? ? ? ? ? SHELXDE ? ? ? .        4 
# 
_cell.angle_alpha                  90.00 
_cell.angle_alpha_esd              ? 
_cell.angle_beta                   90.00 
_cell.angle_beta_esd               ? 
_cell.angle_gamma                  90.00 
_cell.angle_gamma_esd              ? 
_cell.entry_id                     6H8F 
_cell.details                      ? 
_cell.formula_units_Z              ? 
_cell.length_a                     48.260 
_cell.length_a_esd                 ? 
_cell.length_b                     62.700 
_cell.length_b_esd                 ? 
_cell.length_c                     65.740 
_cell.length_c_esd                 ? 
_cell.volume                       ? 
_cell.volume_esd                   ? 
_cell.Z_PDB                        16 
_cell.reciprocal_angle_alpha       ? 
_cell.reciprocal_angle_beta        ? 
_cell.reciprocal_angle_gamma       ? 
_cell.reciprocal_angle_alpha_esd   ? 
_cell.reciprocal_angle_beta_esd    ? 
_cell.reciprocal_angle_gamma_esd   ? 
_cell.reciprocal_length_a          ? 
_cell.reciprocal_length_b          ? 
_cell.reciprocal_length_c          ? 
_cell.reciprocal_length_a_esd      ? 
_cell.reciprocal_length_b_esd      ? 
_cell.reciprocal_length_c_esd      ? 
_cell.pdbx_unique_axis             ? 
# 
_symmetry.entry_id                         6H8F 
_symmetry.cell_setting                     ? 
_symmetry.Int_Tables_number                23 
_symmetry.space_group_name_Hall            ? 
_symmetry.space_group_name_H-M             'I 2 2 2' 
_symmetry.pdbx_full_space_group_name_H-M   ? 
# 
_exptl.absorpt_coefficient_mu     ? 
_exptl.absorpt_correction_T_max   ? 
_exptl.absorpt_correction_T_min   ? 
_exptl.absorpt_correction_type    ? 
_exptl.absorpt_process_details    ? 
_exptl.entry_id                   6H8F 
_exptl.crystals_number            1 
_exptl.details                    ? 
_exptl.method                     'X-RAY DIFFRACTION' 
_exptl.method_details             ? 
# 
_exptl_crystal.colour                      ? 
_exptl_crystal.density_diffrn              ? 
_exptl_crystal.density_Matthews            ? 
_exptl_crystal.density_method              ? 
_exptl_crystal.density_percent_sol         ? 
_exptl_crystal.description                 ? 
_exptl_crystal.F_000                       ? 
_exptl_crystal.id                          1 
_exptl_crystal.preparation                 ? 
_exptl_crystal.size_max                    ? 
_exptl_crystal.size_mid                    ? 
_exptl_crystal.size_min                    ? 
_exptl_crystal.size_rad                    ? 
_exptl_crystal.colour_lustre               ? 
_exptl_crystal.colour_modifier             ? 
_exptl_crystal.colour_primary              ? 
_exptl_crystal.density_meas                ? 
_exptl_crystal.density_meas_esd            ? 
_exptl_crystal.density_meas_gt             ? 
_exptl_crystal.density_meas_lt             ? 
_exptl_crystal.density_meas_temp           ? 
_exptl_crystal.density_meas_temp_esd       ? 
_exptl_crystal.density_meas_temp_gt        ? 
_exptl_crystal.density_meas_temp_lt        ? 
_exptl_crystal.pdbx_crystal_image_url      ? 
_exptl_crystal.pdbx_crystal_image_format   ? 
_exptl_crystal.pdbx_mosaicity              ? 
_exptl_crystal.pdbx_mosaicity_esd          ? 
# 
_exptl_crystal_grow.apparatus       ? 
_exptl_crystal_grow.atmosphere      ? 
_exptl_crystal_grow.crystal_id      1 
_exptl_crystal_grow.details         ? 
_exptl_crystal_grow.method          'VAPOR DIFFUSION, SITTING DROP' 
_exptl_crystal_grow.method_ref      ? 
_exptl_crystal_grow.pH              ? 
_exptl_crystal_grow.pressure        ? 
_exptl_crystal_grow.pressure_esd    ? 
_exptl_crystal_grow.seeding         ? 
_exptl_crystal_grow.seeding_ref     ? 
_exptl_crystal_grow.temp            290 
_exptl_crystal_grow.temp_details    ? 
_exptl_crystal_grow.temp_esd        ? 
_exptl_crystal_grow.time            ? 
_exptl_crystal_grow.pdbx_details    '0.1 M Citric acid pH 5.0, 20 % (w/v) PEG 6000' 
_exptl_crystal_grow.pdbx_pH_range   ? 
# 
_diffrn.ambient_environment              ? 
_diffrn.ambient_temp                     100 
_diffrn.ambient_temp_details             ? 
_diffrn.ambient_temp_esd                 ? 
_diffrn.crystal_id                       1 
_diffrn.crystal_support                  ? 
_diffrn.crystal_treatment                ? 
_diffrn.details                          ? 
_diffrn.id                               1 
_diffrn.ambient_pressure                 ? 
_diffrn.ambient_pressure_esd             ? 
_diffrn.ambient_pressure_gt              ? 
_diffrn.ambient_pressure_lt              ? 
_diffrn.ambient_temp_gt                  ? 
_diffrn.ambient_temp_lt                  ? 
_diffrn.pdbx_serial_crystal_experiment   ? 
# 
_diffrn_detector.details                      ? 
_diffrn_detector.detector                     PIXEL 
_diffrn_detector.diffrn_id                    1 
_diffrn_detector.type                         'DECTRIS PILATUS 2M' 
_diffrn_detector.area_resol_mean              ? 
_diffrn_detector.dtime                        ? 
_diffrn_detector.pdbx_frames_total            ? 
_diffrn_detector.pdbx_collection_time_total   ? 
_diffrn_detector.pdbx_collection_date         2014-03-13 
_diffrn_detector.pdbx_frequency               ? 
# 
_diffrn_radiation.collimation                      ? 
_diffrn_radiation.diffrn_id                        1 
_diffrn_radiation.filter_edge                      ? 
_diffrn_radiation.inhomogeneity                    ? 
_diffrn_radiation.monochromator                    ? 
_diffrn_radiation.polarisn_norm                    ? 
_diffrn_radiation.polarisn_ratio                   ? 
_diffrn_radiation.probe                            ? 
_diffrn_radiation.type                             ? 
_diffrn_radiation.xray_symbol                      ? 
_diffrn_radiation.wavelength_id                    1 
_diffrn_radiation.pdbx_monochromatic_or_laue_m_l   M 
_diffrn_radiation.pdbx_wavelength_list             ? 
_diffrn_radiation.pdbx_wavelength                  ? 
_diffrn_radiation.pdbx_diffrn_protocol             'SINGLE WAVELENGTH' 
_diffrn_radiation.pdbx_analyzer                    ? 
_diffrn_radiation.pdbx_scattering_type             x-ray 
# 
_diffrn_radiation_wavelength.id           1 
_diffrn_radiation_wavelength.wavelength   0.920000 
_diffrn_radiation_wavelength.wt           1.0 
# 
_diffrn_source.current                     ? 
_diffrn_source.details                     ? 
_diffrn_source.diffrn_id                   1 
_diffrn_source.power                       ? 
_diffrn_source.size                        ? 
_diffrn_source.source                      SYNCHROTRON 
_diffrn_source.target                      ? 
_diffrn_source.type                        'DIAMOND BEAMLINE I04-1' 
_diffrn_source.voltage                     ? 
_diffrn_source.take-off_angle              ? 
_diffrn_source.pdbx_wavelength_list        0.920000 
_diffrn_source.pdbx_wavelength             ? 
_diffrn_source.pdbx_synchrotron_beamline   I04-1 
_diffrn_source.pdbx_synchrotron_site       Diamond 
# 
_reflns.B_iso_Wilson_estimate            ? 
_reflns.entry_id                         6H8F 
_reflns.data_reduction_details           ? 
_reflns.data_reduction_method            ? 
_reflns.d_resolution_high                1.78 
_reflns.d_resolution_low                 38.90 
_reflns.details                          ? 
_reflns.limit_h_max                      ? 
_reflns.limit_h_min                      ? 
_reflns.limit_k_max                      ? 
_reflns.limit_k_min                      ? 
_reflns.limit_l_max                      ? 
_reflns.limit_l_min                      ? 
_reflns.number_all                       ? 
_reflns.number_obs                       9502 
_reflns.observed_criterion               ? 
_reflns.observed_criterion_F_max         ? 
_reflns.observed_criterion_F_min         ? 
_reflns.observed_criterion_I_max         ? 
_reflns.observed_criterion_I_min         ? 
_reflns.observed_criterion_sigma_F       ? 
_reflns.observed_criterion_sigma_I       ? 
_reflns.percent_possible_obs             97.0 
_reflns.R_free_details                   ? 
_reflns.Rmerge_F_all                     ? 
_reflns.Rmerge_F_obs                     ? 
_reflns.Friedel_coverage                 ? 
_reflns.number_gt                        ? 
_reflns.threshold_expression             ? 
_reflns.pdbx_redundancy                  4.5 
_reflns.pdbx_Rmerge_I_obs                0.068 
_reflns.pdbx_Rmerge_I_all                ? 
_reflns.pdbx_Rsym_value                  ? 
_reflns.pdbx_netI_over_av_sigmaI         ? 
_reflns.pdbx_netI_over_sigmaI            13.2 
_reflns.pdbx_res_netI_over_av_sigmaI_2   ? 
_reflns.pdbx_res_netI_over_sigmaI_2      ? 
_reflns.pdbx_chi_squared                 ? 
_reflns.pdbx_scaling_rejects             ? 
_reflns.pdbx_d_res_high_opt              ? 
_reflns.pdbx_d_res_low_opt               ? 
_reflns.pdbx_d_res_opt_method            ? 
_reflns.phase_calculation_details        ? 
_reflns.pdbx_Rrim_I_all                  ? 
_reflns.pdbx_Rpim_I_all                  0.039 
_reflns.pdbx_d_opt                       ? 
_reflns.pdbx_number_measured_all         ? 
_reflns.pdbx_diffrn_id                   1 
_reflns.pdbx_ordinal                     1 
_reflns.pdbx_CC_half                     ? 
_reflns.pdbx_R_split                     ? 
# 
_reflns_shell.d_res_high                  1.78 
_reflns_shell.d_res_low                   1.83 
_reflns_shell.meanI_over_sigI_all         ? 
_reflns_shell.meanI_over_sigI_obs         ? 
_reflns_shell.number_measured_all         ? 
_reflns_shell.number_measured_obs         3268 
_reflns_shell.number_possible             ? 
_reflns_shell.number_unique_all           700 
_reflns_shell.number_unique_obs           ? 
_reflns_shell.percent_possible_all        ? 
_reflns_shell.percent_possible_obs        ? 
_reflns_shell.Rmerge_F_all                ? 
_reflns_shell.Rmerge_F_obs                ? 
_reflns_shell.Rmerge_I_all                ? 
_reflns_shell.Rmerge_I_obs                0.697 
_reflns_shell.meanI_over_sigI_gt          ? 
_reflns_shell.meanI_over_uI_all           ? 
_reflns_shell.meanI_over_uI_gt            ? 
_reflns_shell.number_measured_gt          ? 
_reflns_shell.number_unique_gt            ? 
_reflns_shell.percent_possible_gt         ? 
_reflns_shell.Rmerge_F_gt                 ? 
_reflns_shell.Rmerge_I_gt                 ? 
_reflns_shell.pdbx_redundancy             ? 
_reflns_shell.pdbx_Rsym_value             ? 
_reflns_shell.pdbx_chi_squared            ? 
_reflns_shell.pdbx_netI_over_sigmaI_all   ? 
_reflns_shell.pdbx_netI_over_sigmaI_obs   ? 
_reflns_shell.pdbx_Rrim_I_all             ? 
_reflns_shell.pdbx_Rpim_I_all             0.387 
_reflns_shell.pdbx_rejects                ? 
_reflns_shell.pdbx_ordinal                1 
_reflns_shell.pdbx_diffrn_id              1 
_reflns_shell.pdbx_CC_half                ? 
_reflns_shell.pdbx_R_split                ? 
# 
_refine.aniso_B[1][1]                            1.41 
_refine.aniso_B[1][2]                            0.00 
_refine.aniso_B[1][3]                            0.00 
_refine.aniso_B[2][2]                            -1.08 
_refine.aniso_B[2][3]                            0.00 
_refine.aniso_B[3][3]                            -0.33 
_refine.B_iso_max                                ? 
_refine.B_iso_mean                               28.312 
_refine.B_iso_min                                ? 
_refine.correlation_coeff_Fo_to_Fc               0.958 
_refine.correlation_coeff_Fo_to_Fc_free          0.935 
_refine.details                                  'HYDROGENS HAVE BEEN ADDED IN THE RIDING POSITIONS' 
_refine.diff_density_max                         ? 
_refine.diff_density_max_esd                     ? 
_refine.diff_density_min                         ? 
_refine.diff_density_min_esd                     ? 
_refine.diff_density_rms                         ? 
_refine.diff_density_rms_esd                     ? 
_refine.entry_id                                 6H8F 
_refine.pdbx_refine_id                           'X-RAY DIFFRACTION' 
_refine.ls_abs_structure_details                 ? 
_refine.ls_abs_structure_Flack                   ? 
_refine.ls_abs_structure_Flack_esd               ? 
_refine.ls_abs_structure_Rogers                  ? 
_refine.ls_abs_structure_Rogers_esd              ? 
_refine.ls_d_res_high                            1.78 
_refine.ls_d_res_low                             38.90 
_refine.ls_extinction_coef                       ? 
_refine.ls_extinction_coef_esd                   ? 
_refine.ls_extinction_expression                 ? 
_refine.ls_extinction_method                     ? 
_refine.ls_goodness_of_fit_all                   ? 
_refine.ls_goodness_of_fit_all_esd               ? 
_refine.ls_goodness_of_fit_obs                   ? 
_refine.ls_goodness_of_fit_obs_esd               ? 
_refine.ls_hydrogen_treatment                    ? 
_refine.ls_matrix_type                           ? 
_refine.ls_number_constraints                    ? 
_refine.ls_number_parameters                     ? 
_refine.ls_number_reflns_all                     ? 
_refine.ls_number_reflns_obs                     9048 
_refine.ls_number_reflns_R_free                  454 
_refine.ls_number_reflns_R_work                  ? 
_refine.ls_number_restraints                     ? 
_refine.ls_percent_reflns_obs                    96.26 
_refine.ls_percent_reflns_R_free                 4.8 
_refine.ls_R_factor_all                          ? 
_refine.ls_R_factor_obs                          0.19118 
_refine.ls_R_factor_R_free                       0.23729 
_refine.ls_R_factor_R_free_error                 ? 
_refine.ls_R_factor_R_free_error_details         ? 
_refine.ls_R_factor_R_work                       0.18891 
_refine.ls_R_Fsqd_factor_obs                     ? 
_refine.ls_R_I_factor_obs                        ? 
_refine.ls_redundancy_reflns_all                 ? 
_refine.ls_redundancy_reflns_obs                 ? 
_refine.ls_restrained_S_all                      ? 
_refine.ls_restrained_S_obs                      ? 
_refine.ls_shift_over_esd_max                    ? 
_refine.ls_shift_over_esd_mean                   ? 
_refine.ls_structure_factor_coef                 ? 
_refine.ls_weighting_details                     ? 
_refine.ls_weighting_scheme                      ? 
_refine.ls_wR_factor_all                         ? 
_refine.ls_wR_factor_obs                         ? 
_refine.ls_wR_factor_R_free                      ? 
_refine.ls_wR_factor_R_work                      ? 
_refine.occupancy_max                            ? 
_refine.occupancy_min                            ? 
_refine.solvent_model_details                    ? 
_refine.solvent_model_param_bsol                 ? 
_refine.solvent_model_param_ksol                 ? 
_refine.ls_R_factor_gt                           ? 
_refine.ls_goodness_of_fit_gt                    ? 
_refine.ls_goodness_of_fit_ref                   ? 
_refine.ls_shift_over_su_max                     ? 
_refine.ls_shift_over_su_max_lt                  ? 
_refine.ls_shift_over_su_mean                    ? 
_refine.ls_shift_over_su_mean_lt                 ? 
_refine.pdbx_ls_sigma_I                          ? 
_refine.pdbx_ls_sigma_F                          ? 
_refine.pdbx_ls_sigma_Fsqd                       ? 
_refine.pdbx_data_cutoff_high_absF               ? 
_refine.pdbx_data_cutoff_high_rms_absF           ? 
_refine.pdbx_data_cutoff_low_absF                ? 
_refine.pdbx_isotropic_thermal_model             ? 
_refine.pdbx_ls_cross_valid_method               THROUGHOUT 
_refine.pdbx_method_to_determine_struct          MAD 
_refine.pdbx_starting_model                      ? 
_refine.pdbx_stereochemistry_target_values       ? 
_refine.pdbx_R_Free_selection_details            RANDOM 
_refine.pdbx_stereochem_target_val_spec_case     ? 
_refine.pdbx_overall_ESU_R                       0.127 
_refine.pdbx_overall_ESU_R_Free                  0.129 
_refine.pdbx_solvent_vdw_probe_radii             1.20 
_refine.pdbx_solvent_ion_probe_radii             0.80 
_refine.pdbx_solvent_shrinkage_radii             0.80 
_refine.pdbx_real_space_R                        ? 
_refine.pdbx_density_correlation                 ? 
_refine.pdbx_pd_number_of_powder_patterns        ? 
_refine.pdbx_pd_number_of_points                 ? 
_refine.pdbx_pd_meas_number_of_points            ? 
_refine.pdbx_pd_proc_ls_prof_R_factor            ? 
_refine.pdbx_pd_proc_ls_prof_wR_factor           ? 
_refine.pdbx_pd_Marquardt_correlation_coeff      ? 
_refine.pdbx_pd_Fsqrd_R_factor                   ? 
_refine.pdbx_pd_ls_matrix_band_width             ? 
_refine.pdbx_overall_phase_error                 ? 
_refine.pdbx_overall_SU_R_free_Cruickshank_DPI   ? 
_refine.pdbx_overall_SU_R_free_Blow_DPI          ? 
_refine.pdbx_overall_SU_R_Blow_DPI               ? 
_refine.pdbx_TLS_residual_ADP_flag               ? 
_refine.pdbx_diffrn_id                           1 
_refine.overall_SU_B                             3.105 
_refine.overall_SU_ML                            0.095 
_refine.overall_SU_R_Cruickshank_DPI             ? 
_refine.overall_SU_R_free                        ? 
_refine.overall_FOM_free_R_set                   ? 
_refine.overall_FOM_work_R_set                   ? 
_refine.pdbx_average_fsc_overall                 ? 
_refine.pdbx_average_fsc_work                    ? 
_refine.pdbx_average_fsc_free                    ? 
# 
_refine_hist.pdbx_refine_id                   'X-RAY DIFFRACTION' 
_refine_hist.cycle_id                         1 
_refine_hist.pdbx_number_atoms_protein        752 
_refine_hist.pdbx_number_atoms_nucleic_acid   0 
_refine_hist.pdbx_number_atoms_ligand         0 
_refine_hist.number_atoms_solvent             39 
_refine_hist.number_atoms_total               791 
_refine_hist.d_res_high                       1.78 
_refine_hist.d_res_low                        38.90 
# 
loop_
_refine_ls_restr.pdbx_refine_id 
_refine_ls_restr.criterion 
_refine_ls_restr.dev_ideal 
_refine_ls_restr.dev_ideal_target 
_refine_ls_restr.number 
_refine_ls_restr.rejects 
_refine_ls_restr.type 
_refine_ls_restr.weight 
_refine_ls_restr.pdbx_restraint_function 
'X-RAY DIFFRACTION' ? 0.012  0.019  774  ? r_bond_refined_d             ? ? 
'X-RAY DIFFRACTION' ? 0.001  0.020  727  ? r_bond_other_d               ? ? 
'X-RAY DIFFRACTION' ? 1.316  1.915  1054 ? r_angle_refined_deg          ? ? 
'X-RAY DIFFRACTION' ? 0.913  3.000  1655 ? r_angle_other_deg            ? ? 
'X-RAY DIFFRACTION' ? 4.263  5.000  89   ? r_dihedral_angle_1_deg       ? ? 
'X-RAY DIFFRACTION' ? 30.542 22.857 42   ? r_dihedral_angle_2_deg       ? ? 
'X-RAY DIFFRACTION' ? 11.554 15.000 121  ? r_dihedral_angle_3_deg       ? ? 
'X-RAY DIFFRACTION' ? 8.955  15.000 8    ? r_dihedral_angle_4_deg       ? ? 
'X-RAY DIFFRACTION' ? 0.085  0.200  107  ? r_chiral_restr               ? ? 
'X-RAY DIFFRACTION' ? 0.006  0.021  887  ? r_gen_planes_refined         ? ? 
'X-RAY DIFFRACTION' ? 0.001  0.020  201  ? r_gen_planes_other           ? ? 
'X-RAY DIFFRACTION' ? ?      ?      ?    ? r_nbd_refined                ? ? 
'X-RAY DIFFRACTION' ? ?      ?      ?    ? r_nbd_other                  ? ? 
'X-RAY DIFFRACTION' ? ?      ?      ?    ? r_nbtor_refined              ? ? 
'X-RAY DIFFRACTION' ? ?      ?      ?    ? r_nbtor_other                ? ? 
'X-RAY DIFFRACTION' ? ?      ?      ?    ? r_xyhbond_nbd_refined        ? ? 
'X-RAY DIFFRACTION' ? ?      ?      ?    ? r_xyhbond_nbd_other          ? ? 
'X-RAY DIFFRACTION' ? ?      ?      ?    ? r_metal_ion_refined          ? ? 
'X-RAY DIFFRACTION' ? ?      ?      ?    ? r_metal_ion_other            ? ? 
'X-RAY DIFFRACTION' ? ?      ?      ?    ? r_symmetry_vdw_refined       ? ? 
'X-RAY DIFFRACTION' ? ?      ?      ?    ? r_symmetry_vdw_other         ? ? 
'X-RAY DIFFRACTION' ? ?      ?      ?    ? r_symmetry_hbond_refined     ? ? 
'X-RAY DIFFRACTION' ? ?      ?      ?    ? r_symmetry_hbond_other       ? ? 
'X-RAY DIFFRACTION' ? ?      ?      ?    ? r_symmetry_metal_ion_refined ? ? 
'X-RAY DIFFRACTION' ? ?      ?      ?    ? r_symmetry_metal_ion_other   ? ? 
'X-RAY DIFFRACTION' ? 5.285  2.088  362  ? r_mcbond_it                  ? ? 
'X-RAY DIFFRACTION' ? 5.284  2.085  361  ? r_mcbond_other               ? ? 
'X-RAY DIFFRACTION' ? 6.041  3.081  449  ? r_mcangle_it                 ? ? 
'X-RAY DIFFRACTION' ? 6.034  3.084  450  ? r_mcangle_other              ? ? 
'X-RAY DIFFRACTION' ? 42.750 3.128  411  ? r_scbond_it                  ? ? 
'X-RAY DIFFRACTION' ? 42.750 3.129  411  ? r_scbond_other               ? ? 
'X-RAY DIFFRACTION' ? ?      ?      ?    ? r_scangle_it                 ? ? 
'X-RAY DIFFRACTION' ? 30.949 4.233  605  ? r_scangle_other              ? ? 
'X-RAY DIFFRACTION' ? 26.274 19.349 916  ? r_long_range_B_refined       ? ? 
'X-RAY DIFFRACTION' ? 26.475 19.163 901  ? r_long_range_B_other         ? ? 
'X-RAY DIFFRACTION' ? ?      ?      ?    ? r_rigid_bond_restr           ? ? 
'X-RAY DIFFRACTION' ? ?      ?      ?    ? r_sphericity_free            ? ? 
'X-RAY DIFFRACTION' ? ?      ?      ?    ? r_sphericity_bonded          ? ? 
# 
_refine_ls_shell.pdbx_refine_id                   'X-RAY DIFFRACTION' 
_refine_ls_shell.d_res_high                       1.780 
_refine_ls_shell.d_res_low                        1.826 
_refine_ls_shell.number_reflns_all                ? 
_refine_ls_shell.number_reflns_obs                ? 
_refine_ls_shell.number_reflns_R_free             30 
_refine_ls_shell.number_reflns_R_work             668 
_refine_ls_shell.percent_reflns_obs               98.87 
_refine_ls_shell.percent_reflns_R_free            ? 
_refine_ls_shell.R_factor_all                     ? 
_refine_ls_shell.R_factor_obs                     ? 
_refine_ls_shell.R_factor_R_free                  0.361 
_refine_ls_shell.R_factor_R_free_error            ? 
_refine_ls_shell.R_factor_R_work                  0.272 
_refine_ls_shell.redundancy_reflns_all            ? 
_refine_ls_shell.redundancy_reflns_obs            ? 
_refine_ls_shell.wR_factor_all                    ? 
_refine_ls_shell.wR_factor_obs                    ? 
_refine_ls_shell.wR_factor_R_free                 ? 
_refine_ls_shell.wR_factor_R_work                 ? 
_refine_ls_shell.pdbx_total_number_of_bins_used   20 
_refine_ls_shell.pdbx_phase_error                 ? 
_refine_ls_shell.pdbx_fsc_work                    ? 
_refine_ls_shell.pdbx_fsc_free                    ? 
# 
_struct.entry_id                     6H8F 
_struct.title                        
'Fragment of the C-terminal domain of the TssA component of the type VI secretion system from Burkholderia cenocepacia' 
_struct.pdbx_model_details           ? 
_struct.pdbx_formula_weight          ? 
_struct.pdbx_formula_weight_method   ? 
_struct.pdbx_model_type_details      ? 
_struct.pdbx_CASP_flag               N 
# 
_struct_keywords.entry_id        6H8F 
_struct_keywords.text            'alpha-helical protein, type VI secretion system component, TssA, transport protein' 
_struct_keywords.pdbx_keywords   'TRANSPORT PROTEIN' 
# 
loop_
_struct_asym.id 
_struct_asym.pdbx_blank_PDB_chainid_flag 
_struct_asym.pdbx_modified 
_struct_asym.entity_id 
_struct_asym.details 
A N N 1 ? 
B N N 1 ? 
C N N 2 ? 
D N N 2 ? 
# 
_struct_ref.id                         1 
_struct_ref.db_name                    UNP 
_struct_ref.db_code                    A0A1V2W6E8_9BURK 
_struct_ref.pdbx_db_accession          A0A1V2W6E8 
_struct_ref.pdbx_db_isoform            ? 
_struct_ref.entity_id                  1 
_struct_ref.pdbx_seq_one_letter_code   IQNRAQAVDQLRAVARYFRQTEPHSPVAYLADKAAEWADMPLHKWLESVVKDDGSLSHIRELLGVRPDEQS 
_struct_ref.pdbx_align_begin           303 
# 
loop_
_struct_ref_seq.align_id 
_struct_ref_seq.ref_id 
_struct_ref_seq.pdbx_PDB_id_code 
_struct_ref_seq.pdbx_strand_id 
_struct_ref_seq.seq_align_beg 
_struct_ref_seq.pdbx_seq_align_beg_ins_code 
_struct_ref_seq.seq_align_end 
_struct_ref_seq.pdbx_seq_align_end_ins_code 
_struct_ref_seq.pdbx_db_accession 
_struct_ref_seq.db_align_beg 
_struct_ref_seq.pdbx_db_align_beg_ins_code 
_struct_ref_seq.db_align_end 
_struct_ref_seq.pdbx_db_align_end_ins_code 
_struct_ref_seq.pdbx_auth_seq_align_beg 
_struct_ref_seq.pdbx_auth_seq_align_end 
1 1 6H8F A 5 ? 75 ? A0A1V2W6E8 303 ? 373 ? 303 373 
2 1 6H8F B 5 ? 75 ? A0A1V2W6E8 303 ? 373 ? 303 373 
# 
loop_
_struct_ref_seq_dif.align_id 
_struct_ref_seq_dif.pdbx_pdb_id_code 
_struct_ref_seq_dif.mon_id 
_struct_ref_seq_dif.pdbx_pdb_strand_id 
_struct_ref_seq_dif.seq_num 
_struct_ref_seq_dif.pdbx_pdb_ins_code 
_struct_ref_seq_dif.pdbx_seq_db_name 
_struct_ref_seq_dif.pdbx_seq_db_accession_code 
_struct_ref_seq_dif.db_mon_id 
_struct_ref_seq_dif.pdbx_seq_db_seq_num 
_struct_ref_seq_dif.details 
_struct_ref_seq_dif.pdbx_auth_seq_num 
_struct_ref_seq_dif.pdbx_ordinal 
1 6H8F ILE A 1 ? UNP A0A1V2W6E8 ? ? 'expression tag' 299 1 
1 6H8F SER A 2 ? UNP A0A1V2W6E8 ? ? 'expression tag' 300 2 
1 6H8F HIS A 3 ? UNP A0A1V2W6E8 ? ? 'expression tag' 301 3 
1 6H8F MET A 4 ? UNP A0A1V2W6E8 ? ? 'expression tag' 302 4 
2 6H8F ILE B 1 ? UNP A0A1V2W6E8 ? ? 'expression tag' 299 5 
2 6H8F SER B 2 ? UNP A0A1V2W6E8 ? ? 'expression tag' 300 6 
2 6H8F HIS B 3 ? UNP A0A1V2W6E8 ? ? 'expression tag' 301 7 
2 6H8F MET B 4 ? UNP A0A1V2W6E8 ? ? 'expression tag' 302 8 
# 
_pdbx_struct_assembly.id                   1 
_pdbx_struct_assembly.details              author_and_software_defined_assembly 
_pdbx_struct_assembly.method_details       PISA 
_pdbx_struct_assembly.oligomeric_details   dimeric 
_pdbx_struct_assembly.oligomeric_count     2 
# 
loop_
_pdbx_struct_assembly_prop.biol_id 
_pdbx_struct_assembly_prop.type 
_pdbx_struct_assembly_prop.value 
_pdbx_struct_assembly_prop.details 
1 'ABSA (A^2)' 2060 ? 
1 MORE         -23  ? 
1 'SSA (A^2)'  6230 ? 
# 
_pdbx_struct_assembly_gen.assembly_id       1 
_pdbx_struct_assembly_gen.oper_expression   1 
_pdbx_struct_assembly_gen.asym_id_list      A,B,C,D 
# 
_pdbx_struct_assembly_auth_evidence.id                     1 
_pdbx_struct_assembly_auth_evidence.assembly_id            1 
_pdbx_struct_assembly_auth_evidence.experimental_support   none 
_pdbx_struct_assembly_auth_evidence.details                ? 
# 
_pdbx_struct_oper_list.id                   1 
_pdbx_struct_oper_list.type                 'identity operation' 
_pdbx_struct_oper_list.name                 1_555 
_pdbx_struct_oper_list.symmetry_operation   x,y,z 
_pdbx_struct_oper_list.matrix[1][1]         1.0000000000 
_pdbx_struct_oper_list.matrix[1][2]         0.0000000000 
_pdbx_struct_oper_list.matrix[1][3]         0.0000000000 
_pdbx_struct_oper_list.vector[1]            0.0000000000 
_pdbx_struct_oper_list.matrix[2][1]         0.0000000000 
_pdbx_struct_oper_list.matrix[2][2]         1.0000000000 
_pdbx_struct_oper_list.matrix[2][3]         0.0000000000 
_pdbx_struct_oper_list.vector[2]            0.0000000000 
_pdbx_struct_oper_list.matrix[3][1]         0.0000000000 
_pdbx_struct_oper_list.matrix[3][2]         0.0000000000 
_pdbx_struct_oper_list.matrix[3][3]         1.0000000000 
_pdbx_struct_oper_list.vector[3]            0.0000000000 
# 
loop_
_struct_conf.conf_type_id 
_struct_conf.id 
_struct_conf.pdbx_PDB_helix_id 
_struct_conf.beg_label_comp_id 
_struct_conf.beg_label_asym_id 
_struct_conf.beg_label_seq_id 
_struct_conf.pdbx_beg_PDB_ins_code 
_struct_conf.end_label_comp_id 
_struct_conf.end_label_asym_id 
_struct_conf.end_label_seq_id 
_struct_conf.pdbx_end_PDB_ins_code 
_struct_conf.beg_auth_comp_id 
_struct_conf.beg_auth_asym_id 
_struct_conf.beg_auth_seq_id 
_struct_conf.end_auth_comp_id 
_struct_conf.end_auth_asym_id 
_struct_conf.end_auth_seq_id 
_struct_conf.pdbx_PDB_helix_class 
_struct_conf.details 
_struct_conf.pdbx_PDB_helix_length 
HELX_P HELX_P1 AA1 ASN A 7  ? GLU A 26 ? ASN A 305 GLU A 324 1 ? 20 
HELX_P HELX_P2 AA2 SER A 29 ? ASP A 43 ? SER A 327 ASP A 341 1 ? 15 
HELX_P HELX_P3 AA3 ASN B 7  ? GLU B 26 ? ASN B 305 GLU B 324 1 ? 20 
HELX_P HELX_P4 AA4 SER B 29 ? ASP B 43 ? SER B 327 ASP B 341 1 ? 15 
# 
_struct_conf_type.id          HELX_P 
_struct_conf_type.criteria    ? 
_struct_conf_type.reference   ? 
# 
_pdbx_validate_torsion.id              1 
_pdbx_validate_torsion.PDB_model_num   1 
_pdbx_validate_torsion.auth_comp_id    GLU 
_pdbx_validate_torsion.auth_asym_id    B 
_pdbx_validate_torsion.auth_seq_id     324 
_pdbx_validate_torsion.PDB_ins_code    ? 
_pdbx_validate_torsion.label_alt_id    ? 
_pdbx_validate_torsion.phi             -140.98 
_pdbx_validate_torsion.psi             59.06 
# 
loop_
_pdbx_unobs_or_zero_occ_residues.id 
_pdbx_unobs_or_zero_occ_residues.PDB_model_num 
_pdbx_unobs_or_zero_occ_residues.polymer_flag 
_pdbx_unobs_or_zero_occ_residues.occupancy_flag 
_pdbx_unobs_or_zero_occ_residues.auth_asym_id 
_pdbx_unobs_or_zero_occ_residues.auth_comp_id 
_pdbx_unobs_or_zero_occ_residues.auth_seq_id 
_pdbx_unobs_or_zero_occ_residues.PDB_ins_code 
_pdbx_unobs_or_zero_occ_residues.label_asym_id 
_pdbx_unobs_or_zero_occ_residues.label_comp_id 
_pdbx_unobs_or_zero_occ_residues.label_seq_id 
1  1 Y 1 A ILE 299 ? A ILE 1  
2  1 Y 1 A SER 300 ? A SER 2  
3  1 Y 1 A HIS 301 ? A HIS 3  
4  1 Y 1 A MET 302 ? A MET 4  
5  1 Y 1 A LEU 348 ? A LEU 50 
6  1 Y 1 A GLU 349 ? A GLU 51 
7  1 Y 1 A SER 350 ? A SER 52 
8  1 Y 1 A VAL 351 ? A VAL 53 
9  1 Y 1 A VAL 352 ? A VAL 54 
10 1 Y 1 A LYS 353 ? A LYS 55 
11 1 Y 1 A ASP 354 ? A ASP 56 
12 1 Y 1 A ASP 355 ? A ASP 57 
13 1 Y 1 A GLY 356 ? A GLY 58 
14 1 Y 1 A SER 357 ? A SER 59 
15 1 Y 1 A LEU 358 ? A LEU 60 
16 1 Y 1 A SER 359 ? A SER 61 
17 1 Y 1 A HIS 360 ? A HIS 62 
18 1 Y 1 A ILE 361 ? A ILE 63 
19 1 Y 1 A ARG 362 ? A ARG 64 
20 1 Y 1 A GLU 363 ? A GLU 65 
21 1 Y 1 A LEU 364 ? A LEU 66 
22 1 Y 1 A LEU 365 ? A LEU 67 
23 1 Y 1 A GLY 366 ? A GLY 68 
24 1 Y 1 A VAL 367 ? A VAL 69 
25 1 Y 1 A ARG 368 ? A ARG 70 
26 1 Y 1 A PRO 369 ? A PRO 71 
27 1 Y 1 A ASP 370 ? A ASP 72 
28 1 Y 1 A GLU 371 ? A GLU 73 
29 1 Y 1 A GLN 372 ? A GLN 74 
30 1 Y 1 A SER 373 ? A SER 75 
31 1 Y 1 B ILE 299 ? B ILE 1  
32 1 Y 1 B SER 300 ? B SER 2  
33 1 Y 1 B HIS 301 ? B HIS 3  
34 1 Y 1 B LEU 348 ? B LEU 50 
35 1 Y 1 B GLU 349 ? B GLU 51 
36 1 Y 1 B SER 350 ? B SER 52 
37 1 Y 1 B VAL 351 ? B VAL 53 
38 1 Y 1 B VAL 352 ? B VAL 54 
39 1 Y 1 B LYS 353 ? B LYS 55 
40 1 Y 1 B ASP 354 ? B ASP 56 
41 1 Y 1 B ASP 355 ? B ASP 57 
42 1 Y 1 B GLY 356 ? B GLY 58 
43 1 Y 1 B SER 357 ? B SER 59 
44 1 Y 1 B LEU 358 ? B LEU 60 
45 1 Y 1 B SER 359 ? B SER 61 
46 1 Y 1 B HIS 360 ? B HIS 62 
47 1 Y 1 B ILE 361 ? B ILE 63 
48 1 Y 1 B ARG 362 ? B ARG 64 
49 1 Y 1 B GLU 363 ? B GLU 65 
50 1 Y 1 B LEU 364 ? B LEU 66 
51 1 Y 1 B LEU 365 ? B LEU 67 
52 1 Y 1 B GLY 366 ? B GLY 68 
53 1 Y 1 B VAL 367 ? B VAL 69 
54 1 Y 1 B ARG 368 ? B ARG 70 
55 1 Y 1 B PRO 369 ? B PRO 71 
56 1 Y 1 B ASP 370 ? B ASP 72 
57 1 Y 1 B GLU 371 ? B GLU 73 
58 1 Y 1 B GLN 372 ? B GLN 74 
59 1 Y 1 B SER 373 ? B SER 75 
# 
loop_
_chem_comp_atom.comp_id 
_chem_comp_atom.atom_id 
_chem_comp_atom.type_symbol 
_chem_comp_atom.pdbx_aromatic_flag 
_chem_comp_atom.pdbx_stereo_config 
_chem_comp_atom.pdbx_ordinal 
ALA N    N N N 1   
ALA CA   C N S 2   
ALA C    C N N 3   
ALA O    O N N 4   
ALA CB   C N N 5   
ALA OXT  O N N 6   
ALA H    H N N 7   
ALA H2   H N N 8   
ALA HA   H N N 9   
ALA HB1  H N N 10  
ALA HB2  H N N 11  
ALA HB3  H N N 12  
ALA HXT  H N N 13  
ARG N    N N N 14  
ARG CA   C N S 15  
ARG C    C N N 16  
ARG O    O N N 17  
ARG CB   C N N 18  
ARG CG   C N N 19  
ARG CD   C N N 20  
ARG NE   N N N 21  
ARG CZ   C N N 22  
ARG NH1  N N N 23  
ARG NH2  N N N 24  
ARG OXT  O N N 25  
ARG H    H N N 26  
ARG H2   H N N 27  
ARG HA   H N N 28  
ARG HB2  H N N 29  
ARG HB3  H N N 30  
ARG HG2  H N N 31  
ARG HG3  H N N 32  
ARG HD2  H N N 33  
ARG HD3  H N N 34  
ARG HE   H N N 35  
ARG HH11 H N N 36  
ARG HH12 H N N 37  
ARG HH21 H N N 38  
ARG HH22 H N N 39  
ARG HXT  H N N 40  
ASN N    N N N 41  
ASN CA   C N S 42  
ASN C    C N N 43  
ASN O    O N N 44  
ASN CB   C N N 45  
ASN CG   C N N 46  
ASN OD1  O N N 47  
ASN ND2  N N N 48  
ASN OXT  O N N 49  
ASN H    H N N 50  
ASN H2   H N N 51  
ASN HA   H N N 52  
ASN HB2  H N N 53  
ASN HB3  H N N 54  
ASN HD21 H N N 55  
ASN HD22 H N N 56  
ASN HXT  H N N 57  
ASP N    N N N 58  
ASP CA   C N S 59  
ASP C    C N N 60  
ASP O    O N N 61  
ASP CB   C N N 62  
ASP CG   C N N 63  
ASP OD1  O N N 64  
ASP OD2  O N N 65  
ASP OXT  O N N 66  
ASP H    H N N 67  
ASP H2   H N N 68  
ASP HA   H N N 69  
ASP HB2  H N N 70  
ASP HB3  H N N 71  
ASP HD2  H N N 72  
ASP HXT  H N N 73  
GLN N    N N N 74  
GLN CA   C N S 75  
GLN C    C N N 76  
GLN O    O N N 77  
GLN CB   C N N 78  
GLN CG   C N N 79  
GLN CD   C N N 80  
GLN OE1  O N N 81  
GLN NE2  N N N 82  
GLN OXT  O N N 83  
GLN H    H N N 84  
GLN H2   H N N 85  
GLN HA   H N N 86  
GLN HB2  H N N 87  
GLN HB3  H N N 88  
GLN HG2  H N N 89  
GLN HG3  H N N 90  
GLN HE21 H N N 91  
GLN HE22 H N N 92  
GLN HXT  H N N 93  
GLU N    N N N 94  
GLU CA   C N S 95  
GLU C    C N N 96  
GLU O    O N N 97  
GLU CB   C N N 98  
GLU CG   C N N 99  
GLU CD   C N N 100 
GLU OE1  O N N 101 
GLU OE2  O N N 102 
GLU OXT  O N N 103 
GLU H    H N N 104 
GLU H2   H N N 105 
GLU HA   H N N 106 
GLU HB2  H N N 107 
GLU HB3  H N N 108 
GLU HG2  H N N 109 
GLU HG3  H N N 110 
GLU HE2  H N N 111 
GLU HXT  H N N 112 
GLY N    N N N 113 
GLY CA   C N N 114 
GLY C    C N N 115 
GLY O    O N N 116 
GLY OXT  O N N 117 
GLY H    H N N 118 
GLY H2   H N N 119 
GLY HA2  H N N 120 
GLY HA3  H N N 121 
GLY HXT  H N N 122 
HIS N    N N N 123 
HIS CA   C N S 124 
HIS C    C N N 125 
HIS O    O N N 126 
HIS CB   C N N 127 
HIS CG   C Y N 128 
HIS ND1  N Y N 129 
HIS CD2  C Y N 130 
HIS CE1  C Y N 131 
HIS NE2  N Y N 132 
HIS OXT  O N N 133 
HIS H    H N N 134 
HIS H2   H N N 135 
HIS HA   H N N 136 
HIS HB2  H N N 137 
HIS HB3  H N N 138 
HIS HD1  H N N 139 
HIS HD2  H N N 140 
HIS HE1  H N N 141 
HIS HE2  H N N 142 
HIS HXT  H N N 143 
HOH O    O N N 144 
HOH H1   H N N 145 
HOH H2   H N N 146 
ILE N    N N N 147 
ILE CA   C N S 148 
ILE C    C N N 149 
ILE O    O N N 150 
ILE CB   C N S 151 
ILE CG1  C N N 152 
ILE CG2  C N N 153 
ILE CD1  C N N 154 
ILE OXT  O N N 155 
ILE H    H N N 156 
ILE H2   H N N 157 
ILE HA   H N N 158 
ILE HB   H N N 159 
ILE HG12 H N N 160 
ILE HG13 H N N 161 
ILE HG21 H N N 162 
ILE HG22 H N N 163 
ILE HG23 H N N 164 
ILE HD11 H N N 165 
ILE HD12 H N N 166 
ILE HD13 H N N 167 
ILE HXT  H N N 168 
LEU N    N N N 169 
LEU CA   C N S 170 
LEU C    C N N 171 
LEU O    O N N 172 
LEU CB   C N N 173 
LEU CG   C N N 174 
LEU CD1  C N N 175 
LEU CD2  C N N 176 
LEU OXT  O N N 177 
LEU H    H N N 178 
LEU H2   H N N 179 
LEU HA   H N N 180 
LEU HB2  H N N 181 
LEU HB3  H N N 182 
LEU HG   H N N 183 
LEU HD11 H N N 184 
LEU HD12 H N N 185 
LEU HD13 H N N 186 
LEU HD21 H N N 187 
LEU HD22 H N N 188 
LEU HD23 H N N 189 
LEU HXT  H N N 190 
LYS N    N N N 191 
LYS CA   C N S 192 
LYS C    C N N 193 
LYS O    O N N 194 
LYS CB   C N N 195 
LYS CG   C N N 196 
LYS CD   C N N 197 
LYS CE   C N N 198 
LYS NZ   N N N 199 
LYS OXT  O N N 200 
LYS H    H N N 201 
LYS H2   H N N 202 
LYS HA   H N N 203 
LYS HB2  H N N 204 
LYS HB3  H N N 205 
LYS HG2  H N N 206 
LYS HG3  H N N 207 
LYS HD2  H N N 208 
LYS HD3  H N N 209 
LYS HE2  H N N 210 
LYS HE3  H N N 211 
LYS HZ1  H N N 212 
LYS HZ2  H N N 213 
LYS HZ3  H N N 214 
LYS HXT  H N N 215 
MET N    N N N 216 
MET CA   C N S 217 
MET C    C N N 218 
MET O    O N N 219 
MET CB   C N N 220 
MET CG   C N N 221 
MET SD   S N N 222 
MET CE   C N N 223 
MET OXT  O N N 224 
MET H    H N N 225 
MET H2   H N N 226 
MET HA   H N N 227 
MET HB2  H N N 228 
MET HB3  H N N 229 
MET HG2  H N N 230 
MET HG3  H N N 231 
MET HE1  H N N 232 
MET HE2  H N N 233 
MET HE3  H N N 234 
MET HXT  H N N 235 
PHE N    N N N 236 
PHE CA   C N S 237 
PHE C    C N N 238 
PHE O    O N N 239 
PHE CB   C N N 240 
PHE CG   C Y N 241 
PHE CD1  C Y N 242 
PHE CD2  C Y N 243 
PHE CE1  C Y N 244 
PHE CE2  C Y N 245 
PHE CZ   C Y N 246 
PHE OXT  O N N 247 
PHE H    H N N 248 
PHE H2   H N N 249 
PHE HA   H N N 250 
PHE HB2  H N N 251 
PHE HB3  H N N 252 
PHE HD1  H N N 253 
PHE HD2  H N N 254 
PHE HE1  H N N 255 
PHE HE2  H N N 256 
PHE HZ   H N N 257 
PHE HXT  H N N 258 
PRO N    N N N 259 
PRO CA   C N S 260 
PRO C    C N N 261 
PRO O    O N N 262 
PRO CB   C N N 263 
PRO CG   C N N 264 
PRO CD   C N N 265 
PRO OXT  O N N 266 
PRO H    H N N 267 
PRO HA   H N N 268 
PRO HB2  H N N 269 
PRO HB3  H N N 270 
PRO HG2  H N N 271 
PRO HG3  H N N 272 
PRO HD2  H N N 273 
PRO HD3  H N N 274 
PRO HXT  H N N 275 
SER N    N N N 276 
SER CA   C N S 277 
SER C    C N N 278 
SER O    O N N 279 
SER CB   C N N 280 
SER OG   O N N 281 
SER OXT  O N N 282 
SER H    H N N 283 
SER H2   H N N 284 
SER HA   H N N 285 
SER HB2  H N N 286 
SER HB3  H N N 287 
SER HG   H N N 288 
SER HXT  H N N 289 
THR N    N N N 290 
THR CA   C N S 291 
THR C    C N N 292 
THR O    O N N 293 
THR CB   C N R 294 
THR OG1  O N N 295 
THR CG2  C N N 296 
THR OXT  O N N 297 
THR H    H N N 298 
THR H2   H N N 299 
THR HA   H N N 300 
THR HB   H N N 301 
THR HG1  H N N 302 
THR HG21 H N N 303 
THR HG22 H N N 304 
THR HG23 H N N 305 
THR HXT  H N N 306 
TRP N    N N N 307 
TRP CA   C N S 308 
TRP C    C N N 309 
TRP O    O N N 310 
TRP CB   C N N 311 
TRP CG   C Y N 312 
TRP CD1  C Y N 313 
TRP CD2  C Y N 314 
TRP NE1  N Y N 315 
TRP CE2  C Y N 316 
TRP CE3  C Y N 317 
TRP CZ2  C Y N 318 
TRP CZ3  C Y N 319 
TRP CH2  C Y N 320 
TRP OXT  O N N 321 
TRP H    H N N 322 
TRP H2   H N N 323 
TRP HA   H N N 324 
TRP HB2  H N N 325 
TRP HB3  H N N 326 
TRP HD1  H N N 327 
TRP HE1  H N N 328 
TRP HE3  H N N 329 
TRP HZ2  H N N 330 
TRP HZ3  H N N 331 
TRP HH2  H N N 332 
TRP HXT  H N N 333 
TYR N    N N N 334 
TYR CA   C N S 335 
TYR C    C N N 336 
TYR O    O N N 337 
TYR CB   C N N 338 
TYR CG   C Y N 339 
TYR CD1  C Y N 340 
TYR CD2  C Y N 341 
TYR CE1  C Y N 342 
TYR CE2  C Y N 343 
TYR CZ   C Y N 344 
TYR OH   O N N 345 
TYR OXT  O N N 346 
TYR H    H N N 347 
TYR H2   H N N 348 
TYR HA   H N N 349 
TYR HB2  H N N 350 
TYR HB3  H N N 351 
TYR HD1  H N N 352 
TYR HD2  H N N 353 
TYR HE1  H N N 354 
TYR HE2  H N N 355 
TYR HH   H N N 356 
TYR HXT  H N N 357 
VAL N    N N N 358 
VAL CA   C N S 359 
VAL C    C N N 360 
VAL O    O N N 361 
VAL CB   C N N 362 
VAL CG1  C N N 363 
VAL CG2  C N N 364 
VAL OXT  O N N 365 
VAL H    H N N 366 
VAL H2   H N N 367 
VAL HA   H N N 368 
VAL HB   H N N 369 
VAL HG11 H N N 370 
VAL HG12 H N N 371 
VAL HG13 H N N 372 
VAL HG21 H N N 373 
VAL HG22 H N N 374 
VAL HG23 H N N 375 
VAL HXT  H N N 376 
# 
loop_
_chem_comp_bond.comp_id 
_chem_comp_bond.atom_id_1 
_chem_comp_bond.atom_id_2 
_chem_comp_bond.value_order 
_chem_comp_bond.pdbx_aromatic_flag 
_chem_comp_bond.pdbx_stereo_config 
_chem_comp_bond.pdbx_ordinal 
ALA N   CA   sing N N 1   
ALA N   H    sing N N 2   
ALA N   H2   sing N N 3   
ALA CA  C    sing N N 4   
ALA CA  CB   sing N N 5   
ALA CA  HA   sing N N 6   
ALA C   O    doub N N 7   
ALA C   OXT  sing N N 8   
ALA CB  HB1  sing N N 9   
ALA CB  HB2  sing N N 10  
ALA CB  HB3  sing N N 11  
ALA OXT HXT  sing N N 12  
ARG N   CA   sing N N 13  
ARG N   H    sing N N 14  
ARG N   H2   sing N N 15  
ARG CA  C    sing N N 16  
ARG CA  CB   sing N N 17  
ARG CA  HA   sing N N 18  
ARG C   O    doub N N 19  
ARG C   OXT  sing N N 20  
ARG CB  CG   sing N N 21  
ARG CB  HB2  sing N N 22  
ARG CB  HB3  sing N N 23  
ARG CG  CD   sing N N 24  
ARG CG  HG2  sing N N 25  
ARG CG  HG3  sing N N 26  
ARG CD  NE   sing N N 27  
ARG CD  HD2  sing N N 28  
ARG CD  HD3  sing N N 29  
ARG NE  CZ   sing N N 30  
ARG NE  HE   sing N N 31  
ARG CZ  NH1  sing N N 32  
ARG CZ  NH2  doub N N 33  
ARG NH1 HH11 sing N N 34  
ARG NH1 HH12 sing N N 35  
ARG NH2 HH21 sing N N 36  
ARG NH2 HH22 sing N N 37  
ARG OXT HXT  sing N N 38  
ASN N   CA   sing N N 39  
ASN N   H    sing N N 40  
ASN N   H2   sing N N 41  
ASN CA  C    sing N N 42  
ASN CA  CB   sing N N 43  
ASN CA  HA   sing N N 44  
ASN C   O    doub N N 45  
ASN C   OXT  sing N N 46  
ASN CB  CG   sing N N 47  
ASN CB  HB2  sing N N 48  
ASN CB  HB3  sing N N 49  
ASN CG  OD1  doub N N 50  
ASN CG  ND2  sing N N 51  
ASN ND2 HD21 sing N N 52  
ASN ND2 HD22 sing N N 53  
ASN OXT HXT  sing N N 54  
ASP N   CA   sing N N 55  
ASP N   H    sing N N 56  
ASP N   H2   sing N N 57  
ASP CA  C    sing N N 58  
ASP CA  CB   sing N N 59  
ASP CA  HA   sing N N 60  
ASP C   O    doub N N 61  
ASP C   OXT  sing N N 62  
ASP CB  CG   sing N N 63  
ASP CB  HB2  sing N N 64  
ASP CB  HB3  sing N N 65  
ASP CG  OD1  doub N N 66  
ASP CG  OD2  sing N N 67  
ASP OD2 HD2  sing N N 68  
ASP OXT HXT  sing N N 69  
GLN N   CA   sing N N 70  
GLN N   H    sing N N 71  
GLN N   H2   sing N N 72  
GLN CA  C    sing N N 73  
GLN CA  CB   sing N N 74  
GLN CA  HA   sing N N 75  
GLN C   O    doub N N 76  
GLN C   OXT  sing N N 77  
GLN CB  CG   sing N N 78  
GLN CB  HB2  sing N N 79  
GLN CB  HB3  sing N N 80  
GLN CG  CD   sing N N 81  
GLN CG  HG2  sing N N 82  
GLN CG  HG3  sing N N 83  
GLN CD  OE1  doub N N 84  
GLN CD  NE2  sing N N 85  
GLN NE2 HE21 sing N N 86  
GLN NE2 HE22 sing N N 87  
GLN OXT HXT  sing N N 88  
GLU N   CA   sing N N 89  
GLU N   H    sing N N 90  
GLU N   H2   sing N N 91  
GLU CA  C    sing N N 92  
GLU CA  CB   sing N N 93  
GLU CA  HA   sing N N 94  
GLU C   O    doub N N 95  
GLU C   OXT  sing N N 96  
GLU CB  CG   sing N N 97  
GLU CB  HB2  sing N N 98  
GLU CB  HB3  sing N N 99  
GLU CG  CD   sing N N 100 
GLU CG  HG2  sing N N 101 
GLU CG  HG3  sing N N 102 
GLU CD  OE1  doub N N 103 
GLU CD  OE2  sing N N 104 
GLU OE2 HE2  sing N N 105 
GLU OXT HXT  sing N N 106 
GLY N   CA   sing N N 107 
GLY N   H    sing N N 108 
GLY N   H2   sing N N 109 
GLY CA  C    sing N N 110 
GLY CA  HA2  sing N N 111 
GLY CA  HA3  sing N N 112 
GLY C   O    doub N N 113 
GLY C   OXT  sing N N 114 
GLY OXT HXT  sing N N 115 
HIS N   CA   sing N N 116 
HIS N   H    sing N N 117 
HIS N   H2   sing N N 118 
HIS CA  C    sing N N 119 
HIS CA  CB   sing N N 120 
HIS CA  HA   sing N N 121 
HIS C   O    doub N N 122 
HIS C   OXT  sing N N 123 
HIS CB  CG   sing N N 124 
HIS CB  HB2  sing N N 125 
HIS CB  HB3  sing N N 126 
HIS CG  ND1  sing Y N 127 
HIS CG  CD2  doub Y N 128 
HIS ND1 CE1  doub Y N 129 
HIS ND1 HD1  sing N N 130 
HIS CD2 NE2  sing Y N 131 
HIS CD2 HD2  sing N N 132 
HIS CE1 NE2  sing Y N 133 
HIS CE1 HE1  sing N N 134 
HIS NE2 HE2  sing N N 135 
HIS OXT HXT  sing N N 136 
HOH O   H1   sing N N 137 
HOH O   H2   sing N N 138 
ILE N   CA   sing N N 139 
ILE N   H    sing N N 140 
ILE N   H2   sing N N 141 
ILE CA  C    sing N N 142 
ILE CA  CB   sing N N 143 
ILE CA  HA   sing N N 144 
ILE C   O    doub N N 145 
ILE C   OXT  sing N N 146 
ILE CB  CG1  sing N N 147 
ILE CB  CG2  sing N N 148 
ILE CB  HB   sing N N 149 
ILE CG1 CD1  sing N N 150 
ILE CG1 HG12 sing N N 151 
ILE CG1 HG13 sing N N 152 
ILE CG2 HG21 sing N N 153 
ILE CG2 HG22 sing N N 154 
ILE CG2 HG23 sing N N 155 
ILE CD1 HD11 sing N N 156 
ILE CD1 HD12 sing N N 157 
ILE CD1 HD13 sing N N 158 
ILE OXT HXT  sing N N 159 
LEU N   CA   sing N N 160 
LEU N   H    sing N N 161 
LEU N   H2   sing N N 162 
LEU CA  C    sing N N 163 
LEU CA  CB   sing N N 164 
LEU CA  HA   sing N N 165 
LEU C   O    doub N N 166 
LEU C   OXT  sing N N 167 
LEU CB  CG   sing N N 168 
LEU CB  HB2  sing N N 169 
LEU CB  HB3  sing N N 170 
LEU CG  CD1  sing N N 171 
LEU CG  CD2  sing N N 172 
LEU CG  HG   sing N N 173 
LEU CD1 HD11 sing N N 174 
LEU CD1 HD12 sing N N 175 
LEU CD1 HD13 sing N N 176 
LEU CD2 HD21 sing N N 177 
LEU CD2 HD22 sing N N 178 
LEU CD2 HD23 sing N N 179 
LEU OXT HXT  sing N N 180 
LYS N   CA   sing N N 181 
LYS N   H    sing N N 182 
LYS N   H2   sing N N 183 
LYS CA  C    sing N N 184 
LYS CA  CB   sing N N 185 
LYS CA  HA   sing N N 186 
LYS C   O    doub N N 187 
LYS C   OXT  sing N N 188 
LYS CB  CG   sing N N 189 
LYS CB  HB2  sing N N 190 
LYS CB  HB3  sing N N 191 
LYS CG  CD   sing N N 192 
LYS CG  HG2  sing N N 193 
LYS CG  HG3  sing N N 194 
LYS CD  CE   sing N N 195 
LYS CD  HD2  sing N N 196 
LYS CD  HD3  sing N N 197 
LYS CE  NZ   sing N N 198 
LYS CE  HE2  sing N N 199 
LYS CE  HE3  sing N N 200 
LYS NZ  HZ1  sing N N 201 
LYS NZ  HZ2  sing N N 202 
LYS NZ  HZ3  sing N N 203 
LYS OXT HXT  sing N N 204 
MET N   CA   sing N N 205 
MET N   H    sing N N 206 
MET N   H2   sing N N 207 
MET CA  C    sing N N 208 
MET CA  CB   sing N N 209 
MET CA  HA   sing N N 210 
MET C   O    doub N N 211 
MET C   OXT  sing N N 212 
MET CB  CG   sing N N 213 
MET CB  HB2  sing N N 214 
MET CB  HB3  sing N N 215 
MET CG  SD   sing N N 216 
MET CG  HG2  sing N N 217 
MET CG  HG3  sing N N 218 
MET SD  CE   sing N N 219 
MET CE  HE1  sing N N 220 
MET CE  HE2  sing N N 221 
MET CE  HE3  sing N N 222 
MET OXT HXT  sing N N 223 
PHE N   CA   sing N N 224 
PHE N   H    sing N N 225 
PHE N   H2   sing N N 226 
PHE CA  C    sing N N 227 
PHE CA  CB   sing N N 228 
PHE CA  HA   sing N N 229 
PHE C   O    doub N N 230 
PHE C   OXT  sing N N 231 
PHE CB  CG   sing N N 232 
PHE CB  HB2  sing N N 233 
PHE CB  HB3  sing N N 234 
PHE CG  CD1  doub Y N 235 
PHE CG  CD2  sing Y N 236 
PHE CD1 CE1  sing Y N 237 
PHE CD1 HD1  sing N N 238 
PHE CD2 CE2  doub Y N 239 
PHE CD2 HD2  sing N N 240 
PHE CE1 CZ   doub Y N 241 
PHE CE1 HE1  sing N N 242 
PHE CE2 CZ   sing Y N 243 
PHE CE2 HE2  sing N N 244 
PHE CZ  HZ   sing N N 245 
PHE OXT HXT  sing N N 246 
PRO N   CA   sing N N 247 
PRO N   CD   sing N N 248 
PRO N   H    sing N N 249 
PRO CA  C    sing N N 250 
PRO CA  CB   sing N N 251 
PRO CA  HA   sing N N 252 
PRO C   O    doub N N 253 
PRO C   OXT  sing N N 254 
PRO CB  CG   sing N N 255 
PRO CB  HB2  sing N N 256 
PRO CB  HB3  sing N N 257 
PRO CG  CD   sing N N 258 
PRO CG  HG2  sing N N 259 
PRO CG  HG3  sing N N 260 
PRO CD  HD2  sing N N 261 
PRO CD  HD3  sing N N 262 
PRO OXT HXT  sing N N 263 
SER N   CA   sing N N 264 
SER N   H    sing N N 265 
SER N   H2   sing N N 266 
SER CA  C    sing N N 267 
SER CA  CB   sing N N 268 
SER CA  HA   sing N N 269 
SER C   O    doub N N 270 
SER C   OXT  sing N N 271 
SER CB  OG   sing N N 272 
SER CB  HB2  sing N N 273 
SER CB  HB3  sing N N 274 
SER OG  HG   sing N N 275 
SER OXT HXT  sing N N 276 
THR N   CA   sing N N 277 
THR N   H    sing N N 278 
THR N   H2   sing N N 279 
THR CA  C    sing N N 280 
THR CA  CB   sing N N 281 
THR CA  HA   sing N N 282 
THR C   O    doub N N 283 
THR C   OXT  sing N N 284 
THR CB  OG1  sing N N 285 
THR CB  CG2  sing N N 286 
THR CB  HB   sing N N 287 
THR OG1 HG1  sing N N 288 
THR CG2 HG21 sing N N 289 
THR CG2 HG22 sing N N 290 
THR CG2 HG23 sing N N 291 
THR OXT HXT  sing N N 292 
TRP N   CA   sing N N 293 
TRP N   H    sing N N 294 
TRP N   H2   sing N N 295 
TRP CA  C    sing N N 296 
TRP CA  CB   sing N N 297 
TRP CA  HA   sing N N 298 
TRP C   O    doub N N 299 
TRP C   OXT  sing N N 300 
TRP CB  CG   sing N N 301 
TRP CB  HB2  sing N N 302 
TRP CB  HB3  sing N N 303 
TRP CG  CD1  doub Y N 304 
TRP CG  CD2  sing Y N 305 
TRP CD1 NE1  sing Y N 306 
TRP CD1 HD1  sing N N 307 
TRP CD2 CE2  doub Y N 308 
TRP CD2 CE3  sing Y N 309 
TRP NE1 CE2  sing Y N 310 
TRP NE1 HE1  sing N N 311 
TRP CE2 CZ2  sing Y N 312 
TRP CE3 CZ3  doub Y N 313 
TRP CE3 HE3  sing N N 314 
TRP CZ2 CH2  doub Y N 315 
TRP CZ2 HZ2  sing N N 316 
TRP CZ3 CH2  sing Y N 317 
TRP CZ3 HZ3  sing N N 318 
TRP CH2 HH2  sing N N 319 
TRP OXT HXT  sing N N 320 
TYR N   CA   sing N N 321 
TYR N   H    sing N N 322 
TYR N   H2   sing N N 323 
TYR CA  C    sing N N 324 
TYR CA  CB   sing N N 325 
TYR CA  HA   sing N N 326 
TYR C   O    doub N N 327 
TYR C   OXT  sing N N 328 
TYR CB  CG   sing N N 329 
TYR CB  HB2  sing N N 330 
TYR CB  HB3  sing N N 331 
TYR CG  CD1  doub Y N 332 
TYR CG  CD2  sing Y N 333 
TYR CD1 CE1  sing Y N 334 
TYR CD1 HD1  sing N N 335 
TYR CD2 CE2  doub Y N 336 
TYR CD2 HD2  sing N N 337 
TYR CE1 CZ   doub Y N 338 
TYR CE1 HE1  sing N N 339 
TYR CE2 CZ   sing Y N 340 
TYR CE2 HE2  sing N N 341 
TYR CZ  OH   sing N N 342 
TYR OH  HH   sing N N 343 
TYR OXT HXT  sing N N 344 
VAL N   CA   sing N N 345 
VAL N   H    sing N N 346 
VAL N   H2   sing N N 347 
VAL CA  C    sing N N 348 
VAL CA  CB   sing N N 349 
VAL CA  HA   sing N N 350 
VAL C   O    doub N N 351 
VAL C   OXT  sing N N 352 
VAL CB  CG1  sing N N 353 
VAL CB  CG2  sing N N 354 
VAL CB  HB   sing N N 355 
VAL CG1 HG11 sing N N 356 
VAL CG1 HG12 sing N N 357 
VAL CG1 HG13 sing N N 358 
VAL CG2 HG21 sing N N 359 
VAL CG2 HG22 sing N N 360 
VAL CG2 HG23 sing N N 361 
VAL OXT HXT  sing N N 362 
# 
loop_
_pdbx_audit_support.funding_organization 
_pdbx_audit_support.country 
_pdbx_audit_support.grant_number 
_pdbx_audit_support.ordinal 
'Biotechnology and Biological Sciences Research Council' 'United Kingdom' BB/J014443/1 1 
'Biotechnology and Biological Sciences Research Council' 'United Kingdom' BB/F016840/1 2 
'Higher Education Funding Council for England (HEFCE)'   'United Kingdom' R/151699     3 
# 
_atom_sites.entry_id                    6H8F 
_atom_sites.fract_transf_matrix[1][1]   -0.01679407 
_atom_sites.fract_transf_matrix[1][2]   0.00490101 
_atom_sites.fract_transf_matrix[1][3]   0.01110401 
_atom_sites.fract_transf_matrix[2][1]   0.00834882 
_atom_sites.fract_transf_matrix[2][2]   0.01121210 
_atom_sites.fract_transf_matrix[2][3]   0.00767832 
_atom_sites.fract_transf_matrix[3][1]   -0.00399827 
_atom_sites.fract_transf_matrix[3][2]   0.01020217 
_atom_sites.fract_transf_matrix[3][3]   -0.01055008 
_atom_sites.fract_transf_vector[1]      0.236094 
_atom_sites.fract_transf_vector[2]      1.008206 
_atom_sites.fract_transf_vector[3]      0.314309 
# 
loop_
_atom_type.symbol 
C 
N 
O 
S 
# 
loop_
_atom_site.group_PDB 
_atom_site.id 
_atom_site.type_symbol 
_atom_site.label_atom_id 
_atom_site.label_alt_id 
_atom_site.label_comp_id 
_atom_site.label_asym_id 
_atom_site.label_entity_id 
_atom_site.label_seq_id 
_atom_site.pdbx_PDB_ins_code 
_atom_site.Cartn_x 
_atom_site.Cartn_y 
_atom_site.Cartn_z 
_atom_site.occupancy 
_atom_site.B_iso_or_equiv 
_atom_site.pdbx_formal_charge 
_atom_site.auth_seq_id 
_atom_site.auth_comp_id 
_atom_site.auth_asym_id 
_atom_site.auth_atom_id 
_atom_site.pdbx_PDB_model_num 
ATOM   1   N N   . ILE A 1 5  ? 0.655   -6.127  12.862  1.00 43.50  ? 303 ILE A N   1 
ATOM   2   C CA  . ILE A 1 5  ? 1.948   -5.435  12.562  1.00 33.72  ? 303 ILE A CA  1 
ATOM   3   C C   . ILE A 1 5  ? 2.540   -4.847  13.851  1.00 26.58  ? 303 ILE A C   1 
ATOM   4   O O   . ILE A 1 5  ? 1.926   -4.008  14.477  1.00 33.91  ? 303 ILE A O   1 
ATOM   5   C CB  . ILE A 1 5  ? 1.759   -4.294  11.518  1.00 32.61  ? 303 ILE A CB  1 
ATOM   6   C CG1 . ILE A 1 5  ? 1.254   -4.873  10.185  1.00 25.65  ? 303 ILE A CG1 1 
ATOM   7   C CG2 . ILE A 1 5  ? 3.056   -3.502  11.347  1.00 33.16  ? 303 ILE A CG2 1 
ATOM   8   C CD1 . ILE A 1 5  ? 0.555   -3.881  9.273   1.00 27.12  ? 303 ILE A CD1 1 
ATOM   9   N N   . GLN A 1 6  ? 3.771   -5.238  14.164  1.00 34.75  ? 304 GLN A N   1 
ATOM   10  C CA  . GLN A 1 6  ? 4.437   -4.900  15.430  1.00 44.10  ? 304 GLN A CA  1 
ATOM   11  C C   . GLN A 1 6  ? 5.363   -3.702  15.337  1.00 52.41  ? 304 GLN A C   1 
ATOM   12  O O   . GLN A 1 6  ? 5.691   -3.124  16.352  1.00 38.24  ? 304 GLN A O   1 
ATOM   13  C CB  . GLN A 1 6  ? 5.292   -6.088  15.901  1.00 54.57  ? 304 GLN A CB  1 
ATOM   14  C CG  . GLN A 1 6  ? 4.562   -7.420  15.990  1.00 46.04  ? 304 GLN A CG  1 
ATOM   15  C CD  . GLN A 1 6  ? 3.347   -7.339  16.884  1.00 57.57  ? 304 GLN A CD  1 
ATOM   16  O OE1 . GLN A 1 6  ? 3.431   -6.850  18.007  1.00 65.05  ? 304 GLN A OE1 1 
ATOM   17  N NE2 . GLN A 1 6  ? 2.211   -7.795  16.385  1.00 67.19  ? 304 GLN A NE2 1 
ATOM   18  N N   . ASN A 1 7  ? 5.822   -3.363  14.134  1.00 28.35  ? 305 ASN A N   1 
ATOM   19  C CA  . ASN A 1 7  ? 6.825   -2.322  13.955  1.00 26.17  ? 305 ASN A CA  1 
ATOM   20  C C   . ASN A 1 7  ? 6.903   -1.883  12.485  1.00 18.52  ? 305 ASN A C   1 
ATOM   21  O O   . ASN A 1 7  ? 6.347   -2.555  11.611  1.00 17.81  ? 305 ASN A O   1 
ATOM   22  C CB  . ASN A 1 7  ? 8.185   -2.812  14.423  1.00 22.62  ? 305 ASN A CB  1 
ATOM   23  C CG  . ASN A 1 7  ? 8.605   -4.118  13.781  1.00 44.04  ? 305 ASN A CG  1 
ATOM   24  O OD1 . ASN A 1 7  ? 8.666   -4.246  12.561  1.00 27.60  ? 305 ASN A OD1 1 
ATOM   25  N ND2 . ASN A 1 7  ? 8.943   -5.093  14.614  1.00 37.94  ? 305 ASN A ND2 1 
ATOM   26  N N   . ARG A 1 8  ? 7.617   -0.791  12.251  1.00 24.62  ? 306 ARG A N   1 
ATOM   27  C CA  . ARG A 1 8  ? 7.711   -0.195  10.925  1.00 18.97  ? 306 ARG A CA  1 
ATOM   28  C C   . ARG A 1 8  ? 8.311   -1.149  9.882   1.00 26.08  ? 306 ARG A C   1 
ATOM   29  O O   . ARG A 1 8  ? 7.830   -1.217  8.738   1.00 15.89  ? 306 ARG A O   1 
ATOM   30  C CB  . ARG A 1 8  ? 8.517   1.113   10.952  1.00 17.43  ? 306 ARG A CB  1 
ATOM   31  C CG  . ARG A 1 8  ? 8.349   1.930   9.684   1.00 13.51  ? 306 ARG A CG  1 
ATOM   32  C CD  . ARG A 1 8  ? 9.044   3.285   9.758   1.00 18.53  ? 306 ARG A CD  1 
ATOM   33  N NE  . ARG A 1 8  ? 8.873   4.106   8.557   1.00 14.03  ? 306 ARG A NE  1 
ATOM   34  C CZ  . ARG A 1 8  ? 9.561   3.956   7.401   1.00 20.40  ? 306 ARG A CZ  1 
ATOM   35  N NH1 . ARG A 1 8  ? 10.401  2.943   7.208   1.00 25.79  ? 306 ARG A NH1 1 
ATOM   36  N NH2 . ARG A 1 8  ? 9.350   4.783   6.412   1.00 31.99  ? 306 ARG A NH2 1 
ATOM   37  N N   . ALA A 1 9  ? 9.368   -1.870  10.256  1.00 23.93  ? 307 ALA A N   1 
ATOM   38  C CA  . ALA A 1 9  ? 10.001  -2.815  9.339   1.00 23.28  ? 307 ALA A CA  1 
ATOM   39  C C   . ALA A 1 9  ? 9.011   -3.863  8.848   1.00 24.61  ? 307 ALA A C   1 
ATOM   40  O O   . ALA A 1 9  ? 8.983   -4.179  7.666   1.00 19.86  ? 307 ALA A O   1 
ATOM   41  C CB  . ALA A 1 9  ? 11.205  -3.502  10.005  1.00 29.70  ? 307 ALA A CB  1 
ATOM   42  N N   . GLN A 1 10 ? 8.203   -4.416  9.746   1.00 21.19  ? 308 GLN A N   1 
ATOM   43  C CA  . GLN A 1 10 ? 7.162   -5.350  9.348   1.00 20.64  ? 308 GLN A CA  1 
ATOM   44  C C   . GLN A 1 10 ? 6.098   -4.680  8.459   1.00 23.47  ? 308 GLN A C   1 
ATOM   45  O O   . GLN A 1 10 ? 5.573   -5.298  7.521   1.00 18.98  ? 308 GLN A O   1 
ATOM   46  C CB  . GLN A 1 10 ? 6.512   -5.952  10.588  1.00 29.99  ? 308 GLN A CB  1 
ATOM   47  C CG  . GLN A 1 10 ? 5.290   -6.789  10.337  1.00 31.38  ? 308 GLN A CG  1 
ATOM   48  C CD  . GLN A 1 10 ? 4.911   -7.615  11.548  1.00 60.46  ? 308 GLN A CD  1 
ATOM   49  O OE1 . GLN A 1 10 ? 5.281   -7.296  12.671  1.00 34.53  ? 308 GLN A OE1 1 
ATOM   50  N NE2 . GLN A 1 10 ? 4.158   -8.676  11.323  1.00 53.03  ? 308 GLN A NE2 1 
ATOM   51  N N   . ALA A 1 11 ? 5.760   -3.424  8.780   1.00 19.92  ? 309 ALA A N   1 
ATOM   52  C CA  . ALA A 1 11 ? 4.747   -2.691  8.006   1.00 15.80  ? 309 ALA A CA  1 
ATOM   53  C C   . ALA A 1 11 ? 5.250   -2.466  6.572   1.00 17.59  ? 309 ALA A C   1 
ATOM   54  O O   . ALA A 1 11 ? 4.519   -2.640  5.606   1.00 17.21  ? 309 ALA A O   1 
ATOM   55  C CB  . ALA A 1 11 ? 4.397   -1.378  8.655   1.00 16.23  ? 309 ALA A CB  1 
ATOM   56  N N   . VAL A 1 12 ? 6.518   -2.119  6.447   1.00 14.47  ? 310 VAL A N   1 
ATOM   57  C CA  . VAL A 1 12 ? 7.141   -1.931  5.131   1.00 12.07  ? 310 VAL A CA  1 
ATOM   58  C C   . VAL A 1 12 ? 7.172   -3.254  4.343   1.00 17.14  ? 310 VAL A C   1 
ATOM   59  O O   . VAL A 1 12 ? 6.792   -3.287  3.200   1.00 14.06  ? 310 VAL A O   1 
ATOM   60  C CB  . VAL A 1 12 ? 8.538   -1.296  5.210   1.00 14.83  ? 310 VAL A CB  1 
ATOM   61  C CG1 . VAL A 1 12 ? 9.222   -1.299  3.829   1.00 24.54  ? 310 VAL A CG1 1 
ATOM   62  C CG2 . VAL A 1 12 ? 8.453   0.132   5.755   1.00 13.93  ? 310 VAL A CG2 1 
ATOM   63  N N   . ASP A 1 13 ? 7.582   -4.359  4.974   1.00 18.51  ? 311 ASP A N   1 
ATOM   64  C CA  . ASP A 1 13 ? 7.503   -5.669  4.321   1.00 16.80  ? 311 ASP A CA  1 
ATOM   65  C C   . ASP A 1 13 ? 6.110   -6.049  3.771   1.00 15.95  ? 311 ASP A C   1 
ATOM   66  O O   . ASP A 1 13 ? 6.018   -6.461  2.606   1.00 16.00  ? 311 ASP A O   1 
ATOM   67  C CB  . ASP A 1 13 ? 8.056   -6.752  5.226   1.00 15.56  ? 311 ASP A CB  1 
ATOM   68  C CG  . ASP A 1 13 ? 9.572   -6.601  5.482   1.00 32.94  ? 311 ASP A CG  1 
ATOM   69  O OD1 . ASP A 1 13 ? 10.284  -5.994  4.657   1.00 36.04  ? 311 ASP A OD1 1 
ATOM   70  O OD2 . ASP A 1 13 ? 10.041  -7.089  6.513   1.00 37.51  ? 311 ASP A OD2 1 
ATOM   71  N N   . GLN A 1 14 ? 5.056   -5.826  4.568   1.00 12.46  ? 312 GLN A N   1 
ATOM   72  C CA  . GLN A 1 14 ? 3.696   -6.043  4.154   1.00 12.19  ? 312 GLN A CA  1 
ATOM   73  C C   . GLN A 1 14 ? 3.264   -5.112  3.025   1.00 12.41  ? 312 GLN A C   1 
ATOM   74  O O   . GLN A 1 14 ? 2.575   -5.548  2.129   1.00 17.15  ? 312 GLN A O   1 
ATOM   75  C CB  . GLN A 1 14 ? 2.713   -5.924  5.326   1.00 14.15  ? 312 GLN A CB  1 
ATOM   76  C CG  . GLN A 1 14 ? 2.875   -7.023  6.376   1.00 23.91  ? 312 GLN A CG  1 
ATOM   77  C CD  . GLN A 1 14 ? 1.600   -7.239  7.216   1.00 20.64  ? 312 GLN A CD  1 
ATOM   78  O OE1 . GLN A 1 14 ? 0.506   -6.883  6.805   1.00 34.22  ? 312 GLN A OE1 1 
ATOM   79  N NE2 . GLN A 1 14 ? 1.763   -7.866  8.374   1.00 34.97  ? 312 GLN A NE2 1 
ATOM   80  N N   . LEU A 1 15 ? 3.656   -3.845  3.092   1.00 14.56  ? 313 LEU A N   1 
ATOM   81  C CA  . LEU A 1 15 ? 3.353   -2.888  2.017   1.00 17.42  ? 313 LEU A CA  1 
ATOM   82  C C   . LEU A 1 15 ? 4.030   -3.288  0.705   1.00 14.13  ? 313 LEU A C   1 
ATOM   83  O O   . LEU A 1 15 ? 3.388   -3.278  -0.397  1.00 12.82  ? 313 LEU A O   1 
ATOM   84  C CB  . LEU A 1 15 ? 3.810   -1.477  2.413   1.00 15.96  ? 313 LEU A CB  1 
ATOM   85  C CG  . LEU A 1 15 ? 3.706   -0.337  1.387   1.00 16.09  ? 313 LEU A CG  1 
ATOM   86  C CD1 . LEU A 1 15 ? 2.280   -0.180  0.872   1.00 19.31  ? 313 LEU A CD1 1 
ATOM   87  C CD2 . LEU A 1 15 ? 4.218   0.971   2.002   1.00 20.07  ? 313 LEU A CD2 1 
ATOM   88  N N   . ARG A 1 16 ? 5.306   -3.653  0.801   1.00 12.05  ? 314 ARG A N   1 
ATOM   89  C CA  . ARG A 1 16 ? 6.032   -4.131  -0.408  1.00 14.75  ? 314 ARG A CA  1 
ATOM   90  C C   . ARG A 1 16 ? 5.367   -5.406  -1.025  1.00 13.73  ? 314 ARG A C   1 
ATOM   91  O O   . ARG A 1 16 ? 5.221   -5.519  -2.217  1.00 12.54  ? 314 ARG A O   1 
ATOM   92  C CB  . ARG A 1 16 ? 7.519   -4.343  -0.114  1.00 17.34  ? 314 ARG A CB  1 
ATOM   93  C CG  . ARG A 1 16 ? 8.248   -3.035  0.213   1.00 19.81  ? 314 ARG A CG  1 
ATOM   94  C CD  . ARG A 1 16 ? 9.750   -3.251  0.319   1.00 18.12  ? 314 ARG A CD  1 
ATOM   95  N NE  . ARG A 1 16 ? 10.213  -3.574  -1.016  1.00 19.39  ? 314 ARG A NE  1 
ATOM   96  C CZ  . ARG A 1 16 ? 10.337  -2.700  -2.012  1.00 25.86  ? 314 ARG A CZ  1 
ATOM   97  N NH1 . ARG A 1 16 ? 10.113  -1.387  -1.836  1.00 26.30  ? 314 ARG A NH1 1 
ATOM   98  N NH2 . ARG A 1 16 ? 10.705  -3.147  -3.192  1.00 25.79  ? 314 ARG A NH2 1 
ATOM   99  N N   . ALA A 1 17 ? 4.932   -6.337  -0.185  1.00 13.09  ? 315 ALA A N   1 
ATOM   100 C CA  . ALA A 1 17 ? 4.246   -7.545  -0.636  1.00 18.23  ? 315 ALA A CA  1 
ATOM   101 C C   . ALA A 1 17 ? 2.943   -7.229  -1.369  1.00 18.03  ? 315 ALA A C   1 
ATOM   102 O O   . ALA A 1 17 ? 2.640   -7.810  -2.420  1.00 15.12  ? 315 ALA A O   1 
ATOM   103 C CB  . ALA A 1 17 ? 3.976   -8.463  0.568   1.00 17.66  ? 315 ALA A CB  1 
ATOM   104 N N   . VAL A 1 18 ? 2.178   -6.292  -0.821  1.00 13.34  ? 316 VAL A N   1 
ATOM   105 C CA  . VAL A 1 18 ? 0.930   -5.817  -1.449  1.00 13.02  ? 316 VAL A CA  1 
ATOM   106 C C   . VAL A 1 18 ? 1.209   -5.103  -2.764  1.00 13.58  ? 316 VAL A C   1 
ATOM   107 O O   . VAL A 1 18 ? 0.546   -5.380  -3.764  1.00 15.59  ? 316 VAL A O   1 
ATOM   108 C CB  . VAL A 1 18 ? 0.170   -4.844  -0.528  1.00 19.89  ? 316 VAL A CB  1 
ATOM   109 C CG1 . VAL A 1 18 ? -0.927  -4.105  -1.282  1.00 25.82  ? 316 VAL A CG1 1 
ATOM   110 C CG2 . VAL A 1 18 ? -0.403  -5.564  0.664   1.00 21.64  ? 316 VAL A CG2 1 
ATOM   111 N N   . ALA A 1 19 ? 2.240   -4.254  -2.795  1.00 13.68  ? 317 ALA A N   1 
ATOM   112 C CA  . ALA A 1 19 ? 2.564   -3.593  -4.071  1.00 13.15  ? 317 ALA A CA  1 
ATOM   113 C C   . ALA A 1 19 ? 2.966   -4.597  -5.126  1.00 16.85  ? 317 ALA A C   1 
ATOM   114 O O   . ALA A 1 19 ? 2.586   -4.475  -6.257  1.00 16.98  ? 317 ALA A O   1 
ATOM   115 C CB  . ALA A 1 19 ? 3.659   -2.542  -3.909  1.00 13.92  ? 317 ALA A CB  1 
ATOM   116 N N   . ARG A 1 20 ? 3.732   -5.599  -4.740  1.00 17.09  ? 318 ARG A N   1 
ATOM   117 C CA  . ARG A 1 20 ? 4.166   -6.627  -5.682  1.00 14.32  ? 318 ARG A CA  1 
ATOM   118 C C   . ARG A 1 20 ? 2.955   -7.359  -6.239  1.00 17.36  ? 318 ARG A C   1 
ATOM   119 O O   . ARG A 1 20 ? 2.899   -7.637  -7.449  1.00 16.87  ? 318 ARG A O   1 
ATOM   120 C CB  . ARG A 1 20 ? 5.120   -7.609  -4.982  1.00 15.62  ? 318 ARG A CB  1 
ATOM   121 C CG  . ARG A 1 20 ? 5.546   -8.778  -5.855  1.00 20.68  ? 318 ARG A CG  1 
ATOM   122 C CD  . ARG A 1 20 ? 6.555   -9.664  -5.111  1.00 20.66  ? 318 ARG A CD  1 
ATOM   123 N NE  . ARG A 1 20 ? 7.162   -10.685 -5.966  1.00 18.52  ? 318 ARG A NE  1 
ATOM   124 C CZ  . ARG A 1 20 ? 7.968   -11.657 -5.543  1.00 18.25  ? 318 ARG A CZ  1 
ATOM   125 N NH1 . ARG A 1 20 ? 8.269   -11.785 -4.270  1.00 21.89  ? 318 ARG A NH1 1 
ATOM   126 N NH2 . ARG A 1 20 ? 8.482   -12.523 -6.416  1.00 16.71  ? 318 ARG A NH2 1 
ATOM   127 N N   . TYR A 1 21 ? 1.992   -7.683  -5.353  1.00 18.31  ? 319 TYR A N   1 
ATOM   128 C CA  . TYR A 1 21 ? 0.790   -8.443  -5.717  1.00 17.37  ? 319 TYR A CA  1 
ATOM   129 C C   . TYR A 1 21 ? -0.067  -7.680  -6.735  1.00 13.08  ? 319 TYR A C   1 
ATOM   130 O O   . TYR A 1 21 ? -0.431  -8.220  -7.772  1.00 13.83  ? 319 TYR A O   1 
ATOM   131 C CB  . TYR A 1 21 ? -0.035  -8.823  -4.491  1.00 14.22  ? 319 TYR A CB  1 
ATOM   132 C CG  . TYR A 1 21 ? -1.306  -9.589  -4.853  1.00 15.48  ? 319 TYR A CG  1 
ATOM   133 C CD1 . TYR A 1 21 ? -1.309  -10.975 -4.902  1.00 21.52  ? 319 TYR A CD1 1 
ATOM   134 C CD2 . TYR A 1 21 ? -2.461  -8.919  -5.203  1.00 14.27  ? 319 TYR A CD2 1 
ATOM   135 C CE1 . TYR A 1 21 ? -2.452  -11.683 -5.268  1.00 23.70  ? 319 TYR A CE1 1 
ATOM   136 C CE2 . TYR A 1 21 ? -3.608  -9.594  -5.597  1.00 18.59  ? 319 TYR A CE2 1 
ATOM   137 C CZ  . TYR A 1 21 ? -3.598  -10.979 -5.621  1.00 15.81  ? 319 TYR A CZ  1 
ATOM   138 O OH  . TYR A 1 21 ? -4.738  -11.626 -5.974  1.00 28.65  ? 319 TYR A OH  1 
ATOM   139 N N   . PHE A 1 22 ? -0.351  -6.422  -6.453  1.00 10.80  ? 320 PHE A N   1 
ATOM   140 C CA  . PHE A 1 22 ? -1.106  -5.616  -7.414  1.00 15.11  ? 320 PHE A CA  1 
ATOM   141 C C   . PHE A 1 22 ? -0.364  -5.316  -8.728  1.00 15.52  ? 320 PHE A C   1 
ATOM   142 O O   . PHE A 1 22 ? -0.992  -5.245  -9.773  1.00 17.66  ? 320 PHE A O   1 
ATOM   143 C CB  . PHE A 1 22 ? -1.623  -4.328  -6.778  1.00 17.76  ? 320 PHE A CB  1 
ATOM   144 C CG  . PHE A 1 22 ? -2.773  -4.545  -5.840  1.00 16.65  ? 320 PHE A CG  1 
ATOM   145 C CD1 . PHE A 1 22 ? -4.005  -4.946  -6.334  1.00 23.92  ? 320 PHE A CD1 1 
ATOM   146 C CD2 . PHE A 1 22 ? -2.644  -4.303  -4.477  1.00 22.29  ? 320 PHE A CD2 1 
ATOM   147 C CE1 . PHE A 1 22 ? -5.083  -5.145  -5.480  1.00 19.84  ? 320 PHE A CE1 1 
ATOM   148 C CE2 . PHE A 1 22 ? -3.739  -4.471  -3.623  1.00 19.92  ? 320 PHE A CE2 1 
ATOM   149 C CZ  . PHE A 1 22 ? -4.942  -4.911  -4.126  1.00 21.62  ? 320 PHE A CZ  1 
ATOM   150 N N   . ARG A 1 23 ? 0.963   -5.133  -8.688  1.00 20.22  ? 321 ARG A N   1 
ATOM   151 C CA  . ARG A 1 23 ? 1.736   -5.024  -9.950  1.00 15.03  ? 321 ARG A CA  1 
ATOM   152 C C   . ARG A 1 23 ? 1.600   -6.286  -10.775 1.00 21.40  ? 321 ARG A C   1 
ATOM   153 O O   . ARG A 1 23 ? 1.486   -6.220  -11.961 1.00 19.16  ? 321 ARG A O   1 
ATOM   154 C CB  . ARG A 1 23 ? 3.222   -4.767  -9.677  1.00 13.52  ? 321 ARG A CB  1 
ATOM   155 C CG  . ARG A 1 23 ? 4.043   -4.338  -10.872 1.00 47.96  ? 321 ARG A CG  1 
ATOM   156 C CD  . ARG A 1 23 ? 3.910   -2.845  -11.142 1.00 49.57  ? 321 ARG A CD  1 
ATOM   157 N NE  . ARG A 1 23 ? 4.911   -2.471  -12.130 1.00 85.81  ? 321 ARG A NE  1 
ATOM   158 C CZ  . ARG A 1 23 ? 6.162   -2.084  -11.872 1.00 42.16  ? 321 ARG A CZ  1 
ATOM   159 N NH1 . ARG A 1 23 ? 6.625   -1.939  -10.621 1.00 34.60  ? 321 ARG A NH1 1 
ATOM   160 N NH2 . ARG A 1 23 ? 6.961   -1.811  -12.899 1.00 48.02  ? 321 ARG A NH2 1 
ATOM   161 N N   . GLN A 1 24 ? 1.604   -7.453  -10.136 1.00 17.22  ? 322 GLN A N   1 
ATOM   162 C CA  . GLN A 1 24 ? 1.500   -8.712  -10.867 1.00 16.95  ? 322 GLN A CA  1 
ATOM   163 C C   . GLN A 1 24 ? 0.135   -8.931  -11.460 1.00 20.89  ? 322 GLN A C   1 
ATOM   164 O O   . GLN A 1 24 ? 0.049   -9.352  -12.603 1.00 20.23  ? 322 GLN A O   1 
ATOM   165 C CB  . GLN A 1 24 ? 1.860   -9.885  -9.929  1.00 23.49  ? 322 GLN A CB  1 
ATOM   166 C CG  . GLN A 1 24 ? 1.949   -11.255 -10.610 1.00 32.43  ? 322 GLN A CG  1 
ATOM   167 C CD  . GLN A 1 24 ? 2.067   -12.394 -9.596  1.00 32.38  ? 322 GLN A CD  1 
ATOM   168 O OE1 . GLN A 1 24 ? 1.376   -12.413 -8.574  1.00 47.88  ? 322 GLN A OE1 1 
ATOM   169 N NE2 . GLN A 1 24 ? 2.941   -13.339 -9.874  1.00 35.47  ? 322 GLN A NE2 1 
ATOM   170 N N   . THR A 1 25 ? -0.918  -8.645  -10.686 1.00 14.58  ? 323 THR A N   1 
ATOM   171 C CA  . THR A 1 25 ? -2.299  -8.980  -11.051 1.00 16.47  ? 323 THR A CA  1 
ATOM   172 C C   . THR A 1 25 ? -3.092  -7.857  -11.747 1.00 25.44  ? 323 THR A C   1 
ATOM   173 O O   . THR A 1 25 ? -4.010  -8.150  -12.509 1.00 22.79  ? 323 THR A O   1 
ATOM   174 C CB  . THR A 1 25 ? -3.082  -9.481  -9.831  1.00 13.90  ? 323 THR A CB  1 
ATOM   175 O OG1 . THR A 1 25 ? -3.171  -8.447  -8.832  1.00 18.58  ? 323 THR A OG1 1 
ATOM   176 C CG2 . THR A 1 25 ? -2.420  -10.738 -9.246  1.00 22.67  ? 323 THR A CG2 1 
ATOM   177 N N   . GLU A 1 26 ? -2.746  -6.590  -11.498 1.00 22.07  ? 324 GLU A N   1 
ATOM   178 C CA  . GLU A 1 26 ? -3.473  -5.441  -12.071 1.00 17.08  ? 324 GLU A CA  1 
ATOM   179 C C   . GLU A 1 26 ? -2.444  -4.407  -12.512 1.00 13.32  ? 324 GLU A C   1 
ATOM   180 O O   . GLU A 1 26 ? -2.489  -3.243  -12.087 1.00 16.85  ? 324 GLU A O   1 
ATOM   181 C CB  . GLU A 1 26 ? -4.383  -4.824  -11.014 1.00 21.58  ? 324 GLU A CB  1 
ATOM   182 C CG  . GLU A 1 26 ? -5.521  -5.678  -10.530 1.00 40.51  ? 324 GLU A CG  1 
ATOM   183 C CD  . GLU A 1 26 ? -6.360  -4.958  -9.489  1.00 26.05  ? 324 GLU A CD  1 
ATOM   184 O OE1 . GLU A 1 26 ? -6.649  -3.745  -9.635  1.00 46.40  ? 324 GLU A OE1 1 
ATOM   185 O OE2 . GLU A 1 26 ? -6.721  -5.610  -8.513  1.00 37.58  ? 324 GLU A OE2 1 
ATOM   186 N N   . PRO A 1 27 ? -1.509  -4.815  -13.382 1.00 20.92  ? 325 PRO A N   1 
ATOM   187 C CA  . PRO A 1 27 ? -0.270  -4.076  -13.638 1.00 23.69  ? 325 PRO A CA  1 
ATOM   188 C C   . PRO A 1 27 ? -0.369  -2.605  -14.016 1.00 37.26  ? 325 PRO A C   1 
ATOM   189 O O   . PRO A 1 27 ? 0.475   -1.794  -13.611 1.00 37.96  ? 325 PRO A O   1 
ATOM   190 C CB  . PRO A 1 27 ? 0.393   -4.873  -14.782 1.00 32.62  ? 325 PRO A CB  1 
ATOM   191 C CG  . PRO A 1 27 ? -0.670  -5.743  -15.321 1.00 22.85  ? 325 PRO A CG  1 
ATOM   192 C CD  . PRO A 1 27 ? -1.583  -6.049  -14.183 1.00 20.94  ? 325 PRO A CD  1 
ATOM   193 N N   . HIS A 1 28 ? -1.367  -2.265  -14.801 1.00 20.52  ? 326 HIS A N   1 
ATOM   194 C CA  . HIS A 1 28 ? -1.460  -0.875  -15.308 1.00 25.50  ? 326 HIS A CA  1 
ATOM   195 C C   . HIS A 1 28 ? -2.558  -0.110  -14.603 1.00 23.71  ? 326 HIS A C   1 
ATOM   196 O O   . HIS A 1 28 ? -3.014  0.916   -15.102 1.00 21.62  ? 326 HIS A O   1 
ATOM   197 C CB  . HIS A 1 28 ? -1.672  -0.894  -16.814 1.00 26.65  ? 326 HIS A CB  1 
ATOM   198 C CG  . HIS A 1 28 ? -0.740  -1.816  -17.525 1.00 23.56  ? 326 HIS A CG  1 
ATOM   199 N ND1 . HIS A 1 28 ? 0.625   -1.619  -17.546 1.00 26.89  ? 326 HIS A ND1 1 
ATOM   200 C CD2 . HIS A 1 28 ? -0.971  -2.957  -18.212 1.00 28.19  ? 326 HIS A CD2 1 
ATOM   201 C CE1 . HIS A 1 28 ? 1.196   -2.587  -18.239 1.00 30.35  ? 326 HIS A CE1 1 
ATOM   202 N NE2 . HIS A 1 28 ? 0.252   -3.417  -18.647 1.00 30.12  ? 326 HIS A NE2 1 
ATOM   203 N N   . SER A 1 29 ? -2.961  -0.582  -13.423 1.00 21.93  ? 327 SER A N   1 
ATOM   204 C CA  . SER A 1 29 ? -4.062  0.035   -12.680 1.00 17.40  ? 327 SER A CA  1 
ATOM   205 C C   . SER A 1 29 ? -3.616  1.156   -11.776 1.00 21.68  ? 327 SER A C   1 
ATOM   206 O O   . SER A 1 29 ? -2.469  1.178   -11.289 1.00 17.15  ? 327 SER A O   1 
ATOM   207 C CB  . SER A 1 29 ? -4.792  -0.984  -11.828 1.00 23.08  ? 327 SER A CB  1 
ATOM   208 O OG  . SER A 1 29 ? -3.932  -1.442  -10.806 1.00 24.84  ? 327 SER A OG  1 
ATOM   209 N N   . PRO A 1 30 ? -4.530  2.096   -11.516 1.00 15.69  ? 328 PRO A N   1 
ATOM   210 C CA  . PRO A 1 30 ? -4.204  3.120   -10.515 1.00 17.68  ? 328 PRO A CA  1 
ATOM   211 C C   . PRO A 1 30 ? -3.862  2.550   -9.143  1.00 18.52  ? 328 PRO A C   1 
ATOM   212 O O   . PRO A 1 30 ? -3.019  3.101   -8.456  1.00 14.99  ? 328 PRO A O   1 
ATOM   213 C CB  . PRO A 1 30 ? -5.489  3.960   -10.458 1.00 23.54  ? 328 PRO A CB  1 
ATOM   214 C CG  . PRO A 1 30 ? -6.050  3.862   -11.827 1.00 25.74  ? 328 PRO A CG  1 
ATOM   215 C CD  . PRO A 1 30 ? -5.741  2.443   -12.290 1.00 18.51  ? 328 PRO A CD  1 
ATOM   216 N N   . VAL A 1 31 ? -4.518  1.458   -8.731  1.00 15.94  ? 329 VAL A N   1 
ATOM   217 C CA  . VAL A 1 31 ? -4.145  0.826   -7.449  1.00 13.79  ? 329 VAL A CA  1 
ATOM   218 C C   . VAL A 1 31 ? -2.677  0.349   -7.419  1.00 15.79  ? 329 VAL A C   1 
ATOM   219 O O   . VAL A 1 31 ? -1.970  0.557   -6.430  1.00 18.11  ? 329 VAL A O   1 
ATOM   220 C CB  . VAL A 1 31 ? -5.126  -0.296  -7.001  1.00 22.88  ? 329 VAL A CB  1 
ATOM   221 C CG1 . VAL A 1 31 ? -5.240  -1.424  -8.006  1.00 48.03  ? 329 VAL A CG1 1 
ATOM   222 C CG2 . VAL A 1 31 ? -4.678  -0.876  -5.652  1.00 16.72  ? 329 VAL A CG2 1 
ATOM   223 N N   . ALA A 1 32 ? -2.207  -0.286  -8.495  1.00 14.96  ? 330 ALA A N   1 
ATOM   224 C CA  . ALA A 1 32 ? -0.798  -0.709  -8.582  1.00 13.33  ? 330 ALA A CA  1 
ATOM   225 C C   . ALA A 1 32 ? 0.135   0.487   -8.507  1.00 18.38  ? 330 ALA A C   1 
ATOM   226 O O   . ALA A 1 32 ? 1.100   0.467   -7.774  1.00 13.08  ? 330 ALA A O   1 
ATOM   227 C CB  . ALA A 1 32 ? -0.555  -1.535  -9.843  1.00 14.56  ? 330 ALA A CB  1 
ATOM   228 N N   . TYR A 1 33 ? -0.212  1.593   -9.180  1.00 14.53  ? 331 TYR A N   1 
ATOM   229 C CA  . TYR A 1 33 ? 0.592   2.808   -9.097  1.00 16.45  ? 331 TYR A CA  1 
ATOM   230 C C   . TYR A 1 33 ? 0.707   3.386   -7.664  1.00 12.66  ? 331 TYR A C   1 
ATOM   231 O O   . TYR A 1 33 ? 1.805   3.712   -7.171  1.00 13.10  ? 331 TYR A O   1 
ATOM   232 C CB  . TYR A 1 33 ? -0.008  3.885   -10.037 1.00 20.79  ? 331 TYR A CB  1 
ATOM   233 C CG  . TYR A 1 33 ? 0.601   5.246   -9.833  1.00 12.48  ? 331 TYR A CG  1 
ATOM   234 C CD1 . TYR A 1 33 ? 1.836   5.594   -10.406 1.00 19.81  ? 331 TYR A CD1 1 
ATOM   235 C CD2 . TYR A 1 33 ? -0.032  6.190   -9.047  1.00 16.52  ? 331 TYR A CD2 1 
ATOM   236 C CE1 . TYR A 1 33 ? 2.391   6.863   -10.195 1.00 20.30  ? 331 TYR A CE1 1 
ATOM   237 C CE2 . TYR A 1 33 ? 0.523   7.445   -8.840  1.00 19.53  ? 331 TYR A CE2 1 
ATOM   238 C CZ  . TYR A 1 33 ? 1.734   7.767   -9.391  1.00 18.26  ? 331 TYR A CZ  1 
ATOM   239 O OH  . TYR A 1 33 ? 2.222   9.047   -9.153  1.00 28.04  ? 331 TYR A OH  1 
ATOM   240 N N   . LEU A 1 34 ? -0.440  3.527   -7.007  1.00 13.77  ? 332 LEU A N   1 
ATOM   241 C CA  . LEU A 1 34 ? -0.480  4.088   -5.665  1.00 12.99  ? 332 LEU A CA  1 
ATOM   242 C C   . LEU A 1 34 ? 0.211   3.225   -4.620  1.00 13.14  ? 332 LEU A C   1 
ATOM   243 O O   . LEU A 1 34 ? 0.977   3.730   -3.790  1.00 12.66  ? 332 LEU A O   1 
ATOM   244 C CB  . LEU A 1 34 ? -1.914  4.386   -5.241  1.00 17.31  ? 332 LEU A CB  1 
ATOM   245 C CG  . LEU A 1 34 ? -2.567  5.566   -5.983  1.00 23.27  ? 332 LEU A CG  1 
ATOM   246 C CD1 . LEU A 1 34 ? -4.065  5.579   -5.726  1.00 28.15  ? 332 LEU A CD1 1 
ATOM   247 C CD2 . LEU A 1 34 ? -1.942  6.923   -5.601  1.00 19.61  ? 332 LEU A CD2 1 
ATOM   248 N N   . ALA A 1 35 ? -0.036  1.921   -4.676  1.00 14.21  ? 333 ALA A N   1 
ATOM   249 C CA  . ALA A 1 35 ? 0.664   1.001   -3.755  1.00 15.22  ? 333 ALA A CA  1 
ATOM   250 C C   . ALA A 1 35 ? 2.167   1.033   -3.938  1.00 18.56  ? 333 ALA A C   1 
ATOM   251 O O   . ALA A 1 35 ? 2.928   1.076   -2.968  1.00 15.01  ? 333 ALA A O   1 
ATOM   252 C CB  . ALA A 1 35 ? 0.173   -0.406  -3.939  1.00 16.02  ? 333 ALA A CB  1 
ATOM   253 N N   . ASP A 1 36 ? 2.603   0.978   -5.192  1.00 13.97  ? 334 ASP A N   1 
ATOM   254 C CA  . ASP A 1 36 ? 4.020   1.103   -5.517  1.00 15.54  ? 334 ASP A CA  1 
ATOM   255 C C   . ASP A 1 36 ? 4.623   2.445   -5.043  1.00 16.91  ? 334 ASP A C   1 
ATOM   256 O O   . ASP A 1 36 ? 5.747   2.476   -4.501  1.00 14.81  ? 334 ASP A O   1 
ATOM   257 C CB  . ASP A 1 36 ? 4.205   0.905   -7.032  1.00 16.79  ? 334 ASP A CB  1 
ATOM   258 C CG  . ASP A 1 36 ? 5.662   0.944   -7.451  1.00 38.68  ? 334 ASP A CG  1 
ATOM   259 O OD1 . ASP A 1 36 ? 6.377   -0.052  -7.261  1.00 36.66  ? 334 ASP A OD1 1 
ATOM   260 O OD2 . ASP A 1 36 ? 6.097   1.981   -7.965  1.00 33.97  ? 334 ASP A OD2 1 
ATOM   261 N N   . LYS A 1 37 ? 3.905   3.553   -5.256  1.00 12.72  ? 335 LYS A N   1 
ATOM   262 C CA  . LYS A 1 37 ? 4.429   4.866   -4.845  1.00 14.70  ? 335 LYS A CA  1 
ATOM   263 C C   . LYS A 1 37 ? 4.555   4.935   -3.305  1.00 14.53  ? 335 LYS A C   1 
ATOM   264 O O   . LYS A 1 37 ? 5.502   5.487   -2.773  1.00 14.09  ? 335 LYS A O   1 
ATOM   265 C CB  . LYS A 1 37 ? 3.580   6.001   -5.402  1.00 20.42  ? 335 LYS A CB  1 
ATOM   266 C CG  . LYS A 1 37 ? 4.411   7.211   -5.789  1.00 45.03  ? 335 LYS A CG  1 
ATOM   267 C CD  . LYS A 1 37 ? 3.539   8.382   -6.185  1.00 51.81  ? 335 LYS A CD  1 
ATOM   268 C CE  . LYS A 1 37 ? 4.352   9.645   -6.444  1.00 73.39  ? 335 LYS A CE  1 
ATOM   269 N NZ  . LYS A 1 37 ? 5.572   9.415   -7.279  1.00 41.85  ? 335 LYS A NZ  1 
ATOM   270 N N   . ALA A 1 38 ? 3.615   4.295   -2.608  1.00 15.97  ? 336 ALA A N   1 
ATOM   271 C CA  . ALA A 1 38 ? 3.693   4.186   -1.125  1.00 16.37  ? 336 ALA A CA  1 
ATOM   272 C C   . ALA A 1 38 ? 4.928   3.429   -0.676  1.00 14.19  ? 336 ALA A C   1 
ATOM   273 O O   . ALA A 1 38 ? 5.641   3.892   0.230   1.00 16.25  ? 336 ALA A O   1 
ATOM   274 C CB  . ALA A 1 38 ? 2.452   3.552   -0.555  1.00 14.72  ? 336 ALA A CB  1 
ATOM   275 N N   . ALA A 1 39 ? 5.226   2.322   -1.354  1.00 14.22  ? 337 ALA A N   1 
ATOM   276 C CA  . ALA A 1 39 ? 6.435   1.541   -1.039  1.00 14.03  ? 337 ALA A CA  1 
ATOM   277 C C   . ALA A 1 39 ? 7.657   2.379   -1.320  1.00 18.12  ? 337 ALA A C   1 
ATOM   278 O O   . ALA A 1 39 ? 8.589   2.357   -0.531  1.00 15.80  ? 337 ALA A O   1 
ATOM   279 C CB  . ALA A 1 39 ? 6.500   0.212   -1.803  1.00 14.56  ? 337 ALA A CB  1 
ATOM   280 N N   . GLU A 1 40 ? 7.681   3.108   -2.460  1.00 12.84  ? 338 GLU A N   1 
ATOM   281 C CA  . GLU A 1 40 ? 8.813   3.981   -2.790  1.00 16.80  ? 338 GLU A CA  1 
ATOM   282 C C   . GLU A 1 40 ? 9.115   4.980   -1.680  1.00 16.80  ? 338 GLU A C   1 
ATOM   283 O O   . GLU A 1 40 ? 10.248  5.097   -1.211  1.00 18.58  ? 338 GLU A O   1 
ATOM   284 C CB  . GLU A 1 40 ? 8.523   4.753   -4.087  1.00 14.24  ? 338 GLU A CB  1 
ATOM   285 C CG  . GLU A 1 40 ? 9.617   5.706   -4.515  1.00 18.99  ? 338 GLU A CG  1 
ATOM   286 C CD  . GLU A 1 40 ? 9.373   6.372   -5.869  1.00 43.86  ? 338 GLU A CD  1 
ATOM   287 O OE1 . GLU A 1 40 ? 8.334   6.107   -6.504  1.00 35.32  ? 338 GLU A OE1 1 
ATOM   288 O OE2 . GLU A 1 40 ? 10.230  7.170   -6.293  1.00 40.56  ? 338 GLU A OE2 1 
ATOM   289 N N   . TRP A 1 41 ? 8.081   5.683   -1.265  1.00 16.17  ? 339 TRP A N   1 
ATOM   290 C CA  . TRP A 1 41 ? 8.220   6.694   -0.241  1.00 15.13  ? 339 TRP A CA  1 
ATOM   291 C C   . TRP A 1 41 ? 8.577   6.120   1.142   1.00 17.04  ? 339 TRP A C   1 
ATOM   292 O O   . TRP A 1 41 ? 9.293   6.784   1.915   1.00 16.35  ? 339 TRP A O   1 
ATOM   293 C CB  . TRP A 1 41 ? 6.970   7.543   -0.191  1.00 15.85  ? 339 TRP A CB  1 
ATOM   294 C CG  . TRP A 1 41 ? 7.011   8.621   -1.281  1.00 22.62  ? 339 TRP A CG  1 
ATOM   295 C CD1 . TRP A 1 41 ? 6.527   8.533   -2.564  1.00 32.81  ? 339 TRP A CD1 1 
ATOM   296 C CD2 . TRP A 1 41 ? 7.618   9.941   -1.176  1.00 28.92  ? 339 TRP A CD2 1 
ATOM   297 N NE1 . TRP A 1 41 ? 6.781   9.713   -3.251  1.00 19.13  ? 339 TRP A NE1 1 
ATOM   298 C CE2 . TRP A 1 41 ? 7.441   10.586  -2.426  1.00 27.44  ? 339 TRP A CE2 1 
ATOM   299 C CE3 . TRP A 1 41 ? 8.291   10.628  -0.145  1.00 23.68  ? 339 TRP A CE3 1 
ATOM   300 C CZ2 . TRP A 1 41 ? 7.904   11.902  -2.670  1.00 25.50  ? 339 TRP A CZ2 1 
ATOM   301 C CZ3 . TRP A 1 41 ? 8.748   11.931  -0.383  1.00 32.21  ? 339 TRP A CZ3 1 
ATOM   302 C CH2 . TRP A 1 41 ? 8.548   12.554  -1.642  1.00 31.52  ? 339 TRP A CH2 1 
ATOM   303 N N   . ALA A 1 42 ? 8.112   4.910   1.441   1.00 17.46  ? 340 ALA A N   1 
ATOM   304 C CA  . ALA A 1 42 ? 8.552   4.247   2.690   1.00 22.27  ? 340 ALA A CA  1 
ATOM   305 C C   . ALA A 1 42 ? 10.082  4.075   2.805   1.00 30.33  ? 340 ALA A C   1 
ATOM   306 O O   . ALA A 1 42 ? 10.630  4.072   3.921   1.00 19.07  ? 340 ALA A O   1 
ATOM   307 C CB  . ALA A 1 42 ? 7.844   2.922   2.856   1.00 19.03  ? 340 ALA A CB  1 
ATOM   308 N N   . ASP A 1 43 ? 10.767  3.958   1.659   1.00 14.13  ? 341 ASP A N   1 
ATOM   309 C CA  . ASP A 1 43 ? 12.232  3.861   1.602   1.00 14.73  ? 341 ASP A CA  1 
ATOM   310 C C   . ASP A 1 43 ? 12.913  5.219   1.500   1.00 16.53  ? 341 ASP A C   1 
ATOM   311 O O   . ASP A 1 43 ? 14.145  5.282   1.444   1.00 19.36  ? 341 ASP A O   1 
ATOM   312 C CB  . ASP A 1 43 ? 12.700  2.970   0.418   1.00 20.71  ? 341 ASP A CB  1 
ATOM   313 C CG  . ASP A 1 43 ? 12.471  1.487   0.631   1.00 20.42  ? 341 ASP A CG  1 
ATOM   314 O OD1 . ASP A 1 43 ? 12.095  1.041   1.745   1.00 17.90  ? 341 ASP A OD1 1 
ATOM   315 O OD2 . ASP A 1 43 ? 12.665  0.739   -0.359  1.00 17.36  ? 341 ASP A OD2 1 
ATOM   316 N N   . MET A 1 44 ? 12.148  6.308   1.515   1.00 15.79  ? 342 MET A N   1 
ATOM   317 C CA  . MET A 1 44 ? 12.726  7.646   1.485   1.00 17.57  ? 342 MET A CA  1 
ATOM   318 C C   . MET A 1 44 ? 12.224  8.466   2.682   1.00 29.83  ? 342 MET A C   1 
ATOM   319 O O   . MET A 1 44 ? 11.636  9.528   2.473   1.00 20.62  ? 342 MET A O   1 
ATOM   320 C CB  . MET A 1 44 ? 12.316  8.377   0.196   1.00 21.60  ? 342 MET A CB  1 
ATOM   321 C CG  . MET A 1 44 ? 12.704  7.660   -1.068  1.00 33.23  ? 342 MET A CG  1 
ATOM   322 S SD  . MET A 1 44 ? 12.201  8.635   -2.488  1.00 31.22  ? 342 MET A SD  1 
ATOM   323 C CE  . MET A 1 44 ? 12.978  7.612   -3.752  1.00 30.90  ? 342 MET A CE  1 
ATOM   324 N N   . PRO A 1 45 ? 12.432  7.977   3.938   1.00 25.88  ? 343 PRO A N   1 
ATOM   325 C CA  . PRO A 1 45 ? 11.893  8.724   5.102   1.00 21.87  ? 343 PRO A CA  1 
ATOM   326 C C   . PRO A 1 45 ? 12.406  10.178  5.310   1.00 17.58  ? 343 PRO A C   1 
ATOM   327 O O   . PRO A 1 45 ? 11.663  10.996  5.845   1.00 26.30  ? 343 PRO A O   1 
ATOM   328 C CB  . PRO A 1 45 ? 12.243  7.838   6.291   1.00 22.91  ? 343 PRO A CB  1 
ATOM   329 C CG  . PRO A 1 45 ? 13.415  7.031   5.821   1.00 31.74  ? 343 PRO A CG  1 
ATOM   330 C CD  . PRO A 1 45 ? 13.140  6.759   4.364   1.00 27.72  ? 343 PRO A CD  1 
ATOM   331 N N   . LEU A 1 46 ? 13.610  10.491  4.846   1.00 25.82  ? 344 LEU A N   1 
ATOM   332 C CA  . LEU A 1 46 ? 14.192  11.848  4.996   1.00 23.23  ? 344 LEU A CA  1 
ATOM   333 C C   . LEU A 1 46 ? 13.805  12.829  3.908   1.00 32.20  ? 344 LEU A C   1 
ATOM   334 O O   . LEU A 1 46 ? 14.077  14.016  4.038   1.00 34.26  ? 344 LEU A O   1 
ATOM   335 C CB  . LEU A 1 46 ? 15.723  11.771  5.048   1.00 30.03  ? 344 LEU A CB  1 
ATOM   336 C CG  . LEU A 1 46 ? 16.394  11.145  6.272   1.00 32.04  ? 344 LEU A CG  1 
ATOM   337 C CD1 . LEU A 1 46 ? 17.900  11.359  6.198   1.00 36.96  ? 344 LEU A CD1 1 
ATOM   338 C CD2 . LEU A 1 46 ? 15.830  11.724  7.562   1.00 25.18  ? 344 LEU A CD2 1 
ATOM   339 N N   . HIS A 1 47 ? 13.193  12.346  2.827   1.00 29.04  ? 345 HIS A N   1 
ATOM   340 C CA  . HIS A 1 47 ? 12.699  13.238  1.767   1.00 28.16  ? 345 HIS A CA  1 
ATOM   341 C C   . HIS A 1 47 ? 11.537  14.076  2.311   1.00 21.72  ? 345 HIS A C   1 
ATOM   342 O O   . HIS A 1 47 ? 10.505  13.546  2.747   1.00 30.77  ? 345 HIS A O   1 
ATOM   343 C CB  . HIS A 1 47 ? 12.268  12.425  0.529   1.00 30.03  ? 345 HIS A CB  1 
ATOM   344 C CG  . HIS A 1 47 ? 12.161  13.237  -0.729  1.00 47.58  ? 345 HIS A CG  1 
ATOM   345 N ND1 . HIS A 1 47 ? 11.156  14.157  -0.944  1.00 51.73  ? 345 HIS A ND1 1 
ATOM   346 C CD2 . HIS A 1 47 ? 12.938  13.262  -1.837  1.00 64.45  ? 345 HIS A CD2 1 
ATOM   347 C CE1 . HIS A 1 47 ? 11.317  14.715  -2.131  1.00 47.96  ? 345 HIS A CE1 1 
ATOM   348 N NE2 . HIS A 1 47 ? 12.394  14.192  -2.693  1.00 56.42  ? 345 HIS A NE2 1 
ATOM   349 N N   . LYS A 1 48 ? 11.710  15.397  2.295   1.00 39.54  ? 346 LYS A N   1 
ATOM   350 C CA  . LYS A 1 48 ? 10.662  16.305  2.745   1.00 46.19  ? 346 LYS A CA  1 
ATOM   351 C C   . LYS A 1 48 ? 9.507   16.234  1.750   1.00 36.07  ? 346 LYS A C   1 
ATOM   352 O O   . LYS A 1 48 ? 9.705   16.096  0.535   1.00 57.00  ? 346 LYS A O   1 
ATOM   353 C CB  . LYS A 1 48 ? 11.173  17.751  2.864   1.00 76.50  ? 346 LYS A CB  1 
ATOM   354 C CG  . LYS A 1 48 ? 12.282  17.969  3.886   1.00 78.36  ? 346 LYS A CG  1 
ATOM   355 C CD  . LYS A 1 48 ? 11.808  17.747  5.312   1.00 66.79  ? 346 LYS A CD  1 
ATOM   356 C CE  . LYS A 1 48 ? 12.961  17.825  6.290   1.00 75.10  ? 346 LYS A CE  1 
ATOM   357 N NZ  . LYS A 1 48 ? 12.560  17.250  7.602   1.00 148.46 ? 346 LYS A NZ  1 
ATOM   358 N N   . TRP A 1 49 ? 8.305   16.276  2.295   1.00 31.70  ? 347 TRP A N   1 
ATOM   359 C CA  . TRP A 1 49 ? 7.100   16.064  1.533   1.00 29.36  ? 347 TRP A CA  1 
ATOM   360 C C   . TRP A 1 49 ? 6.105   17.126  1.916   1.00 29.98  ? 347 TRP A C   1 
ATOM   361 O O   . TRP A 1 49 ? 5.606   17.827  1.053   1.00 32.73  ? 347 TRP A O   1 
ATOM   362 C CB  . TRP A 1 49 ? 6.526   14.691  1.869   1.00 33.49  ? 347 TRP A CB  1 
ATOM   363 C CG  . TRP A 1 49 ? 5.233   14.388  1.156   1.00 32.88  ? 347 TRP A CG  1 
ATOM   364 C CD1 . TRP A 1 49 ? 5.073   14.176  -0.186  1.00 43.59  ? 347 TRP A CD1 1 
ATOM   365 C CD2 . TRP A 1 49 ? 3.925   14.271  1.741   1.00 25.33  ? 347 TRP A CD2 1 
ATOM   366 N NE1 . TRP A 1 49 ? 3.748   13.919  -0.472  1.00 30.54  ? 347 TRP A NE1 1 
ATOM   367 C CE2 . TRP A 1 49 ? 3.021   13.968  0.689   1.00 23.71  ? 347 TRP A CE2 1 
ATOM   368 C CE3 . TRP A 1 49 ? 3.433   14.368  3.043   1.00 23.28  ? 347 TRP A CE3 1 
ATOM   369 C CZ2 . TRP A 1 49 ? 1.649   13.773  0.908   1.00 32.22  ? 347 TRP A CZ2 1 
ATOM   370 C CZ3 . TRP A 1 49 ? 2.072   14.164  3.263   1.00 32.42  ? 347 TRP A CZ3 1 
ATOM   371 C CH2 . TRP A 1 49 ? 1.193   13.866  2.199   1.00 26.41  ? 347 TRP A CH2 1 
ATOM   372 N N   . MET B 1 4  ? 1.579   -15.531 3.364   1.00 49.37  ? 302 MET B N   1 
ATOM   373 C CA  . MET B 1 4  ? 1.496   -14.760 2.098   1.00 39.22  ? 302 MET B CA  1 
ATOM   374 C C   . MET B 1 4  ? 0.038   -14.453 1.669   1.00 39.31  ? 302 MET B C   1 
ATOM   375 O O   . MET B 1 4  ? -0.931  -14.937 2.249   1.00 44.70  ? 302 MET B O   1 
ATOM   376 C CB  . MET B 1 4  ? 2.265   -15.480 0.978   1.00 37.05  ? 302 MET B CB  1 
ATOM   377 C CG  . MET B 1 4  ? 1.725   -16.854 0.596   1.00 44.06  ? 302 MET B CG  1 
ATOM   378 S SD  . MET B 1 4  ? 2.580   -17.628 -0.799  1.00 80.97  ? 302 MET B SD  1 
ATOM   379 C CE  . MET B 1 4  ? 2.729   -16.279 -1.975  1.00 66.51  ? 302 MET B CE  1 
ATOM   380 N N   . ILE B 1 5  ? -0.080  -13.627 0.644   1.00 27.46  ? 303 ILE B N   1 
ATOM   381 C CA  . ILE B 1 5  ? -1.361  -13.228 0.042   1.00 20.02  ? 303 ILE B CA  1 
ATOM   382 C C   . ILE B 1 5  ? -1.908  -14.318 -0.886  1.00 21.49  ? 303 ILE B C   1 
ATOM   383 O O   . ILE B 1 5  ? -1.252  -14.685 -1.839  1.00 27.13  ? 303 ILE B O   1 
ATOM   384 C CB  . ILE B 1 5  ? -1.177  -11.909 -0.759  1.00 20.55  ? 303 ILE B CB  1 
ATOM   385 C CG1 . ILE B 1 5  ? -0.734  -10.768 0.168   1.00 19.88  ? 303 ILE B CG1 1 
ATOM   386 C CG2 . ILE B 1 5  ? -2.473  -11.537 -1.460  1.00 20.90  ? 303 ILE B CG2 1 
ATOM   387 C CD1 . ILE B 1 5  ? -0.207  -9.516  -0.523  1.00 22.71  ? 303 ILE B CD1 1 
ATOM   388 N N   . GLN B 1 6  ? -3.101  -14.842 -0.600  1.00 27.35  ? 304 GLN B N   1 
ATOM   389 C CA  . GLN B 1 6  ? -3.645  -15.971 -1.379  1.00 35.15  ? 304 GLN B CA  1 
ATOM   390 C C   . GLN B 1 6  ? -4.640  -15.516 -2.462  1.00 40.79  ? 304 GLN B C   1 
ATOM   391 O O   . GLN B 1 6  ? -4.909  -16.252 -3.411  1.00 26.53  ? 304 GLN B O   1 
ATOM   392 C CB  . GLN B 1 6  ? -4.297  -16.991 -0.434  1.00 29.20  ? 304 GLN B CB  1 
ATOM   393 C CG  . GLN B 1 6  ? -3.318  -17.638 0.537   1.00 22.69  ? 304 GLN B CG  1 
ATOM   394 C CD  . GLN B 1 6  ? -3.987  -18.509 1.604   1.00 39.61  ? 304 GLN B CD  1 
ATOM   395 O OE1 . GLN B 1 6  ? -5.207  -18.515 1.777   1.00 35.53  ? 304 GLN B OE1 1 
ATOM   396 N NE2 . GLN B 1 6  ? -3.170  -19.236 2.344   1.00 28.33  ? 304 GLN B NE2 1 
ATOM   397 N N   . ASN B 1 7  ? -5.190  -14.308 -2.324  1.00 19.28  ? 305 ASN B N   1 
ATOM   398 C CA  . ASN B 1 7  ? -6.166  -13.812 -3.290  1.00 17.62  ? 305 ASN B CA  1 
ATOM   399 C C   . ASN B 1 7  ? -6.287  -12.292 -3.176  1.00 16.38  ? 305 ASN B C   1 
ATOM   400 O O   . ASN B 1 7  ? -5.676  -11.670 -2.301  1.00 17.53  ? 305 ASN B O   1 
ATOM   401 C CB  . ASN B 1 7  ? -7.515  -14.508 -3.053  1.00 19.68  ? 305 ASN B CB  1 
ATOM   402 C CG  . ASN B 1 7  ? -7.999  -14.373 -1.631  1.00 25.89  ? 305 ASN B CG  1 
ATOM   403 O OD1 . ASN B 1 7  ? -7.992  -13.287 -1.068  1.00 21.07  ? 305 ASN B OD1 1 
ATOM   404 N ND2 . ASN B 1 7  ? -8.424  -15.472 -1.042  1.00 20.77  ? 305 ASN B ND2 1 
ATOM   405 N N   . ARG B 1 8  ? -7.096  -11.705 -4.041  1.00 15.34  ? 306 ARG B N   1 
ATOM   406 C CA  . ARG B 1 8  ? -7.287  -10.249 -4.002  1.00 14.40  ? 306 ARG B CA  1 
ATOM   407 C C   . ARG B 1 8  ? -7.892  -9.715  -2.707  1.00 16.04  ? 306 ARG B C   1 
ATOM   408 O O   . ARG B 1 8  ? -7.459  -8.659  -2.228  1.00 16.13  ? 306 ARG B O   1 
ATOM   409 C CB  . ARG B 1 8  ? -8.139  -9.766  -5.174  1.00 14.15  ? 306 ARG B CB  1 
ATOM   410 C CG  . ARG B 1 8  ? -8.017  -8.268  -5.417  1.00 22.99  ? 306 ARG B CG  1 
ATOM   411 C CD  . ARG B 1 8  ? -8.867  -7.817  -6.589  1.00 27.01  ? 306 ARG B CD  1 
ATOM   412 N NE  . ARG B 1 8  ? -8.587  -6.427  -6.969  1.00 20.82  ? 306 ARG B NE  1 
ATOM   413 C CZ  . ARG B 1 8  ? -9.064  -5.321  -6.373  1.00 22.26  ? 306 ARG B CZ  1 
ATOM   414 N NH1 . ARG B 1 8  ? -9.872  -5.381  -5.311  1.00 24.98  ? 306 ARG B NH1 1 
ATOM   415 N NH2 . ARG B 1 8  ? -8.722  -4.124  -6.864  1.00 26.74  ? 306 ARG B NH2 1 
ATOM   416 N N   . ALA B 1 9  ? -8.893  -10.390 -2.146  1.00 16.55  ? 307 ALA B N   1 
ATOM   417 C CA  . ALA B 1 9  ? -9.482  -9.917  -0.875  1.00 18.43  ? 307 ALA B CA  1 
ATOM   418 C C   . ALA B 1 9  ? -8.428  -9.765  0.208   1.00 13.22  ? 307 ALA B C   1 
ATOM   419 O O   . ALA B 1 9  ? -8.419  -8.779  0.923   1.00 16.53  ? 307 ALA B O   1 
ATOM   420 C CB  . ALA B 1 9  ? -10.598 -10.854 -0.381  1.00 19.84  ? 307 ALA B CB  1 
ATOM   421 N N   . GLN B 1 10 ? -7.551  -10.766 0.319   1.00 14.98  ? 308 GLN B N   1 
ATOM   422 C CA  . GLN B 1 10 ? -6.441  -10.733 1.270   1.00 21.12  ? 308 GLN B CA  1 
ATOM   423 C C   . GLN B 1 10 ? -5.453  -9.602  0.991   1.00 15.06  ? 308 GLN B C   1 
ATOM   424 O O   . GLN B 1 10 ? -4.969  -8.992  1.936   1.00 15.72  ? 308 GLN B O   1 
ATOM   425 C CB  . GLN B 1 10 ? -5.709  -12.061 1.340   1.00 17.81  ? 308 GLN B CB  1 
ATOM   426 C CG  . GLN B 1 10 ? -6.539  -13.147 1.996   1.00 19.31  ? 308 GLN B CG  1 
ATOM   427 C CD  . GLN B 1 10 ? -5.836  -14.487 2.039   1.00 25.23  ? 308 GLN B CD  1 
ATOM   428 O OE1 . GLN B 1 10 ? -4.622  -14.580 1.841   1.00 23.11  ? 308 GLN B OE1 1 
ATOM   429 N NE2 . GLN B 1 10 ? -6.601  -15.539 2.318   1.00 29.44  ? 308 GLN B NE2 1 
ATOM   430 N N   . ALA B 1 11 ? -5.160  -9.341  -0.278  1.00 12.87  ? 309 ALA B N   1 
ATOM   431 C CA  . ALA B 1 11 ? -4.287  -8.205  -0.649  1.00 14.77  ? 309 ALA B CA  1 
ATOM   432 C C   . ALA B 1 11 ? -4.883  -6.871  -0.184  1.00 16.83  ? 309 ALA B C   1 
ATOM   433 O O   . ALA B 1 11 ? -4.190  -6.020  0.341   1.00 13.51  ? 309 ALA B O   1 
ATOM   434 C CB  . ALA B 1 11 ? -4.027  -8.182  -2.146  1.00 13.65  ? 309 ALA B CB  1 
ATOM   435 N N   . VAL B 1 12 ? -6.188  -6.717  -0.376  1.00 17.65  ? 310 VAL B N   1 
ATOM   436 C CA  . VAL B 1 12 ? -6.878  -5.489  0.033   1.00 13.96  ? 310 VAL B CA  1 
ATOM   437 C C   . VAL B 1 12 ? -6.874  -5.395  1.553   1.00 13.62  ? 310 VAL B C   1 
ATOM   438 O O   . VAL B 1 12 ? -6.665  -4.330  2.109   1.00 15.62  ? 310 VAL B O   1 
ATOM   439 C CB  . VAL B 1 12 ? -8.320  -5.435  -0.496  1.00 18.94  ? 310 VAL B CB  1 
ATOM   440 C CG1 . VAL B 1 12 ? -9.074  -4.227  0.073   1.00 25.44  ? 310 VAL B CG1 1 
ATOM   441 C CG2 . VAL B 1 12 ? -8.313  -5.399  -1.995  1.00 14.62  ? 310 VAL B CG2 1 
ATOM   442 N N   . ASP B 1 13 ? -7.111  -6.518  2.221   1.00 12.92  ? 311 ASP B N   1 
ATOM   443 C CA  . ASP B 1 13 ? -7.142  -6.543  3.678   1.00 18.00  ? 311 ASP B CA  1 
ATOM   444 C C   . ASP B 1 13 ? -5.771  -6.151  4.273   1.00 17.97  ? 311 ASP B C   1 
ATOM   445 O O   . ASP B 1 13 ? -5.699  -5.341  5.212   1.00 16.28  ? 311 ASP B O   1 
ATOM   446 C CB  . ASP B 1 13 ? -7.593  -7.936  4.119   1.00 21.50  ? 311 ASP B CB  1 
ATOM   447 C CG  . ASP B 1 13 ? -7.843  -8.042  5.606   1.00 44.85  ? 311 ASP B CG  1 
ATOM   448 O OD1 . ASP B 1 13 ? -8.698  -7.322  6.124   1.00 31.59  ? 311 ASP B OD1 1 
ATOM   449 O OD2 . ASP B 1 13 ? -7.216  -8.899  6.250   1.00 42.03  ? 311 ASP B OD2 1 
ATOM   450 N N   . GLN B 1 14 ? -4.707  -6.696  3.696   1.00 18.41  ? 312 GLN B N   1 
ATOM   451 C CA  . GLN B 1 14 ? -3.348  -6.357  4.087   1.00 10.83  ? 312 GLN B CA  1 
ATOM   452 C C   . GLN B 1 14 ? -3.007  -4.894  3.807   1.00 13.69  ? 312 GLN B C   1 
ATOM   453 O O   . GLN B 1 14 ? -2.389  -4.216  4.636   1.00 17.60  ? 312 GLN B O   1 
ATOM   454 C CB  . GLN B 1 14 ? -2.337  -7.303  3.412   1.00 20.96  ? 312 GLN B CB  1 
ATOM   455 C CG  . GLN B 1 14 ? -0.872  -7.108  3.809   1.00 24.31  ? 312 GLN B CG  1 
ATOM   456 C CD  . GLN B 1 14 ? 0.009   -8.332  3.492   1.00 25.72  ? 312 GLN B CD  1 
ATOM   457 O OE1 . GLN B 1 14 ? -0.381  -9.461  3.741   1.00 25.65  ? 312 GLN B OE1 1 
ATOM   458 N NE2 . GLN B 1 14 ? 1.199   -8.107  2.961   1.00 25.46  ? 312 GLN B NE2 1 
ATOM   459 N N   . LEU B 1 15 ? -3.453  -4.397  2.669   1.00 11.43  ? 313 LEU B N   1 
ATOM   460 C CA  . LEU B 1 15 ? -3.259  -2.981  2.349   1.00 12.35  ? 313 LEU B CA  1 
ATOM   461 C C   . LEU B 1 15 ? -3.940  -2.086  3.378   1.00 21.91  ? 313 LEU B C   1 
ATOM   462 O O   . LEU B 1 15 ? -3.366  -1.096  3.851   1.00 15.87  ? 313 LEU B O   1 
ATOM   463 C CB  . LEU B 1 15 ? -3.813  -2.654  0.969   1.00 13.51  ? 313 LEU B CB  1 
ATOM   464 C CG  . LEU B 1 15 ? -3.624  -1.235  0.429   1.00 22.54  ? 313 LEU B CG  1 
ATOM   465 C CD1 . LEU B 1 15 ? -2.172  -0.806  0.580   1.00 18.26  ? 313 LEU B CD1 1 
ATOM   466 C CD2 . LEU B 1 15 ? -4.082  -1.132  -1.028  1.00 24.92  ? 313 LEU B CD2 1 
ATOM   467 N N   . ARG B 1 16 ? -5.168  -2.437  3.735   1.00 18.43  ? 314 ARG B N   1 
ATOM   468 C CA  . ARG B 1 16 ? -5.873  -1.696  4.776   1.00 16.52  ? 314 ARG B CA  1 
ATOM   469 C C   . ARG B 1 16 ? -5.156  -1.743  6.117   1.00 11.33  ? 314 ARG B C   1 
ATOM   470 O O   . ARG B 1 16 ? -5.074  -0.719  6.809   1.00 14.80  ? 314 ARG B O   1 
ATOM   471 C CB  . ARG B 1 16 ? -7.329  -2.213  4.921   1.00 23.11  ? 314 ARG B CB  1 
ATOM   472 C CG  . ARG B 1 16 ? -8.202  -1.802  3.751   1.00 18.75  ? 314 ARG B CG  1 
ATOM   473 C CD  . ARG B 1 16 ? -9.593  -2.478  3.781   1.00 32.25  ? 314 ARG B CD  1 
ATOM   474 N NE  . ARG B 1 16 ? -10.357 -2.182  4.995   1.00 63.82  ? 314 ARG B NE  1 
ATOM   475 C CZ  . ARG B 1 16 ? -11.074 -1.077  5.216   1.00 85.53  ? 314 ARG B CZ  1 
ATOM   476 N NH1 . ARG B 1 16 ? -11.151 -0.102  4.311   1.00 42.06  ? 314 ARG B NH1 1 
ATOM   477 N NH2 . ARG B 1 16 ? -11.720 -0.944  6.371   1.00 99.00  ? 314 ARG B NH2 1 
ATOM   478 N N   . ALA B 1 17 ? -4.662  -2.904  6.524   1.00 14.99  ? 315 ALA B N   1 
ATOM   479 C CA  . ALA B 1 17 ? -3.927  -3.003  7.799   1.00 16.93  ? 315 ALA B CA  1 
ATOM   480 C C   . ALA B 1 17 ? -2.674  -2.095  7.765   1.00 20.97  ? 315 ALA B C   1 
ATOM   481 O O   . ALA B 1 17 ? -2.382  -1.405  8.714   1.00 19.39  ? 315 ALA B O   1 
ATOM   482 C CB  . ALA B 1 17 ? -3.542  -4.440  8.105   1.00 17.33  ? 315 ALA B CB  1 
ATOM   483 N N   . VAL B 1 18 ? -1.948  -2.103  6.655   1.00 14.97  ? 316 VAL B N   1 
ATOM   484 C CA  . VAL B 1 18 ? -0.732  -1.256  6.503   1.00 12.40  ? 316 VAL B CA  1 
ATOM   485 C C   . VAL B 1 18 ? -1.108  0.221   6.595   1.00 14.13  ? 316 VAL B C   1 
ATOM   486 O O   . VAL B 1 18 ? -0.438  1.007   7.302   1.00 17.27  ? 316 VAL B O   1 
ATOM   487 C CB  . VAL B 1 18 ? -0.069  -1.530  5.133   1.00 16.33  ? 316 VAL B CB  1 
ATOM   488 C CG1 . VAL B 1 18 ? 0.899   -0.416  4.732   1.00 20.56  ? 316 VAL B CG1 1 
ATOM   489 C CG2 . VAL B 1 18 ? 0.576   -2.905  5.149   1.00 19.15  ? 316 VAL B CG2 1 
ATOM   490 N N   . ALA B 1 19 ? -2.173  0.610   5.893   1.00 16.08  ? 317 ALA B N   1 
ATOM   491 C CA  . ALA B 1 19 ? -2.636  2.000   5.931   1.00 14.39  ? 317 ALA B CA  1 
ATOM   492 C C   . ALA B 1 19 ? -2.975  2.428   7.376   1.00 22.29  ? 317 ALA B C   1 
ATOM   493 O O   . ALA B 1 19 ? -2.694  3.566   7.752   1.00 17.57  ? 317 ALA B O   1 
ATOM   494 C CB  . ALA B 1 19 ? -3.821  2.239   5.016   1.00 22.20  ? 317 ALA B CB  1 
ATOM   495 N N   . ARG B 1 20 ? -3.592  1.532   8.157   1.00 19.30  ? 318 ARG B N   1 
ATOM   496 C CA  . ARG B 1 20 ? -3.945  1.849   9.566   1.00 23.59  ? 318 ARG B CA  1 
ATOM   497 C C   . ARG B 1 20 ? -2.687  2.012   10.421  1.00 16.66  ? 318 ARG B C   1 
ATOM   498 O O   . ARG B 1 20 ? -2.604  2.921   11.261  1.00 19.32  ? 318 ARG B O   1 
ATOM   499 C CB  . ARG B 1 20 ? -4.871  0.785   10.173  1.00 28.06  ? 318 ARG B CB  1 
ATOM   500 C CG  . ARG B 1 20 ? -6.300  0.847   9.652   1.00 70.69  ? 318 ARG B CG  1 
ATOM   501 C CD  . ARG B 1 20 ? -7.258  -0.005  10.474  1.00 64.48  ? 318 ARG B CD  1 
ATOM   502 N NE  . ARG B 1 20 ? -6.947  -1.437  10.381  1.00 57.27  ? 318 ARG B NE  1 
ATOM   503 C CZ  . ARG B 1 20 ? -7.415  -2.297  9.459   1.00 29.41  ? 318 ARG B CZ  1 
ATOM   504 N NH1 . ARG B 1 20 ? -7.039  -3.573  9.512   1.00 41.56  ? 318 ARG B NH1 1 
ATOM   505 N NH2 . ARG B 1 20 ? -8.261  -1.917  8.502   1.00 39.07  ? 318 ARG B NH2 1 
ATOM   506 N N   . TYR B 1 21 ? -1.706  1.145   10.215  1.00 17.33  ? 319 TYR B N   1 
ATOM   507 C CA  . TYR B 1 21 ? -0.465  1.216   10.962  1.00 20.77  ? 319 TYR B CA  1 
ATOM   508 C C   . TYR B 1 21 ? 0.233   2.572   10.738  1.00 23.39  ? 319 TYR B C   1 
ATOM   509 O O   . TYR B 1 21 ? 0.680   3.222   11.697  1.00 18.61  ? 319 TYR B O   1 
ATOM   510 C CB  . TYR B 1 21 ? 0.477   0.050   10.616  1.00 19.88  ? 319 TYR B CB  1 
ATOM   511 C CG  . TYR B 1 21 ? 1.756   0.147   11.404  1.00 21.77  ? 319 TYR B CG  1 
ATOM   512 C CD1 . TYR B 1 21 ? 2.874   0.828   10.880  1.00 26.18  ? 319 TYR B CD1 1 
ATOM   513 C CD2 . TYR B 1 21 ? 1.845   -0.368  12.691  1.00 23.41  ? 319 TYR B CD2 1 
ATOM   514 C CE1 . TYR B 1 21 ? 4.045   0.955   11.627  1.00 24.82  ? 319 TYR B CE1 1 
ATOM   515 C CE2 . TYR B 1 21 ? 3.018   -0.246  13.427  1.00 19.76  ? 319 TYR B CE2 1 
ATOM   516 C CZ  . TYR B 1 21 ? 4.101   0.430   12.892  1.00 32.52  ? 319 TYR B CZ  1 
ATOM   517 O OH  . TYR B 1 21 ? 5.251   0.582   13.607  1.00 33.14  ? 319 TYR B OH  1 
ATOM   518 N N   . PHE B 1 22 ? 0.331   2.983   9.477   1.00 17.43  ? 320 PHE B N   1 
ATOM   519 C CA  . PHE B 1 22 ? 1.004   4.232   9.156   1.00 19.06  ? 320 PHE B CA  1 
ATOM   520 C C   . PHE B 1 22 ? 0.185   5.451   9.571   1.00 19.64  ? 320 PHE B C   1 
ATOM   521 O O   . PHE B 1 22 ? 0.764   6.471   9.947   1.00 20.84  ? 320 PHE B O   1 
ATOM   522 C CB  . PHE B 1 22 ? 1.360   4.279   7.680   1.00 16.06  ? 320 PHE B CB  1 
ATOM   523 C CG  . PHE B 1 22 ? 2.601   3.489   7.349   1.00 17.80  ? 320 PHE B CG  1 
ATOM   524 C CD1 . PHE B 1 22 ? 3.858   3.947   7.773   1.00 21.57  ? 320 PHE B CD1 1 
ATOM   525 C CD2 . PHE B 1 22 ? 2.528   2.275   6.659   1.00 19.90  ? 320 PHE B CD2 1 
ATOM   526 C CE1 . PHE B 1 22 ? 5.014   3.230   7.477   1.00 17.87  ? 320 PHE B CE1 1 
ATOM   527 C CE2 . PHE B 1 22 ? 3.692   1.550   6.376   1.00 16.20  ? 320 PHE B CE2 1 
ATOM   528 C CZ  . PHE B 1 22 ? 4.927   2.031   6.798   1.00 17.41  ? 320 PHE B CZ  1 
ATOM   529 N N   . ARG B 1 23 ? -1.149  5.345   9.516   1.00 18.67  ? 321 ARG B N   1 
ATOM   530 C CA  . ARG B 1 23 ? -2.043  6.440   9.952   1.00 19.61  ? 321 ARG B CA  1 
ATOM   531 C C   . ARG B 1 23 ? -1.780  6.660   11.445  1.00 22.91  ? 321 ARG B C   1 
ATOM   532 O O   . ARG B 1 23 ? -1.637  7.783   11.883  1.00 25.22  ? 321 ARG B O   1 
ATOM   533 C CB  . ARG B 1 23 ? -3.534  6.123   9.654   1.00 19.31  ? 321 ARG B CB  1 
ATOM   534 C CG  . ARG B 1 23 ? -4.594  6.856   10.497  1.00 42.68  ? 321 ARG B CG  1 
ATOM   535 C CD  . ARG B 1 23 ? -5.863  6.009   10.629  1.00 45.25  ? 321 ARG B CD  1 
ATOM   536 N NE  . ARG B 1 23 ? -6.913  6.669   11.420  1.00 51.63  ? 321 ARG B NE  1 
ATOM   537 C CZ  . ARG B 1 23 ? -7.772  7.582   10.959  1.00 75.16  ? 321 ARG B CZ  1 
ATOM   538 N NH1 . ARG B 1 23 ? -8.699  8.106   11.773  1.00 33.37  ? 321 ARG B NH1 1 
ATOM   539 N NH2 . ARG B 1 23 ? -7.718  7.983   9.691   1.00 36.92  ? 321 ARG B NH2 1 
ATOM   540 N N   . GLN B 1 24 ? -1.639  5.580   12.186  1.00 21.70  ? 322 GLN B N   1 
ATOM   541 C CA  . GLN B 1 24 ? -1.415  5.654   13.609  1.00 30.14  ? 322 GLN B CA  1 
ATOM   542 C C   . GLN B 1 24 ? -0.012  6.120   14.020  1.00 32.08  ? 322 GLN B C   1 
ATOM   543 O O   . GLN B 1 24 ? 0.119   6.926   14.936  1.00 28.88  ? 322 GLN B O   1 
ATOM   544 C CB  . GLN B 1 24 ? -1.792  4.330   14.232  1.00 32.29  ? 322 GLN B CB  1 
ATOM   545 C CG  . GLN B 1 24 ? -3.307  4.180   14.209  1.00 107.79 ? 322 GLN B CG  1 
ATOM   546 C CD  . GLN B 1 24 ? -3.801  2.951   14.914  1.00 100.87 ? 322 GLN B CD  1 
ATOM   547 O OE1 . GLN B 1 24 ? -3.395  2.665   16.032  1.00 64.48  ? 322 GLN B OE1 1 
ATOM   548 N NE2 . GLN B 1 24 ? -4.708  2.228   14.271  1.00 62.87  ? 322 GLN B NE2 1 
ATOM   549 N N   . THR B 1 25 ? 1.016   5.647   13.318  1.00 20.29  ? 323 THR B N   1 
ATOM   550 C CA  . THR B 1 25 ? 2.403   5.916   13.694  1.00 17.68  ? 323 THR B CA  1 
ATOM   551 C C   . THR B 1 25 ? 3.034   7.100   12.996  1.00 23.76  ? 323 THR B C   1 
ATOM   552 O O   . THR B 1 25 ? 3.904   7.724   13.567  1.00 25.70  ? 323 THR B O   1 
ATOM   553 C CB  . THR B 1 25 ? 3.269   4.680   13.492  1.00 21.53  ? 323 THR B CB  1 
ATOM   554 O OG1 . THR B 1 25 ? 3.169   4.242   12.125  1.00 17.06  ? 323 THR B OG1 1 
ATOM   555 C CG2 . THR B 1 25 ? 2.848   3.573   14.446  1.00 25.74  ? 323 THR B CG2 1 
ATOM   556 N N   . GLU B 1 26 ? 2.604   7.417   11.777  1.00 19.24  ? 324 GLU B N   1 
ATOM   557 C CA  . GLU B 1 26 ? 3.152   8.509   10.976  1.00 17.70  ? 324 GLU B CA  1 
ATOM   558 C C   . GLU B 1 26 ? 2.074   9.258   10.210  1.00 17.33  ? 324 GLU B C   1 
ATOM   559 O O   . GLU B 1 26 ? 2.147   9.360   8.965   1.00 24.24  ? 324 GLU B O   1 
ATOM   560 C CB  . GLU B 1 26 ? 4.115   7.940   9.904   1.00 20.84  ? 324 GLU B CB  1 
ATOM   561 C CG  . GLU B 1 26 ? 5.228   7.087   10.350  1.00 25.45  ? 324 GLU B CG  1 
ATOM   562 C CD  . GLU B 1 26 ? 6.074   6.581   9.176   1.00 17.04  ? 324 GLU B CD  1 
ATOM   563 O OE1 . GLU B 1 26 ? 5.855   6.944   7.968   1.00 20.90  ? 324 GLU B OE1 1 
ATOM   564 O OE2 . GLU B 1 26 ? 6.958   5.816   9.493   1.00 20.03  ? 324 GLU B OE2 1 
ATOM   565 N N   . PRO B 1 27 ? 1.093   9.830   10.920  1.00 19.30  ? 325 PRO B N   1 
ATOM   566 C CA  . PRO B 1 27 ? -0.054  10.461  10.225  1.00 23.64  ? 325 PRO B CA  1 
ATOM   567 C C   . PRO B 1 27 ? 0.276   11.543  9.199   1.00 30.33  ? 325 PRO B C   1 
ATOM   568 O O   . PRO B 1 27 ? -0.496  11.742  8.259   1.00 29.18  ? 325 PRO B O   1 
ATOM   569 C CB  . PRO B 1 27 ? -0.901  11.039  11.385  1.00 28.15  ? 325 PRO B CB  1 
ATOM   570 C CG  . PRO B 1 27 ? 0.021   11.082  12.576  1.00 25.61  ? 325 PRO B CG  1 
ATOM   571 C CD  . PRO B 1 27 ? 0.968   9.927   12.392  1.00 22.56  ? 325 PRO B CD  1 
ATOM   572 N N   . HIS B 1 28 ? 1.401   12.235  9.358   1.00 22.15  ? 326 HIS B N   1 
ATOM   573 C CA  . HIS B 1 28 ? 1.768   13.318  8.424   1.00 23.31  ? 326 HIS B CA  1 
ATOM   574 C C   . HIS B 1 28 ? 2.735   12.912  7.304   1.00 20.33  ? 326 HIS B C   1 
ATOM   575 O O   . HIS B 1 28 ? 3.259   13.790  6.575   1.00 23.28  ? 326 HIS B O   1 
ATOM   576 C CB  . HIS B 1 28 ? 2.357   14.500  9.227   1.00 29.72  ? 326 HIS B CB  1 
ATOM   577 C CG  . HIS B 1 28 ? 1.588   14.810  10.482  1.00 34.77  ? 326 HIS B CG  1 
ATOM   578 N ND1 . HIS B 1 28 ? 0.248   15.144  10.472  1.00 47.33  ? 326 HIS B ND1 1 
ATOM   579 C CD2 . HIS B 1 28 ? 1.963   14.808  11.787  1.00 37.58  ? 326 HIS B CD2 1 
ATOM   580 C CE1 . HIS B 1 28 ? -0.168  15.336  11.712  1.00 44.85  ? 326 HIS B CE1 1 
ATOM   581 N NE2 . HIS B 1 28 ? 0.852   15.136  12.530  1.00 39.49  ? 326 HIS B NE2 1 
ATOM   582 N N   . SER B 1 29 ? 2.998   11.610  7.146   1.00 24.47  ? 327 SER B N   1 
ATOM   583 C CA  . SER B 1 29 ? 3.997   11.173  6.185   1.00 18.82  ? 327 SER B CA  1 
ATOM   584 C C   . SER B 1 29 ? 3.356   10.906  4.800   1.00 19.52  ? 327 SER B C   1 
ATOM   585 O O   . SER B 1 29 ? 2.146   10.664  4.685   1.00 20.32  ? 327 SER B O   1 
ATOM   586 C CB  . SER B 1 29 ? 4.777   9.930   6.658   1.00 27.01  ? 327 SER B CB  1 
ATOM   587 O OG  . SER B 1 29 ? 4.039   8.747   6.445   1.00 28.76  ? 327 SER B OG  1 
ATOM   588 N N   . PRO B 1 30 ? 4.181   10.968  3.749   1.00 19.96  ? 328 PRO B N   1 
ATOM   589 C CA  . PRO B 1 30 ? 3.678   10.525  2.433   1.00 28.32  ? 328 PRO B CA  1 
ATOM   590 C C   . PRO B 1 30 ? 3.228   9.064   2.397   1.00 24.42  ? 328 PRO B C   1 
ATOM   591 O O   . PRO B 1 30 ? 2.322   8.733   1.649   1.00 19.44  ? 328 PRO B O   1 
ATOM   592 C CB  . PRO B 1 30 ? 4.867   10.763  1.489   1.00 23.17  ? 328 PRO B CB  1 
ATOM   593 C CG  . PRO B 1 30 ? 6.058   10.929  2.387   1.00 25.00  ? 328 PRO B CG  1 
ATOM   594 C CD  . PRO B 1 30 ? 5.536   11.545  3.650   1.00 24.19  ? 328 PRO B CD  1 
ATOM   595 N N   . VAL B 1 31 ? 3.846   8.194   3.204   1.00 19.35  ? 329 VAL B N   1 
ATOM   596 C CA  . VAL B 1 31 ? 3.450   6.794   3.190   1.00 19.06  ? 329 VAL B CA  1 
ATOM   597 C C   . VAL B 1 31 ? 2.027   6.598   3.743   1.00 16.32  ? 329 VAL B C   1 
ATOM   598 O O   . VAL B 1 31 ? 1.223   5.810   3.202   1.00 19.05  ? 329 VAL B O   1 
ATOM   599 C CB  . VAL B 1 31 ? 4.408   5.923   4.008   1.00 15.10  ? 329 VAL B CB  1 
ATOM   600 C CG1 . VAL B 1 31 ? 4.013   4.447   3.892   1.00 26.63  ? 329 VAL B CG1 1 
ATOM   601 C CG2 . VAL B 1 31 ? 5.853   6.134   3.592   1.00 24.31  ? 329 VAL B CG2 1 
ATOM   602 N N   . ALA B 1 32 ? 1.697   7.277   4.843   1.00 17.95  ? 330 ALA B N   1 
ATOM   603 C CA  . ALA B 1 32 ? 0.329   7.198   5.377   1.00 19.49  ? 330 ALA B CA  1 
ATOM   604 C C   . ALA B 1 32 ? -0.716  7.661   4.348   1.00 18.12  ? 330 ALA B C   1 
ATOM   605 O O   . ALA B 1 32 ? -1.774  7.051   4.190   1.00 20.32  ? 330 ALA B O   1 
ATOM   606 C CB  . ALA B 1 32 ? 0.192   8.034   6.647   1.00 22.77  ? 330 ALA B CB  1 
ATOM   607 N N   . TYR B 1 33 ? -0.407  8.760   3.677   1.00 15.76  ? 331 TYR B N   1 
ATOM   608 C CA  . TYR B 1 33 ? -1.310  9.363   2.711   1.00 20.52  ? 331 TYR B CA  1 
ATOM   609 C C   . TYR B 1 33 ? -1.502  8.409   1.517   1.00 21.06  ? 331 TYR B C   1 
ATOM   610 O O   . TYR B 1 33 ? -2.626  8.105   1.134   1.00 18.92  ? 331 TYR B O   1 
ATOM   611 C CB  . TYR B 1 33 ? -0.749  10.741  2.281   1.00 26.71  ? 331 TYR B CB  1 
ATOM   612 C CG  . TYR B 1 33 ? -1.484  11.407  1.145   1.00 27.23  ? 331 TYR B CG  1 
ATOM   613 C CD1 . TYR B 1 33 ? -1.014  11.307  -0.171  1.00 26.34  ? 331 TYR B CD1 1 
ATOM   614 C CD2 . TYR B 1 33 ? -2.648  12.140  1.368   1.00 40.89  ? 331 TYR B CD2 1 
ATOM   615 C CE1 . TYR B 1 33 ? -1.695  11.896  -1.226  1.00 31.63  ? 331 TYR B CE1 1 
ATOM   616 C CE2 . TYR B 1 33 ? -3.327  12.740  0.306   1.00 30.85  ? 331 TYR B CE2 1 
ATOM   617 C CZ  . TYR B 1 33 ? -2.841  12.622  -0.984  1.00 500.00 ? 331 TYR B CZ  1 
ATOM   618 O OH  . TYR B 1 33 ? -3.498  13.213  -2.040  1.00 54.68  ? 331 TYR B OH  1 
ATOM   619 N N   . LEU B 1 34 ? -0.403  7.912   0.957   1.00 18.89  ? 332 LEU B N   1 
ATOM   620 C CA  . LEU B 1 34 ? -0.489  7.049   -0.249  1.00 16.76  ? 332 LEU B CA  1 
ATOM   621 C C   . LEU B 1 34 ? -1.109  5.699   0.053   1.00 12.35  ? 332 LEU B C   1 
ATOM   622 O O   . LEU B 1 34 ? -1.941  5.196   -0.729  1.00 19.47  ? 332 LEU B O   1 
ATOM   623 C CB  . LEU B 1 34 ? 0.870   6.865   -0.890  1.00 17.41  ? 332 LEU B CB  1 
ATOM   624 C CG  . LEU B 1 34 ? 1.481   8.081   -1.555  1.00 16.90  ? 332 LEU B CG  1 
ATOM   625 C CD1 . LEU B 1 34 ? 2.980   7.966   -1.785  1.00 19.72  ? 332 LEU B CD1 1 
ATOM   626 C CD2 . LEU B 1 34 ? 0.731   8.417   -2.846  1.00 19.40  ? 332 LEU B CD2 1 
ATOM   627 N N   . ALA B 1 35 ? -0.730  5.096   1.184   1.00 16.16  ? 333 ALA B N   1 
ATOM   628 C CA  . ALA B 1 35 ? -1.329  3.824   1.544   1.00 18.20  ? 333 ALA B CA  1 
ATOM   629 C C   . ALA B 1 35 ? -2.847  3.949   1.768   1.00 18.40  ? 333 ALA B C   1 
ATOM   630 O O   . ALA B 1 35 ? -3.618  3.072   1.349   1.00 16.82  ? 333 ALA B O   1 
ATOM   631 C CB  . ALA B 1 35 ? -0.643  3.194   2.753   1.00 21.17  ? 333 ALA B CB  1 
ATOM   632 N N   . ASP B 1 36 ? -3.280  5.063   2.362   1.00 18.34  ? 334 ASP B N   1 
ATOM   633 C CA  . ASP B 1 36 ? -4.696  5.301   2.535   1.00 25.21  ? 334 ASP B CA  1 
ATOM   634 C C   . ASP B 1 36 ? -5.386  5.439   1.181   1.00 19.37  ? 334 ASP B C   1 
ATOM   635 O O   . ASP B 1 36 ? -6.430  4.844   0.961   1.00 17.77  ? 334 ASP B O   1 
ATOM   636 C CB  . ASP B 1 36 ? -4.935  6.558   3.364   1.00 21.44  ? 334 ASP B CB  1 
ATOM   637 C CG  . ASP B 1 36 ? -6.399  6.858   3.527   1.00 43.75  ? 334 ASP B CG  1 
ATOM   638 O OD1 . ASP B 1 36 ? -7.053  6.139   4.312   1.00 43.00  ? 334 ASP B OD1 1 
ATOM   639 O OD2 . ASP B 1 36 ? -6.891  7.774   2.833   1.00 44.67  ? 334 ASP B OD2 1 
ATOM   640 N N   . LYS B 1 37 ? -4.825  6.241   0.270   1.00 20.54  ? 335 LYS B N   1 
ATOM   641 C CA  . LYS B 1 37 ? -5.460  6.392   -1.078  1.00 19.11  ? 335 LYS B CA  1 
ATOM   642 C C   . LYS B 1 37 ? -5.490  5.080   -1.869  1.00 20.61  ? 335 LYS B C   1 
ATOM   643 O O   . LYS B 1 37 ? -6.478  4.750   -2.512  1.00 21.80  ? 335 LYS B O   1 
ATOM   644 C CB  . LYS B 1 37 ? -4.746  7.429   -1.940  1.00 21.37  ? 335 LYS B CB  1 
ATOM   645 C CG  . LYS B 1 37 ? -4.476  8.797   -1.327  1.00 42.38  ? 335 LYS B CG  1 
ATOM   646 C CD  . LYS B 1 37 ? -5.557  9.323   -0.408  1.00 82.47  ? 335 LYS B CD  1 
ATOM   647 C CE  . LYS B 1 37 ? -6.847  9.564   -1.159  1.00 40.09  ? 335 LYS B CE  1 
ATOM   648 N NZ  . LYS B 1 37 ? -7.495  10.791  -0.614  1.00 50.14  ? 335 LYS B NZ  1 
ATOM   649 N N   . ALA B 1 38 ? -4.395  4.338   -1.827  1.00 18.95  ? 336 ALA B N   1 
ATOM   650 C CA  . ALA B 1 38 ? -4.350  3.039   -2.477  1.00 18.21  ? 336 ALA B CA  1 
ATOM   651 C C   . ALA B 1 38 ? -5.464  2.083   -1.963  1.00 17.20  ? 336 ALA B C   1 
ATOM   652 O O   . ALA B 1 38 ? -6.120  1.377   -2.756  1.00 17.50  ? 336 ALA B O   1 
ATOM   653 C CB  . ALA B 1 38 ? -2.959  2.435   -2.289  1.00 15.45  ? 336 ALA B CB  1 
ATOM   654 N N   . ALA B 1 39 ? -5.637  2.059   -0.634  1.00 18.13  ? 337 ALA B N   1 
ATOM   655 C CA  . ALA B 1 39 ? -6.665  1.260   0.022   1.00 23.92  ? 337 ALA B CA  1 
ATOM   656 C C   . ALA B 1 39 ? -8.068  1.674   -0.436  1.00 34.41  ? 337 ALA B C   1 
ATOM   657 O O   . ALA B 1 39 ? -8.877  0.824   -0.764  1.00 21.90  ? 337 ALA B O   1 
ATOM   658 C CB  . ALA B 1 39 ? -6.534  1.358   1.540   1.00 28.94  ? 337 ALA B CB  1 
ATOM   659 N N   . GLU B 1 40 ? -8.333  2.976   -0.488  1.00 19.09  ? 338 GLU B N   1 
ATOM   660 C CA  . GLU B 1 40 ? -9.600  3.496   -1.069  1.00 21.12  ? 338 GLU B CA  1 
ATOM   661 C C   . GLU B 1 40 ? -9.834  3.059   -2.506  1.00 26.36  ? 338 GLU B C   1 
ATOM   662 O O   . GLU B 1 40 ? -10.925 2.608   -2.883  1.00 25.95  ? 338 GLU B O   1 
ATOM   663 C CB  . GLU B 1 40 ? -9.588  5.008   -1.079  1.00 25.46  ? 338 GLU B CB  1 
ATOM   664 C CG  . GLU B 1 40 ? -9.744  5.684   0.267   1.00 43.08  ? 338 GLU B CG  1 
ATOM   665 C CD  . GLU B 1 40 ? -9.686  7.198   0.141   1.00 170.92 ? 338 GLU B CD  1 
ATOM   666 O OE1 . GLU B 1 40 ? -9.917  7.732   -0.975  1.00 39.24  ? 338 GLU B OE1 1 
ATOM   667 O OE2 . GLU B 1 40 ? -9.409  7.857   1.164   1.00 52.79  ? 338 GLU B OE2 1 
ATOM   668 N N   . TRP B 1 41 ? -8.812  3.255   -3.328  1.00 19.20  ? 339 TRP B N   1 
ATOM   669 C CA  . TRP B 1 41 ? -8.892  2.883   -4.733  1.00 18.24  ? 339 TRP B CA  1 
ATOM   670 C C   . TRP B 1 41 ? -9.043  1.368   -4.932  1.00 29.07  ? 339 TRP B C   1 
ATOM   671 O O   . TRP B 1 41 ? -9.714  0.919   -5.864  1.00 22.84  ? 339 TRP B O   1 
ATOM   672 C CB  . TRP B 1 41 ? -7.672  3.391   -5.490  1.00 24.81  ? 339 TRP B CB  1 
ATOM   673 C CG  . TRP B 1 41 ? -7.764  4.850   -5.842  1.00 69.20  ? 339 TRP B CG  1 
ATOM   674 C CD1 . TRP B 1 41 ? -7.730  5.916   -4.989  1.00 68.05  ? 339 TRP B CD1 1 
ATOM   675 C CD2 . TRP B 1 41 ? -7.882  5.398   -7.156  1.00 37.96  ? 339 TRP B CD2 1 
ATOM   676 N NE1 . TRP B 1 41 ? -7.825  7.091   -5.688  1.00 59.94  ? 339 TRP B NE1 1 
ATOM   677 C CE2 . TRP B 1 41 ? -7.923  6.804   -7.023  1.00 57.15  ? 339 TRP B CE2 1 
ATOM   678 C CE3 . TRP B 1 41 ? -8.007  4.834   -8.431  1.00 34.80  ? 339 TRP B CE3 1 
ATOM   679 C CZ2 . TRP B 1 41 ? -8.054  7.660   -8.128  1.00 41.04  ? 339 TRP B CZ2 1 
ATOM   680 C CZ3 . TRP B 1 41 ? -8.119  5.681   -9.536  1.00 44.04  ? 339 TRP B CZ3 1 
ATOM   681 C CH2 . TRP B 1 41 ? -8.138  7.076   -9.377  1.00 25.34  ? 339 TRP B CH2 1 
ATOM   682 N N   . ALA B 1 42 ? -8.466  0.575   -4.040  1.00 19.00  ? 340 ALA B N   1 
ATOM   683 C CA  . ALA B 1 42 ? -8.630  -0.895  -4.140  1.00 23.98  ? 340 ALA B CA  1 
ATOM   684 C C   . ALA B 1 42 ? -10.086 -1.372  -3.960  1.00 28.42  ? 340 ALA B C   1 
ATOM   685 O O   . ALA B 1 42 ? -10.457 -2.453  -4.434  1.00 29.66  ? 340 ALA B O   1 
ATOM   686 C CB  . ALA B 1 42 ? -7.730  -1.593  -3.152  1.00 24.89  ? 340 ALA B CB  1 
ATOM   687 N N   . ASP B 1 43 ? -10.885 -0.580  -3.263  1.00 22.80  ? 341 ASP B N   1 
ATOM   688 C CA  . ASP B 1 43 ? -12.325 -0.845  -3.141  1.00 34.53  ? 341 ASP B CA  1 
ATOM   689 C C   . ASP B 1 43 ? -13.208 -0.427  -4.310  1.00 43.08  ? 341 ASP B C   1 
ATOM   690 O O   . ASP B 1 43 ? -14.377 -0.772  -4.342  1.00 45.26  ? 341 ASP B O   1 
ATOM   691 C CB  . ASP B 1 43 ? -12.839 -0.223  -1.849  1.00 31.05  ? 341 ASP B CB  1 
ATOM   692 C CG  . ASP B 1 43 ? -12.274 -0.911  -0.639  1.00 43.44  ? 341 ASP B CG  1 
ATOM   693 O OD1 . ASP B 1 43 ? -12.190 -2.162  -0.682  1.00 33.33  ? 341 ASP B OD1 1 
ATOM   694 O OD2 . ASP B 1 43 ? -11.887 -0.224  0.328   1.00 90.71  ? 341 ASP B OD2 1 
ATOM   695 N N   . MET B 1 44 ? -12.662 0.288   -5.279  1.00 32.62  ? 342 MET B N   1 
ATOM   696 C CA  . MET B 1 44 ? -13.438 0.676   -6.458  1.00 36.22  ? 342 MET B CA  1 
ATOM   697 C C   . MET B 1 44 ? -13.669 -0.527  -7.391  1.00 41.74  ? 342 MET B C   1 
ATOM   698 O O   . MET B 1 44 ? -12.897 -1.482  -7.353  1.00 35.34  ? 342 MET B O   1 
ATOM   699 C CB  . MET B 1 44 ? -12.714 1.801   -7.190  1.00 27.36  ? 342 MET B CB  1 
ATOM   700 C CG  . MET B 1 44 ? -12.694 3.091   -6.383  1.00 37.05  ? 342 MET B CG  1 
ATOM   701 S SD  . MET B 1 44 ? -11.687 4.358   -7.166  1.00 43.81  ? 342 MET B SD  1 
ATOM   702 C CE  . MET B 1 44 ? -11.574 5.595   -5.872  1.00 55.22  ? 342 MET B CE  1 
ATOM   703 N N   . PRO B 1 45 ? -14.731 -0.490  -8.234  1.00 37.54  ? 343 PRO B N   1 
ATOM   704 C CA  . PRO B 1 45 ? -14.954 -1.565  -9.234  1.00 35.04  ? 343 PRO B CA  1 
ATOM   705 C C   . PRO B 1 45 ? -13.741 -1.842  -10.148 1.00 31.26  ? 343 PRO B C   1 
ATOM   706 O O   . PRO B 1 45 ? -12.955 -0.926  -10.438 1.00 25.67  ? 343 PRO B O   1 
ATOM   707 C CB  . PRO B 1 45 ? -16.134 -1.029  -10.071 1.00 44.44  ? 343 PRO B CB  1 
ATOM   708 C CG  . PRO B 1 45 ? -16.878 -0.131  -9.144  1.00 33.68  ? 343 PRO B CG  1 
ATOM   709 C CD  . PRO B 1 45 ? -15.859 0.467   -8.198  1.00 40.52  ? 343 PRO B CD  1 
ATOM   710 N N   . LEU B 1 46 ? -13.607 -3.080  -10.615 1.00 26.36  ? 344 LEU B N   1 
ATOM   711 C CA  . LEU B 1 46 ? -12.469 -3.501  -11.480 1.00 35.21  ? 344 LEU B CA  1 
ATOM   712 C C   . LEU B 1 46 ? -12.669 -3.104  -12.943 1.00 31.60  ? 344 LEU B C   1 
ATOM   713 O O   . LEU B 1 46 ? -13.803 -3.009  -13.413 1.00 35.20  ? 344 LEU B O   1 
ATOM   714 C CB  . LEU B 1 46 ? -12.273 -5.029  -11.435 1.00 48.31  ? 344 LEU B CB  1 
ATOM   715 C CG  . LEU B 1 46 ? -12.174 -5.730  -10.075 1.00 36.48  ? 344 LEU B CG  1 
ATOM   716 C CD1 . LEU B 1 46 ? -12.065 -7.243  -10.263 1.00 44.39  ? 344 LEU B CD1 1 
ATOM   717 C CD2 . LEU B 1 46 ? -10.991 -5.183  -9.296  1.00 32.01  ? 344 LEU B CD2 1 
ATOM   718 N N   . HIS B 1 47 ? -11.558 -2.899  -13.648 1.00 23.90  ? 345 HIS B N   1 
ATOM   719 C CA  . HIS B 1 47 ? -11.542 -2.609  -15.075 1.00 33.74  ? 345 HIS B CA  1 
ATOM   720 C C   . HIS B 1 47 ? -10.343 -3.254  -15.759 1.00 35.45  ? 345 HIS B C   1 
ATOM   721 O O   . HIS B 1 47 ? -9.392  -3.697  -15.117 1.00 28.64  ? 345 HIS B O   1 
ATOM   722 C CB  . HIS B 1 47 ? -11.497 -1.095  -15.305 1.00 43.69  ? 345 HIS B CB  1 
ATOM   723 C CG  . HIS B 1 47 ? -12.712 -0.380  -14.814 1.00 27.76  ? 345 HIS B CG  1 
ATOM   724 N ND1 . HIS B 1 47 ? -12.726 0.361   -13.650 1.00 37.23  ? 345 HIS B ND1 1 
ATOM   725 C CD2 . HIS B 1 47 ? -13.964 -0.314  -15.319 1.00 27.40  ? 345 HIS B CD2 1 
ATOM   726 C CE1 . HIS B 1 47 ? -13.933 0.867   -13.471 1.00 32.24  ? 345 HIS B CE1 1 
ATOM   727 N NE2 . HIS B 1 47 ? -14.704 0.461   -14.463 1.00 29.63  ? 345 HIS B NE2 1 
ATOM   728 N N   . LYS B 1 48 ? -10.410 -3.274  -17.084 1.00 31.98  ? 346 LYS B N   1 
ATOM   729 C CA  . LYS B 1 48 ? -9.386  -3.853  -17.916 1.00 31.54  ? 346 LYS B CA  1 
ATOM   730 C C   . LYS B 1 48 ? -8.385  -2.768  -18.281 1.00 27.73  ? 346 LYS B C   1 
ATOM   731 O O   . LYS B 1 48 ? -8.364  -2.256  -19.406 1.00 37.67  ? 346 LYS B O   1 
ATOM   732 C CB  . LYS B 1 48 ? -10.019 -4.573  -19.123 1.00 61.09  ? 346 LYS B CB  1 
ATOM   733 C CG  . LYS B 1 48 ? -10.660 -5.886  -18.669 1.00 59.19  ? 346 LYS B CG  1 
ATOM   734 C CD  . LYS B 1 48 ? -11.432 -6.661  -19.730 1.00 67.53  ? 346 LYS B CD  1 
ATOM   735 C CE  . LYS B 1 48 ? -11.648 -8.092  -19.235 1.00 105.92 ? 346 LYS B CE  1 
ATOM   736 N NZ  . LYS B 1 48 ? -12.751 -8.838  -19.902 1.00 97.48  ? 346 LYS B NZ  1 
ATOM   737 N N   . TRP B 1 49 ? -7.543  -2.452  -17.292 1.00 31.92  ? 347 TRP B N   1 
ATOM   738 C CA  . TRP B 1 49 ? -6.472  -1.452  -17.424 1.00 28.28  ? 347 TRP B CA  1 
ATOM   739 C C   . TRP B 1 49 ? -5.358  -1.891  -18.388 1.00 28.94  ? 347 TRP B C   1 
ATOM   740 O O   . TRP B 1 49 ? -5.255  -3.059  -18.744 1.00 34.73  ? 347 TRP B O   1 
ATOM   741 C CB  . TRP B 1 49 ? -5.863  -1.125  -16.044 1.00 26.39  ? 347 TRP B CB  1 
ATOM   742 C CG  . TRP B 1 49 ? -6.836  -0.464  -15.137 1.00 23.24  ? 347 TRP B CG  1 
ATOM   743 C CD1 . TRP B 1 49 ? -7.477  -1.028  -14.072 1.00 29.42  ? 347 TRP B CD1 1 
ATOM   744 C CD2 . TRP B 1 49 ? -7.340  0.871   -15.254 1.00 22.64  ? 347 TRP B CD2 1 
ATOM   745 N NE1 . TRP B 1 49 ? -8.299  -0.103  -13.473 1.00 22.24  ? 347 TRP B NE1 1 
ATOM   746 C CE2 . TRP B 1 49 ? -8.253  1.068   -14.187 1.00 18.12  ? 347 TRP B CE2 1 
ATOM   747 C CE3 . TRP B 1 49 ? -7.080  1.935   -16.130 1.00 22.67  ? 347 TRP B CE3 1 
ATOM   748 C CZ2 . TRP B 1 49 ? -8.908  2.289   -13.975 1.00 33.66  ? 347 TRP B CZ2 1 
ATOM   749 C CZ3 . TRP B 1 49 ? -7.730  3.135   -15.928 1.00 26.55  ? 347 TRP B CZ3 1 
ATOM   750 C CH2 . TRP B 1 49 ? -8.647  3.304   -14.856 1.00 27.71  ? 347 TRP B CH2 1 
HETATM 751 O O   . HOH C 2 .  ? -8.233  -1.781  -9.617  1.00 25.93  ? 401 HOH A O   1 
HETATM 752 O O   . HOH C 2 .  ? -5.977  -11.021 -8.144  1.00 29.99  ? 402 HOH A O   1 
HETATM 753 O O   . HOH C 2 .  ? -4.224  -14.207 -6.151  1.00 28.93  ? 403 HOH A O   1 
HETATM 754 O O   . HOH C 2 .  ? 3.313   -10.387 -2.603  1.00 20.99  ? 404 HOH A O   1 
HETATM 755 O O   . HOH C 2 .  ? -5.736  -8.188  -8.114  1.00 29.88  ? 405 HOH A O   1 
HETATM 756 O O   . HOH C 2 .  ? 12.974  1.502   -2.910  1.00 19.57  ? 406 HOH A O   1 
HETATM 757 O O   . HOH C 2 .  ? 8.005   -7.863  1.410   1.00 19.38  ? 407 HOH A O   1 
HETATM 758 O O   . HOH C 2 .  ? 9.493   0.080   0.817   1.00 21.94  ? 408 HOH A O   1 
HETATM 759 O O   . HOH C 2 .  ? -0.021  0.935   -12.703 1.00 25.04  ? 409 HOH A O   1 
HETATM 760 O O   . HOH C 2 .  ? 8.182   8.440   3.948   1.00 29.84  ? 410 HOH A O   1 
HETATM 761 O O   . HOH C 2 .  ? 12.545  4.577   -2.827  1.00 24.59  ? 411 HOH A O   1 
HETATM 762 O O   . HOH C 2 .  ? 4.142   4.071   -8.775  1.00 22.95  ? 412 HOH A O   1 
HETATM 763 O O   . HOH C 2 .  ? 12.028  1.356   4.596   1.00 24.32  ? 413 HOH A O   1 
HETATM 764 O O   . HOH C 2 .  ? 9.260   10.877  3.366   1.00 29.53  ? 414 HOH A O   1 
HETATM 765 O O   . HOH C 2 .  ? 15.304  9.071   2.999   1.00 31.47  ? 415 HOH A O   1 
HETATM 766 O O   . HOH C 2 .  ? 11.228  0.506   8.641   1.00 28.57  ? 416 HOH A O   1 
HETATM 767 O O   . HOH C 2 .  ? 10.811  0.408   -4.124  1.00 29.75  ? 417 HOH A O   1 
HETATM 768 O O   . HOH C 2 .  ? 10.476  -6.526  1.701   1.00 34.32  ? 418 HOH A O   1 
HETATM 769 O O   . HOH C 2 .  ? 10.946  -1.361  12.851  1.00 30.50  ? 419 HOH A O   1 
HETATM 770 O O   . HOH C 2 .  ? -7.229  0.617   -9.967  1.00 30.64  ? 420 HOH A O   1 
HETATM 771 O O   . HOH C 2 .  ? 9.264   0.478   14.556  1.00 25.78  ? 421 HOH A O   1 
HETATM 772 O O   . HOH C 2 .  ? 7.627   -8.074  -1.355  1.00 25.34  ? 422 HOH A O   1 
HETATM 773 O O   . HOH C 2 .  ? 12.354  0.621   11.269  1.00 39.05  ? 423 HOH A O   1 
HETATM 774 O O   . HOH D 2 .  ? 8.606   6.481   11.421  1.00 22.28  ? 401 HOH B O   1 
HETATM 775 O O   . HOH D 2 .  ? 0.011   11.957  5.495   1.00 27.26  ? 402 HOH B O   1 
HETATM 776 O O   . HOH D 2 .  ? -2.964  5.713   6.204   1.00 26.81  ? 403 HOH B O   1 
HETATM 777 O O   . HOH D 2 .  ? -2.796  -17.481 -4.469  1.00 19.46  ? 404 HOH B O   1 
HETATM 778 O O   . HOH D 2 .  ? -7.446  -5.109  7.321   1.00 31.44  ? 405 HOH B O   1 
HETATM 779 O O   . HOH D 2 .  ? 8.107   7.444   6.430   1.00 24.06  ? 406 HOH B O   1 
HETATM 780 O O   . HOH D 2 .  ? -2.673  -2.527  11.261  1.00 25.70  ? 407 HOH B O   1 
HETATM 781 O O   . HOH D 2 .  ? -9.960  -1.471  -7.381  1.00 24.85  ? 408 HOH B O   1 
HETATM 782 O O   . HOH D 2 .  ? -10.951 -7.517  -3.746  1.00 32.39  ? 409 HOH B O   1 
HETATM 783 O O   . HOH D 2 .  ? 5.937   3.840   11.344  1.00 25.70  ? 410 HOH B O   1 
HETATM 784 O O   . HOH D 2 .  ? -10.989 -7.505  1.379   1.00 24.10  ? 411 HOH B O   1 
HETATM 785 O O   . HOH D 2 .  ? -10.439 -12.448 -3.682  1.00 20.82  ? 412 HOH B O   1 
HETATM 786 O O   . HOH D 2 .  ? 8.209   4.727   13.547  1.00 35.17  ? 413 HOH B O   1 
HETATM 787 O O   . HOH D 2 .  ? -11.809 -6.861  -1.416  1.00 30.45  ? 414 HOH B O   1 
HETATM 788 O O   . HOH D 2 .  ? -10.578 -10.420 -8.873  1.00 38.19  ? 415 HOH B O   1 
HETATM 789 O O   . HOH D 2 .  ? -12.156 -10.106 -6.939  1.00 38.45  ? 416 HOH B O   1 
# 
